data_4FDB
# 
_entry.id   4FDB 
# 
_audit_conform.dict_name       mmcif_pdbx.dic 
_audit_conform.dict_version    5.397 
_audit_conform.dict_location   http://mmcif.pdb.org/dictionaries/ascii/mmcif_pdbx.dic 
# 
loop_
_database_2.database_id 
_database_2.database_code 
_database_2.pdbx_database_accession 
_database_2.pdbx_DOI 
PDB   4FDB         pdb_00004fdb 10.2210/pdb4fdb/pdb 
RCSB  RCSB072757   ?            ?                   
WWPDB D_1000072757 ?            ?                   
# 
loop_
_pdbx_audit_revision_history.ordinal 
_pdbx_audit_revision_history.data_content_type 
_pdbx_audit_revision_history.major_revision 
_pdbx_audit_revision_history.minor_revision 
_pdbx_audit_revision_history.revision_date 
1 'Structure model' 1 0 2013-02-13 
2 'Structure model' 1 1 2023-09-13 
3 'Structure model' 1 2 2023-12-06 
4 'Structure model' 1 3 2024-10-09 
# 
_pdbx_audit_revision_details.ordinal             1 
_pdbx_audit_revision_details.revision_ordinal    1 
_pdbx_audit_revision_details.data_content_type   'Structure model' 
_pdbx_audit_revision_details.provider            repository 
_pdbx_audit_revision_details.type                'Initial release' 
_pdbx_audit_revision_details.description         ? 
_pdbx_audit_revision_details.details             ? 
# 
loop_
_pdbx_audit_revision_group.ordinal 
_pdbx_audit_revision_group.revision_ordinal 
_pdbx_audit_revision_group.data_content_type 
_pdbx_audit_revision_group.group 
1 2 'Structure model' 'Data collection'        
2 2 'Structure model' 'Database references'    
3 2 'Structure model' 'Derived calculations'   
4 2 'Structure model' 'Refinement description' 
5 3 'Structure model' 'Data collection'        
6 4 'Structure model' 'Structure summary'      
# 
loop_
_pdbx_audit_revision_category.ordinal 
_pdbx_audit_revision_category.revision_ordinal 
_pdbx_audit_revision_category.data_content_type 
_pdbx_audit_revision_category.category 
1  2 'Structure model' chem_comp_atom                
2  2 'Structure model' chem_comp_bond                
3  2 'Structure model' database_2                    
4  2 'Structure model' pdbx_initial_refinement_model 
5  2 'Structure model' struct_conn                   
6  2 'Structure model' struct_ref_seq_dif            
7  2 'Structure model' struct_site                   
8  3 'Structure model' chem_comp_atom                
9  3 'Structure model' chem_comp_bond                
10 4 'Structure model' pdbx_entry_details            
11 4 'Structure model' pdbx_modification_feature     
# 
loop_
_pdbx_audit_revision_item.ordinal 
_pdbx_audit_revision_item.revision_ordinal 
_pdbx_audit_revision_item.data_content_type 
_pdbx_audit_revision_item.item 
1 2 'Structure model' '_database_2.pdbx_DOI'                
2 2 'Structure model' '_database_2.pdbx_database_accession' 
3 2 'Structure model' '_struct_conn.pdbx_leaving_atom_flag' 
4 2 'Structure model' '_struct_ref_seq_dif.details'         
5 2 'Structure model' '_struct_site.pdbx_auth_asym_id'      
6 2 'Structure model' '_struct_site.pdbx_auth_comp_id'      
7 2 'Structure model' '_struct_site.pdbx_auth_seq_id'       
8 3 'Structure model' '_chem_comp_atom.atom_id'             
9 3 'Structure model' '_chem_comp_bond.atom_id_2'           
# 
_pdbx_database_status.entry_id                        4FDB 
_pdbx_database_status.status_code                     REL 
_pdbx_database_status.deposit_site                    RCSB 
_pdbx_database_status.process_site                    RCSB 
_pdbx_database_status.recvd_initial_deposition_date   2012-05-27 
_pdbx_database_status.status_code_sf                  REL 
_pdbx_database_status.status_code_mr                  ? 
_pdbx_database_status.SG_entry                        Y 
_pdbx_database_status.status_code_cs                  ? 
_pdbx_database_status.methods_development_category    ? 
_pdbx_database_status.pdb_format_compatible           Y 
_pdbx_database_status.status_code_nmr_data            ? 
# 
loop_
_pdbx_database_related.db_name 
_pdbx_database_related.db_id 
_pdbx_database_related.details 
_pdbx_database_related.content_type 
PDB         3EN2         'To be obsolete' unspecified 
TargetTrack NESG-RsR213C .                unspecified 
# 
loop_
_audit_author.name 
_audit_author.pdbx_ordinal 
'Kuzin, A.'                                       1  
'Neely, H.'                                       2  
'Seetharaman, J.'                                 3  
'Wang, H.'                                        4  
'Sahdev, S.'                                      5  
'Foote, E.L.'                                     6  
'Xiao, R.'                                        7  
'Liu, J.'                                         8  
'Everett, J.K.'                                   9  
'Acton, T.B.'                                     10 
'Rost, B.'                                        11 
'Montelione, G.T.'                                12 
'Hunt, J.F.'                                      13 
'Tong, L.'                                        14 
'Northeast Structural Genomics Consortium (NESG)' 15 
# 
_citation.id                        primary 
_citation.title                     
;Three-dimensional structure of the protein prib from ralstonia solanacearum at the resolution 1.8a. northeast structural genomics consortium target rsr213c
;
_citation.journal_abbrev            'To be Published' 
_citation.journal_volume            ? 
_citation.page_first                ? 
_citation.page_last                 ? 
_citation.year                      ? 
_citation.journal_id_ASTM           ? 
_citation.country                   ? 
_citation.journal_id_ISSN           ? 
_citation.journal_id_CSD            0353 
_citation.book_publisher            ? 
_citation.pdbx_database_id_PubMed   ? 
_citation.pdbx_database_id_DOI      ? 
# 
loop_
_citation_author.citation_id 
_citation_author.name 
_citation_author.ordinal 
_citation_author.identifier_ORCID 
primary 'Kuzin, A.'        1  ? 
primary 'Neely, H.'        2  ? 
primary 'Seetharaman, J.'  3  ? 
primary 'Wang, H.'         4  ? 
primary 'Sahdev, S.'       5  ? 
primary 'Foote, E.L.'      6  ? 
primary 'Xiao, R.'         7  ? 
primary 'Liu, J.'          8  ? 
primary 'Everett, J.K.'    9  ? 
primary 'Acton, T.B.'      10 ? 
primary 'Rost, B.'         11 ? 
primary 'Montelione, G.T.' 12 ? 
primary 'Hunt, J.F.'       13 ? 
primary 'Tong, L.'         14 ? 
# 
loop_
_entity.id 
_entity.type 
_entity.src_method 
_entity.pdbx_description 
_entity.formula_weight 
_entity.pdbx_number_of_molecules 
_entity.pdbx_ec 
_entity.pdbx_mutation 
_entity.pdbx_fragment 
_entity.details 
1 polymer     man 'Probable primosomal replication protein n' 11224.524 1  ? ? ? ? 
2 non-polymer syn 'ACETIC ACID'                               60.052    1  ? ? ? ? 
3 water       nat water                                       18.015    89 ? ? ? ? 
# 
_entity_poly.entity_id                      1 
_entity_poly.type                           'polypeptide(L)' 
_entity_poly.nstd_linkage                   no 
_entity_poly.nstd_monomer                   yes 
_entity_poly.pdbx_seq_one_letter_code       
;AINRLQLVATLVEREV(MSE)RYTPAGVPIVNCLLSYSGQA(MSE)EAQTARQVEFSIEALGAGK(MSE)ASVLDRIAPG
TVLDCVGFLARKHRSSKALVFHISGLEHHHHHH
;
_entity_poly.pdbx_seq_one_letter_code_can   
;AINRLQLVATLVEREVMRYTPAGVPIVNCLLSYSGQAMEAQTARQVEFSIEALGAGKMASVLDRIAPGTVLDCVGFLARK
HRSSKALVFHISGLEHHHHHH
;
_entity_poly.pdbx_strand_id                 A 
_entity_poly.pdbx_target_identifier         NESG-RsR213C 
# 
loop_
_pdbx_entity_nonpoly.entity_id 
_pdbx_entity_nonpoly.name 
_pdbx_entity_nonpoly.comp_id 
2 'ACETIC ACID' ACY 
3 water         HOH 
# 
loop_
_entity_poly_seq.entity_id 
_entity_poly_seq.num 
_entity_poly_seq.mon_id 
_entity_poly_seq.hetero 
1 1   ALA n 
1 2   ILE n 
1 3   ASN n 
1 4   ARG n 
1 5   LEU n 
1 6   GLN n 
1 7   LEU n 
1 8   VAL n 
1 9   ALA n 
1 10  THR n 
1 11  LEU n 
1 12  VAL n 
1 13  GLU n 
1 14  ARG n 
1 15  GLU n 
1 16  VAL n 
1 17  MSE n 
1 18  ARG n 
1 19  TYR n 
1 20  THR n 
1 21  PRO n 
1 22  ALA n 
1 23  GLY n 
1 24  VAL n 
1 25  PRO n 
1 26  ILE n 
1 27  VAL n 
1 28  ASN n 
1 29  CYS n 
1 30  LEU n 
1 31  LEU n 
1 32  SER n 
1 33  TYR n 
1 34  SER n 
1 35  GLY n 
1 36  GLN n 
1 37  ALA n 
1 38  MSE n 
1 39  GLU n 
1 40  ALA n 
1 41  GLN n 
1 42  THR n 
1 43  ALA n 
1 44  ARG n 
1 45  GLN n 
1 46  VAL n 
1 47  GLU n 
1 48  PHE n 
1 49  SER n 
1 50  ILE n 
1 51  GLU n 
1 52  ALA n 
1 53  LEU n 
1 54  GLY n 
1 55  ALA n 
1 56  GLY n 
1 57  LYS n 
1 58  MSE n 
1 59  ALA n 
1 60  SER n 
1 61  VAL n 
1 62  LEU n 
1 63  ASP n 
1 64  ARG n 
1 65  ILE n 
1 66  ALA n 
1 67  PRO n 
1 68  GLY n 
1 69  THR n 
1 70  VAL n 
1 71  LEU n 
1 72  ASP n 
1 73  CYS n 
1 74  VAL n 
1 75  GLY n 
1 76  PHE n 
1 77  LEU n 
1 78  ALA n 
1 79  ARG n 
1 80  LYS n 
1 81  HIS n 
1 82  ARG n 
1 83  SER n 
1 84  SER n 
1 85  LYS n 
1 86  ALA n 
1 87  LEU n 
1 88  VAL n 
1 89  PHE n 
1 90  HIS n 
1 91  ILE n 
1 92  SER n 
1 93  GLY n 
1 94  LEU n 
1 95  GLU n 
1 96  HIS n 
1 97  HIS n 
1 98  HIS n 
1 99  HIS n 
1 100 HIS n 
1 101 HIS n 
# 
_entity_src_gen.entity_id                          1 
_entity_src_gen.pdbx_src_id                        1 
_entity_src_gen.pdbx_alt_source_flag               sample 
_entity_src_gen.pdbx_seq_type                      ? 
_entity_src_gen.pdbx_beg_seq_num                   ? 
_entity_src_gen.pdbx_end_seq_num                   ? 
_entity_src_gen.gene_src_common_name               ? 
_entity_src_gen.gene_src_genus                     ? 
_entity_src_gen.pdbx_gene_src_gene                 'priB, RSc1308' 
_entity_src_gen.gene_src_species                   ? 
_entity_src_gen.gene_src_strain                    GMI1000 
_entity_src_gen.gene_src_tissue                    ? 
_entity_src_gen.gene_src_tissue_fraction           ? 
_entity_src_gen.gene_src_details                   ? 
_entity_src_gen.pdbx_gene_src_fragment             ? 
_entity_src_gen.pdbx_gene_src_scientific_name      'Ralstonia solanacearum' 
_entity_src_gen.pdbx_gene_src_ncbi_taxonomy_id     267608 
_entity_src_gen.pdbx_gene_src_variant              ? 
_entity_src_gen.pdbx_gene_src_cell_line            ? 
_entity_src_gen.pdbx_gene_src_atcc                 ? 
_entity_src_gen.pdbx_gene_src_organ                ? 
_entity_src_gen.pdbx_gene_src_organelle            ? 
_entity_src_gen.pdbx_gene_src_cell                 ? 
_entity_src_gen.pdbx_gene_src_cellular_location    ? 
_entity_src_gen.host_org_common_name               ? 
_entity_src_gen.pdbx_host_org_scientific_name      ? 
_entity_src_gen.pdbx_host_org_ncbi_taxonomy_id     ? 
_entity_src_gen.host_org_genus                     ? 
_entity_src_gen.pdbx_host_org_gene                 ? 
_entity_src_gen.pdbx_host_org_organ                ? 
_entity_src_gen.host_org_species                   ? 
_entity_src_gen.pdbx_host_org_tissue               ? 
_entity_src_gen.pdbx_host_org_tissue_fraction      ? 
_entity_src_gen.pdbx_host_org_strain               ? 
_entity_src_gen.pdbx_host_org_variant              ? 
_entity_src_gen.pdbx_host_org_cell_line            ? 
_entity_src_gen.pdbx_host_org_atcc                 ? 
_entity_src_gen.pdbx_host_org_culture_collection   ? 
_entity_src_gen.pdbx_host_org_cell                 ? 
_entity_src_gen.pdbx_host_org_organelle            ? 
_entity_src_gen.pdbx_host_org_cellular_location    ? 
_entity_src_gen.pdbx_host_org_vector_type          ? 
_entity_src_gen.pdbx_host_org_vector               ? 
_entity_src_gen.host_org_details                   ? 
_entity_src_gen.expression_system_id               ? 
_entity_src_gen.plasmid_name                       ? 
_entity_src_gen.plasmid_details                    ? 
_entity_src_gen.pdbx_description                   ? 
# 
loop_
_chem_comp.id 
_chem_comp.type 
_chem_comp.mon_nstd_flag 
_chem_comp.name 
_chem_comp.pdbx_synonyms 
_chem_comp.formula 
_chem_comp.formula_weight 
ACY non-polymer         . 'ACETIC ACID'    ? 'C2 H4 O2'       60.052  
ALA 'L-peptide linking' y ALANINE          ? 'C3 H7 N O2'     89.093  
ARG 'L-peptide linking' y ARGININE         ? 'C6 H15 N4 O2 1' 175.209 
ASN 'L-peptide linking' y ASPARAGINE       ? 'C4 H8 N2 O3'    132.118 
ASP 'L-peptide linking' y 'ASPARTIC ACID'  ? 'C4 H7 N O4'     133.103 
CYS 'L-peptide linking' y CYSTEINE         ? 'C3 H7 N O2 S'   121.158 
GLN 'L-peptide linking' y GLUTAMINE        ? 'C5 H10 N2 O3'   146.144 
GLU 'L-peptide linking' y 'GLUTAMIC ACID'  ? 'C5 H9 N O4'     147.129 
GLY 'peptide linking'   y GLYCINE          ? 'C2 H5 N O2'     75.067  
HIS 'L-peptide linking' y HISTIDINE        ? 'C6 H10 N3 O2 1' 156.162 
HOH non-polymer         . WATER            ? 'H2 O'           18.015  
ILE 'L-peptide linking' y ISOLEUCINE       ? 'C6 H13 N O2'    131.173 
LEU 'L-peptide linking' y LEUCINE          ? 'C6 H13 N O2'    131.173 
LYS 'L-peptide linking' y LYSINE           ? 'C6 H15 N2 O2 1' 147.195 
MSE 'L-peptide linking' n SELENOMETHIONINE ? 'C5 H11 N O2 Se' 196.106 
PHE 'L-peptide linking' y PHENYLALANINE    ? 'C9 H11 N O2'    165.189 
PRO 'L-peptide linking' y PROLINE          ? 'C5 H9 N O2'     115.130 
SER 'L-peptide linking' y SERINE           ? 'C3 H7 N O3'     105.093 
THR 'L-peptide linking' y THREONINE        ? 'C4 H9 N O3'     119.119 
TYR 'L-peptide linking' y TYROSINE         ? 'C9 H11 N O3'    181.189 
VAL 'L-peptide linking' y VALINE           ? 'C5 H11 N O2'    117.146 
# 
loop_
_pdbx_poly_seq_scheme.asym_id 
_pdbx_poly_seq_scheme.entity_id 
_pdbx_poly_seq_scheme.seq_id 
_pdbx_poly_seq_scheme.mon_id 
_pdbx_poly_seq_scheme.ndb_seq_num 
_pdbx_poly_seq_scheme.pdb_seq_num 
_pdbx_poly_seq_scheme.auth_seq_num 
_pdbx_poly_seq_scheme.pdb_mon_id 
_pdbx_poly_seq_scheme.auth_mon_id 
_pdbx_poly_seq_scheme.pdb_strand_id 
_pdbx_poly_seq_scheme.pdb_ins_code 
_pdbx_poly_seq_scheme.hetero 
A 1 1   ALA 1   2   2  ALA ALA A . n 
A 1 2   ILE 2   3   3  ILE ILE A . n 
A 1 3   ASN 3   4   4  ASN ASN A . n 
A 1 4   ARG 4   5   5  ARG ARG A . n 
A 1 5   LEU 5   6   6  LEU LEU A . n 
A 1 6   GLN 6   7   7  GLN GLN A . n 
A 1 7   LEU 7   8   8  LEU LEU A . n 
A 1 8   VAL 8   9   9  VAL VAL A . n 
A 1 9   ALA 9   10  10 ALA ALA A . n 
A 1 10  THR 10  11  11 THR THR A . n 
A 1 11  LEU 11  12  12 LEU LEU A . n 
A 1 12  VAL 12  13  13 VAL VAL A . n 
A 1 13  GLU 13  14  14 GLU GLU A . n 
A 1 14  ARG 14  15  15 ARG ARG A . n 
A 1 15  GLU 15  16  16 GLU GLU A . n 
A 1 16  VAL 16  17  17 VAL VAL A . n 
A 1 17  MSE 17  18  18 MSE MSE A . n 
A 1 18  ARG 18  19  19 ARG ARG A . n 
A 1 19  TYR 19  20  20 TYR TYR A . n 
A 1 20  THR 20  21  21 THR THR A . n 
A 1 21  PRO 21  22  22 PRO PRO A . n 
A 1 22  ALA 22  23  23 ALA ALA A . n 
A 1 23  GLY 23  24  24 GLY GLY A . n 
A 1 24  VAL 24  25  25 VAL VAL A . n 
A 1 25  PRO 25  26  26 PRO PRO A . n 
A 1 26  ILE 26  27  27 ILE ILE A . n 
A 1 27  VAL 27  28  28 VAL VAL A . n 
A 1 28  ASN 28  29  29 ASN ASN A . n 
A 1 29  CYS 29  30  30 CYS CYS A . n 
A 1 30  LEU 30  31  31 LEU LEU A . n 
A 1 31  LEU 31  32  32 LEU LEU A . n 
A 1 32  SER 32  33  33 SER SER A . n 
A 1 33  TYR 33  34  34 TYR TYR A . n 
A 1 34  SER 34  35  35 SER SER A . n 
A 1 35  GLY 35  36  36 GLY GLY A . n 
A 1 36  GLN 36  37  37 GLN GLN A . n 
A 1 37  ALA 37  38  38 ALA ALA A . n 
A 1 38  MSE 38  39  39 MSE MSE A . n 
A 1 39  GLU 39  40  40 GLU GLU A . n 
A 1 40  ALA 40  41  41 ALA ALA A . n 
A 1 41  GLN 41  42  42 GLN GLN A . n 
A 1 42  THR 42  43  43 THR THR A . n 
A 1 43  ALA 43  44  44 ALA ALA A . n 
A 1 44  ARG 44  45  45 ARG ARG A . n 
A 1 45  GLN 45  46  46 GLN GLN A . n 
A 1 46  VAL 46  47  47 VAL VAL A . n 
A 1 47  GLU 47  48  48 GLU GLU A . n 
A 1 48  PHE 48  49  49 PHE PHE A . n 
A 1 49  SER 49  50  50 SER SER A . n 
A 1 50  ILE 50  51  51 ILE ILE A . n 
A 1 51  GLU 51  52  52 GLU GLU A . n 
A 1 52  ALA 52  53  53 ALA ALA A . n 
A 1 53  LEU 53  54  54 LEU LEU A . n 
A 1 54  GLY 54  55  55 GLY GLY A . n 
A 1 55  ALA 55  56  56 ALA ALA A . n 
A 1 56  GLY 56  57  57 GLY GLY A . n 
A 1 57  LYS 57  58  58 LYS LYS A . n 
A 1 58  MSE 58  59  59 MSE MSE A . n 
A 1 59  ALA 59  60  60 ALA ALA A . n 
A 1 60  SER 60  61  61 SER SER A . n 
A 1 61  VAL 61  62  62 VAL VAL A . n 
A 1 62  LEU 62  63  63 LEU LEU A . n 
A 1 63  ASP 63  64  64 ASP ASP A . n 
A 1 64  ARG 64  65  65 ARG ARG A . n 
A 1 65  ILE 65  66  66 ILE ILE A . n 
A 1 66  ALA 66  67  67 ALA ALA A . n 
A 1 67  PRO 67  68  68 PRO PRO A . n 
A 1 68  GLY 68  69  69 GLY GLY A . n 
A 1 69  THR 69  70  70 THR THR A . n 
A 1 70  VAL 70  71  71 VAL VAL A . n 
A 1 71  LEU 71  72  72 LEU LEU A . n 
A 1 72  ASP 72  73  73 ASP ASP A . n 
A 1 73  CYS 73  74  74 CYS CYS A . n 
A 1 74  VAL 74  75  75 VAL VAL A . n 
A 1 75  GLY 75  76  76 GLY GLY A . n 
A 1 76  PHE 76  77  77 PHE PHE A . n 
A 1 77  LEU 77  78  78 LEU LEU A . n 
A 1 78  ALA 78  79  79 ALA ALA A . n 
A 1 79  ARG 79  80  80 ARG ARG A . n 
A 1 80  LYS 80  81  81 LYS LYS A . n 
A 1 81  HIS 81  82  82 HIS HIS A . n 
A 1 82  ARG 82  83  ?  ?   ?   A . n 
A 1 83  SER 83  84  ?  ?   ?   A . n 
A 1 84  SER 84  85  ?  ?   ?   A . n 
A 1 85  LYS 85  86  86 LYS LYS A . n 
A 1 86  ALA 86  87  87 ALA ALA A . n 
A 1 87  LEU 87  88  88 LEU LEU A . n 
A 1 88  VAL 88  89  89 VAL VAL A . n 
A 1 89  PHE 89  90  90 PHE PHE A . n 
A 1 90  HIS 90  91  91 HIS HIS A . n 
A 1 91  ILE 91  92  92 ILE ILE A . n 
A 1 92  SER 92  93  93 SER SER A . n 
A 1 93  GLY 93  94  94 GLY GLY A . n 
A 1 94  LEU 94  95  95 LEU LEU A . n 
A 1 95  GLU 95  96  96 GLU GLU A . n 
A 1 96  HIS 96  97  97 HIS HIS A . n 
A 1 97  HIS 97  98  98 HIS HIS A . n 
A 1 98  HIS 98  99  99 HIS HIS A . n 
A 1 99  HIS 99  100 ?  ?   ?   A . n 
A 1 100 HIS 100 101 ?  ?   ?   A . n 
A 1 101 HIS 101 102 ?  ?   ?   A . n 
# 
loop_
_pdbx_nonpoly_scheme.asym_id 
_pdbx_nonpoly_scheme.entity_id 
_pdbx_nonpoly_scheme.mon_id 
_pdbx_nonpoly_scheme.ndb_seq_num 
_pdbx_nonpoly_scheme.pdb_seq_num 
_pdbx_nonpoly_scheme.auth_seq_num 
_pdbx_nonpoly_scheme.pdb_mon_id 
_pdbx_nonpoly_scheme.auth_mon_id 
_pdbx_nonpoly_scheme.pdb_strand_id 
_pdbx_nonpoly_scheme.pdb_ins_code 
B 2 ACY 1  201 1  ACY ACY A . 
C 3 HOH 1  301 1  HOH HOH A . 
C 3 HOH 2  302 2  HOH HOH A . 
C 3 HOH 3  303 3  HOH HOH A . 
C 3 HOH 4  304 4  HOH HOH A . 
C 3 HOH 5  305 5  HOH HOH A . 
C 3 HOH 6  306 6  HOH HOH A . 
C 3 HOH 7  307 7  HOH HOH A . 
C 3 HOH 8  308 8  HOH HOH A . 
C 3 HOH 9  309 10 HOH HOH A . 
C 3 HOH 10 310 11 HOH HOH A . 
C 3 HOH 11 311 12 HOH HOH A . 
C 3 HOH 12 312 13 HOH HOH A . 
C 3 HOH 13 313 15 HOH HOH A . 
C 3 HOH 14 314 16 HOH HOH A . 
C 3 HOH 15 315 19 HOH HOH A . 
C 3 HOH 16 316 20 HOH HOH A . 
C 3 HOH 17 317 21 HOH HOH A . 
C 3 HOH 18 318 22 HOH HOH A . 
C 3 HOH 19 319 23 HOH HOH A . 
C 3 HOH 20 320 24 HOH HOH A . 
C 3 HOH 21 321 25 HOH HOH A . 
C 3 HOH 22 322 26 HOH HOH A . 
C 3 HOH 23 323 27 HOH HOH A . 
C 3 HOH 24 324 28 HOH HOH A . 
C 3 HOH 25 325 29 HOH HOH A . 
C 3 HOH 26 326 30 HOH HOH A . 
C 3 HOH 27 327 31 HOH HOH A . 
C 3 HOH 28 328 32 HOH HOH A . 
C 3 HOH 29 329 33 HOH HOH A . 
C 3 HOH 30 330 34 HOH HOH A . 
C 3 HOH 31 331 35 HOH HOH A . 
C 3 HOH 32 332 36 HOH HOH A . 
C 3 HOH 33 333 37 HOH HOH A . 
C 3 HOH 34 334 38 HOH HOH A . 
C 3 HOH 35 335 39 HOH HOH A . 
C 3 HOH 36 336 40 HOH HOH A . 
C 3 HOH 37 337 41 HOH HOH A . 
C 3 HOH 38 338 42 HOH HOH A . 
C 3 HOH 39 339 43 HOH HOH A . 
C 3 HOH 40 340 44 HOH HOH A . 
C 3 HOH 41 341 45 HOH HOH A . 
C 3 HOH 42 342 46 HOH HOH A . 
C 3 HOH 43 343 47 HOH HOH A . 
C 3 HOH 44 344 48 HOH HOH A . 
C 3 HOH 45 345 49 HOH HOH A . 
C 3 HOH 46 346 50 HOH HOH A . 
C 3 HOH 47 347 51 HOH HOH A . 
C 3 HOH 48 348 52 HOH HOH A . 
C 3 HOH 49 349 53 HOH HOH A . 
C 3 HOH 50 350 54 HOH HOH A . 
C 3 HOH 51 351 55 HOH HOH A . 
C 3 HOH 52 352 56 HOH HOH A . 
C 3 HOH 53 353 57 HOH HOH A . 
C 3 HOH 54 354 58 HOH HOH A . 
C 3 HOH 55 355 59 HOH HOH A . 
C 3 HOH 56 356 60 HOH HOH A . 
C 3 HOH 57 357 61 HOH HOH A . 
C 3 HOH 58 358 62 HOH HOH A . 
C 3 HOH 59 359 63 HOH HOH A . 
C 3 HOH 60 360 64 HOH HOH A . 
C 3 HOH 61 361 65 HOH HOH A . 
C 3 HOH 62 362 66 HOH HOH A . 
C 3 HOH 63 363 67 HOH HOH A . 
C 3 HOH 64 364 68 HOH HOH A . 
C 3 HOH 65 365 69 HOH HOH A . 
C 3 HOH 66 366 70 HOH HOH A . 
C 3 HOH 67 367 71 HOH HOH A . 
C 3 HOH 68 368 72 HOH HOH A . 
C 3 HOH 69 369 73 HOH HOH A . 
C 3 HOH 70 370 74 HOH HOH A . 
C 3 HOH 71 371 75 HOH HOH A . 
C 3 HOH 72 372 76 HOH HOH A . 
C 3 HOH 73 373 77 HOH HOH A . 
C 3 HOH 74 374 78 HOH HOH A . 
C 3 HOH 75 375 79 HOH HOH A . 
C 3 HOH 76 376 80 HOH HOH A . 
C 3 HOH 77 377 81 HOH HOH A . 
C 3 HOH 78 378 82 HOH HOH A . 
C 3 HOH 79 379 83 HOH HOH A . 
C 3 HOH 80 380 84 HOH HOH A . 
C 3 HOH 81 381 85 HOH HOH A . 
C 3 HOH 82 382 86 HOH HOH A . 
C 3 HOH 83 383 87 HOH HOH A . 
C 3 HOH 84 384 88 HOH HOH A . 
C 3 HOH 85 385 89 HOH HOH A . 
C 3 HOH 86 386 90 HOH HOH A . 
C 3 HOH 87 387 91 HOH HOH A . 
C 3 HOH 88 388 92 HOH HOH A . 
C 3 HOH 89 389 93 HOH HOH A . 
# 
loop_
_software.pdbx_ordinal 
_software.name 
_software.version 
_software.date 
_software.type 
_software.contact_author 
_software.contact_author_email 
_software.classification 
_software.location 
_software.language 
_software.citation_id 
1 PHENIX      dev_1269 ?               package 'Paul D. Adams' PDAdams@lbl.gov       refinement        
http://www.phenix-online.org/             C++ ? 
2 PDB_EXTRACT 3.100    'Jan. 22, 2010' package PDB             help@deposit.rcsb.org 'data extraction' 
http://sw-tools.pdb.org/apps/PDB_EXTRACT/ C++ ? 
# 
_cell.entry_id           4FDB 
_cell.length_a           70.661 
_cell.length_b           70.661 
_cell.length_c           141.117 
_cell.angle_alpha        90.00 
_cell.angle_beta         90.00 
_cell.angle_gamma        90.00 
_cell.Z_PDB              16 
_cell.pdbx_unique_axis   ? 
# 
_symmetry.entry_id                         4FDB 
_symmetry.space_group_name_H-M             'I 41 2 2' 
_symmetry.pdbx_full_space_group_name_H-M   ? 
_symmetry.cell_setting                     ? 
_symmetry.Int_Tables_number                98 
# 
_exptl.entry_id          4FDB 
_exptl.method            'X-RAY DIFFRACTION' 
_exptl.crystals_number   1 
# 
_exptl_crystal.id                    1 
_exptl_crystal.density_meas          ? 
_exptl_crystal.density_Matthews      3.93 
_exptl_crystal.density_percent_sol   68.69 
_exptl_crystal.description           ? 
_exptl_crystal.F_000                 ? 
_exptl_crystal.preparation           ? 
# 
_exptl_crystal_grow.crystal_id      1 
_exptl_crystal_grow.method          ? 
_exptl_crystal_grow.temp            277 
_exptl_crystal_grow.temp_details    ? 
_exptl_crystal_grow.pH              7.5 
_exptl_crystal_grow.pdbx_pH_range   ? 
_exptl_crystal_grow.pdbx_details    
;Protein solution: 100mM NaCl, 5mM DTT, 0.02% NaN3, 10mM Tris-HCl, pH 7.5. Reservoir solution: 5.76M K-ACETATE  0.1M NA3-CITRATE, UNDER OIL BATCH, temperature 277K
;
# 
_diffrn.id                     1 
_diffrn.ambient_temp           100 
_diffrn.ambient_temp_details   ? 
_diffrn.crystal_id             1 
# 
_diffrn_detector.diffrn_id              1 
_diffrn_detector.detector               CCD 
_diffrn_detector.type                   'MAR CCD 165 mm' 
_diffrn_detector.pdbx_collection_date   2012-04-11 
_diffrn_detector.details                ? 
# 
_diffrn_radiation.diffrn_id                        1 
_diffrn_radiation.wavelength_id                    1 
_diffrn_radiation.pdbx_monochromatic_or_laue_m_l   M 
_diffrn_radiation.monochromator                    'Si 111 CHANNEL' 
_diffrn_radiation.pdbx_diffrn_protocol             'SINGLE WAVELENGTH' 
_diffrn_radiation.pdbx_scattering_type             x-ray 
# 
_diffrn_radiation_wavelength.id           1 
_diffrn_radiation_wavelength.wavelength   0.979 
_diffrn_radiation_wavelength.wt           1.0 
# 
_diffrn_source.diffrn_id                   1 
_diffrn_source.source                      SYNCHROTRON 
_diffrn_source.type                        'NSLS BEAMLINE X4C' 
_diffrn_source.pdbx_synchrotron_site       NSLS 
_diffrn_source.pdbx_synchrotron_beamline   X4C 
_diffrn_source.pdbx_wavelength             ? 
_diffrn_source.pdbx_wavelength_list        0.979 
# 
_reflns.pdbx_diffrn_id               1 
_reflns.pdbx_ordinal                 1 
_reflns.entry_id                     4FDB 
_reflns.observed_criterion_sigma_I   -3.0 
_reflns.observed_criterion_sigma_F   ? 
_reflns.d_resolution_low             50 
_reflns.d_resolution_high            1.8 
_reflns.number_obs                   31660 
_reflns.number_all                   ? 
_reflns.percent_possible_obs         100 
_reflns.pdbx_Rmerge_I_obs            0.095 
_reflns.pdbx_Rsym_value              ? 
_reflns.pdbx_netI_over_sigmaI        9.3 
_reflns.B_iso_Wilson_estimate        ? 
_reflns.pdbx_redundancy              26.9 
_reflns.R_free_details               ? 
_reflns.limit_h_max                  ? 
_reflns.limit_h_min                  ? 
_reflns.limit_k_max                  ? 
_reflns.limit_k_min                  ? 
_reflns.limit_l_max                  ? 
_reflns.limit_l_min                  ? 
_reflns.observed_criterion_F_max     ? 
_reflns.observed_criterion_F_min     ? 
_reflns.pdbx_chi_squared             ? 
_reflns.pdbx_scaling_rejects         ? 
# 
_refine.pdbx_refine_id                           'X-RAY DIFFRACTION' 
_refine.entry_id                                 4FDB 
_refine.pdbx_diffrn_id                           1 
_refine.pdbx_TLS_residual_ADP_flag               ? 
_refine.ls_number_reflns_obs                     16694 
_refine.ls_number_reflns_all                     ? 
_refine.pdbx_ls_sigma_I                          ? 
_refine.pdbx_ls_sigma_F                          1.34 
_refine.pdbx_data_cutoff_high_absF               ? 
_refine.pdbx_data_cutoff_low_absF                ? 
_refine.pdbx_data_cutoff_high_rms_absF           ? 
_refine.ls_d_res_low                             40.776 
_refine.ls_d_res_high                            1.800 
_refine.ls_percent_reflns_obs                    98.23 
_refine.ls_R_factor_obs                          0.1968 
_refine.ls_R_factor_all                          ? 
_refine.ls_R_factor_R_work                       0.1957 
_refine.ls_R_factor_R_free                       0.2175 
_refine.ls_R_factor_R_free_error                 ? 
_refine.ls_R_factor_R_free_error_details         ? 
_refine.ls_percent_reflns_R_free                 5.06 
_refine.ls_number_reflns_R_free                  845 
_refine.ls_number_parameters                     ? 
_refine.ls_number_restraints                     ? 
_refine.occupancy_min                            0.50 
_refine.occupancy_max                            1.00 
_refine.correlation_coeff_Fo_to_Fc               ? 
_refine.correlation_coeff_Fo_to_Fc_free          ? 
_refine.B_iso_mean                               28.242 
_refine.aniso_B[1][1]                            3.661 
_refine.aniso_B[2][2]                            3.661 
_refine.aniso_B[3][3]                            -7.323 
_refine.aniso_B[1][2]                            0.000 
_refine.aniso_B[1][3]                            -0.000 
_refine.aniso_B[2][3]                            -0.000 
_refine.solvent_model_details                    'FLAT BULK SOLVENT MODEL' 
_refine.solvent_model_param_ksol                 ? 
_refine.solvent_model_param_bsol                 ? 
_refine.pdbx_solvent_vdw_probe_radii             1.11 
_refine.pdbx_solvent_ion_probe_radii             ? 
_refine.pdbx_solvent_shrinkage_radii             0.90 
_refine.pdbx_ls_cross_valid_method               ? 
_refine.details                                  ? 
_refine.pdbx_starting_model                      'PDB entry 3EN2' 
_refine.pdbx_method_to_determine_struct          'MOLECULAR REPLACEMENT' 
_refine.pdbx_isotropic_thermal_model             ? 
_refine.pdbx_stereochemistry_target_values       ML 
_refine.pdbx_stereochem_target_val_spec_case     ? 
_refine.pdbx_R_Free_selection_details            ? 
_refine.pdbx_overall_ESU_R                       ? 
_refine.pdbx_overall_ESU_R_Free                  ? 
_refine.overall_SU_ML                            0.15 
_refine.pdbx_overall_phase_error                 19.91 
_refine.overall_SU_B                             ? 
_refine.overall_SU_R_Cruickshank_DPI             ? 
_refine.pdbx_overall_SU_R_free_Cruickshank_DPI   ? 
_refine.pdbx_overall_SU_R_Blow_DPI               ? 
_refine.pdbx_overall_SU_R_free_Blow_DPI          ? 
_refine.ls_redundancy_reflns_obs                 ? 
_refine.B_iso_min                                ? 
_refine.B_iso_max                                ? 
_refine.overall_SU_R_free                        ? 
_refine.ls_wR_factor_R_free                      ? 
_refine.ls_wR_factor_R_work                      ? 
_refine.overall_FOM_free_R_set                   ? 
_refine.overall_FOM_work_R_set                   ? 
# 
_refine_hist.pdbx_refine_id                   'X-RAY DIFFRACTION' 
_refine_hist.cycle_id                         LAST 
_refine_hist.pdbx_number_atoms_protein        723 
_refine_hist.pdbx_number_atoms_nucleic_acid   0 
_refine_hist.pdbx_number_atoms_ligand         4 
_refine_hist.number_atoms_solvent             89 
_refine_hist.number_atoms_total               816 
_refine_hist.d_res_high                       1.800 
_refine_hist.d_res_low                        40.776 
# 
loop_
_refine_ls_restr.type 
_refine_ls_restr.dev_ideal 
_refine_ls_restr.dev_ideal_target 
_refine_ls_restr.weight 
_refine_ls_restr.number 
_refine_ls_restr.pdbx_refine_id 
_refine_ls_restr.pdbx_restraint_function 
f_bond_d           0.007  ? ? 773  'X-RAY DIFFRACTION' ? 
f_angle_d          1.167  ? ? 1041 'X-RAY DIFFRACTION' ? 
f_dihedral_angle_d 14.567 ? ? 283  'X-RAY DIFFRACTION' ? 
f_chiral_restr     0.082  ? ? 124  'X-RAY DIFFRACTION' ? 
f_plane_restr      0.005  ? ? 134  'X-RAY DIFFRACTION' ? 
# 
loop_
_refine_ls_shell.pdbx_refine_id 
_refine_ls_shell.pdbx_total_number_of_bins_used 
_refine_ls_shell.d_res_high 
_refine_ls_shell.d_res_low 
_refine_ls_shell.number_reflns_R_work 
_refine_ls_shell.R_factor_R_work 
_refine_ls_shell.percent_reflns_obs 
_refine_ls_shell.R_factor_R_free 
_refine_ls_shell.R_factor_R_free_error 
_refine_ls_shell.percent_reflns_R_free 
_refine_ls_shell.number_reflns_R_free 
_refine_ls_shell.number_reflns_all 
_refine_ls_shell.R_factor_all 
_refine_ls_shell.redundancy_reflns_obs 
_refine_ls_shell.number_reflns_obs 
'X-RAY DIFFRACTION' . 1.8002 1.9130  2429 0.2206 92.00  0.2273 . . 130 . . . . 
'X-RAY DIFFRACTION' . 1.9130 2.0607  2604 0.1828 99.00  0.1993 . . 155 . . . . 
'X-RAY DIFFRACTION' . 2.0607 2.2680  2625 0.1788 99.00  0.2295 . . 143 . . . . 
'X-RAY DIFFRACTION' . 2.2680 2.5962  2644 0.2010 99.00  0.2285 . . 136 . . . . 
'X-RAY DIFFRACTION' . 2.5962 3.2707  2713 0.2003 100.00 0.2302 . . 132 . . . . 
'X-RAY DIFFRACTION' . 3.2707 40.7868 2834 0.1960 100.00 0.2060 . . 149 . . . . 
# 
_struct.entry_id                  4FDB 
_struct.title                     
;Three-dimensional structure of the protein prib from ralstonia solanacearum at the resolution 1.8a. northeast structural genomics consortium target rsr213c
;
_struct.pdbx_model_details        ? 
_struct.pdbx_CASP_flag            ? 
_struct.pdbx_model_type_details   ? 
# 
_struct_keywords.entry_id        4FDB 
_struct_keywords.text            
'Structural Genomics, PSI-Biology, Protein Structure Initiative, Northeast Structural Genomics Consortium, NESG, REPLICATION' 
_struct_keywords.pdbx_keywords   REPLICATION 
# 
loop_
_struct_asym.id 
_struct_asym.pdbx_blank_PDB_chainid_flag 
_struct_asym.pdbx_modified 
_struct_asym.entity_id 
_struct_asym.details 
A N N 1 ? 
B N N 2 ? 
C N N 3 ? 
# 
_struct_ref.id                         1 
_struct_ref.db_name                    UNP 
_struct_ref.db_code                    Q8XZT7_RALSO 
_struct_ref.pdbx_db_accession          Q8XZT7 
_struct_ref.entity_id                  1 
_struct_ref.pdbx_seq_one_letter_code   
;AINRLQLVATLAEREVMRYTPAGVPIVNCLLSYSGQAMEAQAARQVEFSIEALGAGKMASVLDRIAPGTVLECVGFLARK
HRSSKALVFHISG
;
_struct_ref.pdbx_align_begin           9 
_struct_ref.pdbx_db_isoform            ? 
# 
_struct_ref_seq.align_id                      1 
_struct_ref_seq.ref_id                        1 
_struct_ref_seq.pdbx_PDB_id_code              4FDB 
_struct_ref_seq.pdbx_strand_id                A 
_struct_ref_seq.seq_align_beg                 1 
_struct_ref_seq.pdbx_seq_align_beg_ins_code   ? 
_struct_ref_seq.seq_align_end                 93 
_struct_ref_seq.pdbx_seq_align_end_ins_code   ? 
_struct_ref_seq.pdbx_db_accession             Q8XZT7 
_struct_ref_seq.db_align_beg                  9 
_struct_ref_seq.pdbx_db_align_beg_ins_code    ? 
_struct_ref_seq.db_align_end                  101 
_struct_ref_seq.pdbx_db_align_end_ins_code    ? 
_struct_ref_seq.pdbx_auth_seq_align_beg       2 
_struct_ref_seq.pdbx_auth_seq_align_end       94 
# 
loop_
_struct_ref_seq_dif.align_id 
_struct_ref_seq_dif.pdbx_pdb_id_code 
_struct_ref_seq_dif.mon_id 
_struct_ref_seq_dif.pdbx_pdb_strand_id 
_struct_ref_seq_dif.seq_num 
_struct_ref_seq_dif.pdbx_pdb_ins_code 
_struct_ref_seq_dif.pdbx_seq_db_name 
_struct_ref_seq_dif.pdbx_seq_db_accession_code 
_struct_ref_seq_dif.db_mon_id 
_struct_ref_seq_dif.pdbx_seq_db_seq_num 
_struct_ref_seq_dif.details 
_struct_ref_seq_dif.pdbx_auth_seq_num 
_struct_ref_seq_dif.pdbx_ordinal 
1 4FDB VAL A 12  ? UNP Q8XZT7 ALA 20 'engineered mutation' 13  1  
1 4FDB THR A 42  ? UNP Q8XZT7 ALA 50 'engineered mutation' 43  2  
1 4FDB ASP A 72  ? UNP Q8XZT7 GLU 80 'engineered mutation' 73  3  
1 4FDB LEU A 94  ? UNP Q8XZT7 ?   ?  'expression tag'      95  4  
1 4FDB GLU A 95  ? UNP Q8XZT7 ?   ?  'expression tag'      96  5  
1 4FDB HIS A 96  ? UNP Q8XZT7 ?   ?  'expression tag'      97  6  
1 4FDB HIS A 97  ? UNP Q8XZT7 ?   ?  'expression tag'      98  7  
1 4FDB HIS A 98  ? UNP Q8XZT7 ?   ?  'expression tag'      99  8  
1 4FDB HIS A 99  ? UNP Q8XZT7 ?   ?  'expression tag'      100 9  
1 4FDB HIS A 100 ? UNP Q8XZT7 ?   ?  'expression tag'      101 10 
1 4FDB HIS A 101 ? UNP Q8XZT7 ?   ?  'expression tag'      102 11 
# 
_pdbx_struct_assembly.id                   1 
_pdbx_struct_assembly.details              author_and_software_defined_assembly 
_pdbx_struct_assembly.method_details       PISA 
_pdbx_struct_assembly.oligomeric_details   dimeric 
_pdbx_struct_assembly.oligomeric_count     2 
# 
loop_
_pdbx_struct_assembly_prop.biol_id 
_pdbx_struct_assembly_prop.type 
_pdbx_struct_assembly_prop.value 
_pdbx_struct_assembly_prop.details 
1 'ABSA (A^2)' 2780 ? 
1 MORE         -13  ? 
1 'SSA (A^2)'  9930 ? 
# 
_pdbx_struct_assembly_gen.assembly_id       1 
_pdbx_struct_assembly_gen.oper_expression   1,2 
_pdbx_struct_assembly_gen.asym_id_list      A,B,C 
# 
loop_
_pdbx_struct_oper_list.id 
_pdbx_struct_oper_list.type 
_pdbx_struct_oper_list.name 
_pdbx_struct_oper_list.symmetry_operation 
_pdbx_struct_oper_list.matrix[1][1] 
_pdbx_struct_oper_list.matrix[1][2] 
_pdbx_struct_oper_list.matrix[1][3] 
_pdbx_struct_oper_list.vector[1] 
_pdbx_struct_oper_list.matrix[2][1] 
_pdbx_struct_oper_list.matrix[2][2] 
_pdbx_struct_oper_list.matrix[2][3] 
_pdbx_struct_oper_list.vector[2] 
_pdbx_struct_oper_list.matrix[3][1] 
_pdbx_struct_oper_list.matrix[3][2] 
_pdbx_struct_oper_list.matrix[3][3] 
_pdbx_struct_oper_list.vector[3] 
1 'identity operation'         1_555 x,y,z    1.0000000000 0.0000000000 0.0000000000  0.0000000000 0.0000000000 1.0000000000  0.0000000000  0.0000000000   0.0000000000  0.0000000000  1.0000000000  0.0000000000 
2 'crystal symmetry operation' 8_555 -y,-x,-z 0.8052837095 0.5713290917 -0.1584336335 6.0253080588 0.5713290917 -0.8191880150 -0.0501404535 -18.1320013758 -0.1584336335 -0.0501404535 -0.9860956945 3.2698272155 
# 
_struct_biol.id        1 
_struct_biol.details   'dimer,24.97 kD,87.5%' 
# 
_struct_conf.conf_type_id            HELX_P 
_struct_conf.id                      HELX_P1 
_struct_conf.pdbx_PDB_helix_id       1 
_struct_conf.beg_label_comp_id       GLY 
_struct_conf.beg_label_asym_id       A 
_struct_conf.beg_label_seq_id        56 
_struct_conf.pdbx_beg_PDB_ins_code   ? 
_struct_conf.end_label_comp_id       ASP 
_struct_conf.end_label_asym_id       A 
_struct_conf.end_label_seq_id        63 
_struct_conf.pdbx_end_PDB_ins_code   ? 
_struct_conf.beg_auth_comp_id        GLY 
_struct_conf.beg_auth_asym_id        A 
_struct_conf.beg_auth_seq_id         57 
_struct_conf.end_auth_comp_id        ASP 
_struct_conf.end_auth_asym_id        A 
_struct_conf.end_auth_seq_id         64 
_struct_conf.pdbx_PDB_helix_class    1 
_struct_conf.details                 ? 
_struct_conf.pdbx_PDB_helix_length   8 
# 
_struct_conf_type.id          HELX_P 
_struct_conf_type.criteria    ? 
_struct_conf_type.reference   ? 
# 
loop_
_struct_conn.id 
_struct_conn.conn_type_id 
_struct_conn.pdbx_leaving_atom_flag 
_struct_conn.pdbx_PDB_id 
_struct_conn.ptnr1_label_asym_id 
_struct_conn.ptnr1_label_comp_id 
_struct_conn.ptnr1_label_seq_id 
_struct_conn.ptnr1_label_atom_id 
_struct_conn.pdbx_ptnr1_label_alt_id 
_struct_conn.pdbx_ptnr1_PDB_ins_code 
_struct_conn.pdbx_ptnr1_standard_comp_id 
_struct_conn.ptnr1_symmetry 
_struct_conn.ptnr2_label_asym_id 
_struct_conn.ptnr2_label_comp_id 
_struct_conn.ptnr2_label_seq_id 
_struct_conn.ptnr2_label_atom_id 
_struct_conn.pdbx_ptnr2_label_alt_id 
_struct_conn.pdbx_ptnr2_PDB_ins_code 
_struct_conn.ptnr1_auth_asym_id 
_struct_conn.ptnr1_auth_comp_id 
_struct_conn.ptnr1_auth_seq_id 
_struct_conn.ptnr2_auth_asym_id 
_struct_conn.ptnr2_auth_comp_id 
_struct_conn.ptnr2_auth_seq_id 
_struct_conn.ptnr2_symmetry 
_struct_conn.pdbx_ptnr3_label_atom_id 
_struct_conn.pdbx_ptnr3_label_seq_id 
_struct_conn.pdbx_ptnr3_label_comp_id 
_struct_conn.pdbx_ptnr3_label_asym_id 
_struct_conn.pdbx_ptnr3_label_alt_id 
_struct_conn.pdbx_ptnr3_PDB_ins_code 
_struct_conn.details 
_struct_conn.pdbx_dist_value 
_struct_conn.pdbx_value_order 
_struct_conn.pdbx_role 
covale1 covale both ? A VAL 16 C ? ? ? 1_555 A MSE 17 N ? ? A VAL 17 A MSE 18 1_555 ? ? ? ? ? ? ? 1.328 ? ? 
covale2 covale both ? A MSE 17 C ? ? ? 1_555 A ARG 18 N ? ? A MSE 18 A ARG 19 1_555 ? ? ? ? ? ? ? 1.331 ? ? 
covale3 covale both ? A ALA 37 C ? ? ? 1_555 A MSE 38 N ? ? A ALA 38 A MSE 39 1_555 ? ? ? ? ? ? ? 1.329 ? ? 
covale4 covale both ? A MSE 38 C ? ? ? 1_555 A GLU 39 N ? ? A MSE 39 A GLU 40 1_555 ? ? ? ? ? ? ? 1.329 ? ? 
covale5 covale both ? A LYS 57 C ? ? ? 1_555 A MSE 58 N ? ? A LYS 58 A MSE 59 1_555 ? ? ? ? ? ? ? 1.326 ? ? 
covale6 covale both ? A MSE 58 C ? ? ? 1_555 A ALA 59 N ? ? A MSE 59 A ALA 60 1_555 ? ? ? ? ? ? ? 1.331 ? ? 
# 
_struct_conn_type.id          covale 
_struct_conn_type.criteria    ? 
_struct_conn_type.reference   ? 
# 
loop_
_pdbx_modification_feature.ordinal 
_pdbx_modification_feature.label_comp_id 
_pdbx_modification_feature.label_asym_id 
_pdbx_modification_feature.label_seq_id 
_pdbx_modification_feature.label_alt_id 
_pdbx_modification_feature.modified_residue_label_comp_id 
_pdbx_modification_feature.modified_residue_label_asym_id 
_pdbx_modification_feature.modified_residue_label_seq_id 
_pdbx_modification_feature.modified_residue_label_alt_id 
_pdbx_modification_feature.auth_comp_id 
_pdbx_modification_feature.auth_asym_id 
_pdbx_modification_feature.auth_seq_id 
_pdbx_modification_feature.PDB_ins_code 
_pdbx_modification_feature.symmetry 
_pdbx_modification_feature.modified_residue_auth_comp_id 
_pdbx_modification_feature.modified_residue_auth_asym_id 
_pdbx_modification_feature.modified_residue_auth_seq_id 
_pdbx_modification_feature.modified_residue_PDB_ins_code 
_pdbx_modification_feature.modified_residue_symmetry 
_pdbx_modification_feature.comp_id_linking_atom 
_pdbx_modification_feature.modified_residue_id_linking_atom 
_pdbx_modification_feature.modified_residue_id 
_pdbx_modification_feature.ref_pcm_id 
_pdbx_modification_feature.ref_comp_id 
_pdbx_modification_feature.type 
_pdbx_modification_feature.category 
1 MSE A 17 ? . . . . MSE A 18 ? 1_555 . . . . . . . MET 1 MSE Selenomethionine 'Named protein modification' 
2 MSE A 38 ? . . . . MSE A 39 ? 1_555 . . . . . . . MET 1 MSE Selenomethionine 'Named protein modification' 
3 MSE A 58 ? . . . . MSE A 59 ? 1_555 . . . . . . . MET 1 MSE Selenomethionine 'Named protein modification' 
# 
_struct_sheet.id               A 
_struct_sheet.type             ? 
_struct_sheet.number_strands   7 
_struct_sheet.details          ? 
# 
loop_
_struct_sheet_order.sheet_id 
_struct_sheet_order.range_id_1 
_struct_sheet_order.range_id_2 
_struct_sheet_order.offset 
_struct_sheet_order.sense 
A 1 2 ? anti-parallel 
A 2 3 ? anti-parallel 
A 3 4 ? parallel      
A 4 5 ? anti-parallel 
A 5 6 ? anti-parallel 
A 6 7 ? anti-parallel 
# 
loop_
_struct_sheet_range.sheet_id 
_struct_sheet_range.id 
_struct_sheet_range.beg_label_comp_id 
_struct_sheet_range.beg_label_asym_id 
_struct_sheet_range.beg_label_seq_id 
_struct_sheet_range.pdbx_beg_PDB_ins_code 
_struct_sheet_range.end_label_comp_id 
_struct_sheet_range.end_label_asym_id 
_struct_sheet_range.end_label_seq_id 
_struct_sheet_range.pdbx_end_PDB_ins_code 
_struct_sheet_range.beg_auth_comp_id 
_struct_sheet_range.beg_auth_asym_id 
_struct_sheet_range.beg_auth_seq_id 
_struct_sheet_range.end_auth_comp_id 
_struct_sheet_range.end_auth_asym_id 
_struct_sheet_range.end_auth_seq_id 
A 1 ARG A 18 ? TYR A 19 ? ARG A 19 TYR A 20 
A 2 PRO A 25 ? ALA A 37 ? PRO A 26 ALA A 38 
A 3 ARG A 44 ? ALA A 55 ? ARG A 45 ALA A 56 
A 4 LEU A 87 ? HIS A 96 ? LEU A 88 HIS A 97 
A 5 VAL A 70 ? ARG A 79 ? VAL A 71 ARG A 80 
A 6 LEU A 5  ? ARG A 14 ? LEU A 6  ARG A 15 
A 7 PRO A 25 ? ALA A 37 ? PRO A 26 ALA A 38 
# 
loop_
_pdbx_struct_sheet_hbond.sheet_id 
_pdbx_struct_sheet_hbond.range_id_1 
_pdbx_struct_sheet_hbond.range_id_2 
_pdbx_struct_sheet_hbond.range_1_label_atom_id 
_pdbx_struct_sheet_hbond.range_1_label_comp_id 
_pdbx_struct_sheet_hbond.range_1_label_asym_id 
_pdbx_struct_sheet_hbond.range_1_label_seq_id 
_pdbx_struct_sheet_hbond.range_1_PDB_ins_code 
_pdbx_struct_sheet_hbond.range_1_auth_atom_id 
_pdbx_struct_sheet_hbond.range_1_auth_comp_id 
_pdbx_struct_sheet_hbond.range_1_auth_asym_id 
_pdbx_struct_sheet_hbond.range_1_auth_seq_id 
_pdbx_struct_sheet_hbond.range_2_label_atom_id 
_pdbx_struct_sheet_hbond.range_2_label_comp_id 
_pdbx_struct_sheet_hbond.range_2_label_asym_id 
_pdbx_struct_sheet_hbond.range_2_label_seq_id 
_pdbx_struct_sheet_hbond.range_2_PDB_ins_code 
_pdbx_struct_sheet_hbond.range_2_auth_atom_id 
_pdbx_struct_sheet_hbond.range_2_auth_comp_id 
_pdbx_struct_sheet_hbond.range_2_auth_asym_id 
_pdbx_struct_sheet_hbond.range_2_auth_seq_id 
A 1 2 N ARG A 18 ? N ARG A 19 O ILE A 26 ? O ILE A 27 
A 2 3 N TYR A 33 ? N TYR A 34 O PHE A 48 ? O PHE A 49 
A 3 4 N LEU A 53 ? N LEU A 54 O ILE A 91 ? O ILE A 92 
A 4 5 O GLU A 95 ? O GLU A 96 N ASP A 72 ? N ASP A 73 
A 5 6 O CYS A 73 ? O CYS A 74 N LEU A 7  ? N LEU A 8  
A 6 7 N VAL A 12 ? N VAL A 13 O LEU A 30 ? O LEU A 31 
# 
_struct_site.id                   AC1 
_struct_site.pdbx_evidence_code   Software 
_struct_site.pdbx_auth_asym_id    A 
_struct_site.pdbx_auth_comp_id    ACY 
_struct_site.pdbx_auth_seq_id     201 
_struct_site.pdbx_auth_ins_code   ? 
_struct_site.pdbx_num_residues    2 
_struct_site.details              'BINDING SITE FOR RESIDUE ACY A 201' 
# 
loop_
_struct_site_gen.id 
_struct_site_gen.site_id 
_struct_site_gen.pdbx_num_res 
_struct_site_gen.label_comp_id 
_struct_site_gen.label_asym_id 
_struct_site_gen.label_seq_id 
_struct_site_gen.pdbx_auth_ins_code 
_struct_site_gen.auth_comp_id 
_struct_site_gen.auth_asym_id 
_struct_site_gen.auth_seq_id 
_struct_site_gen.label_atom_id 
_struct_site_gen.label_alt_id 
_struct_site_gen.symmetry 
_struct_site_gen.details 
1 AC1 2 ARG A 14 ? ARG A 15  . ? 1_555 ? 
2 AC1 2 HOH C .  ? HOH A 315 . ? 1_555 ? 
# 
_pdbx_entry_details.entry_id                   4FDB 
_pdbx_entry_details.compound_details           ? 
_pdbx_entry_details.source_details             ? 
_pdbx_entry_details.nonpolymer_details         ? 
_pdbx_entry_details.sequence_details           ? 
_pdbx_entry_details.has_ligand_of_interest     ? 
_pdbx_entry_details.has_protein_modification   Y 
# 
_pdbx_SG_project.id                    1 
_pdbx_SG_project.project_name          PSI:Biology 
_pdbx_SG_project.full_name_of_center   'Northeast Structural Genomics Consortium' 
_pdbx_SG_project.initial_of_center     NESG 
# 
loop_
_pdbx_struct_mod_residue.id 
_pdbx_struct_mod_residue.label_asym_id 
_pdbx_struct_mod_residue.label_comp_id 
_pdbx_struct_mod_residue.label_seq_id 
_pdbx_struct_mod_residue.auth_asym_id 
_pdbx_struct_mod_residue.auth_comp_id 
_pdbx_struct_mod_residue.auth_seq_id 
_pdbx_struct_mod_residue.PDB_ins_code 
_pdbx_struct_mod_residue.parent_comp_id 
_pdbx_struct_mod_residue.details 
1 A MSE 17 A MSE 18 ? MET SELENOMETHIONINE 
2 A MSE 38 A MSE 39 ? MET SELENOMETHIONINE 
3 A MSE 58 A MSE 59 ? MET SELENOMETHIONINE 
# 
_pdbx_refine_tls.pdbx_refine_id   'X-RAY DIFFRACTION' 
_pdbx_refine_tls.id               1 
_pdbx_refine_tls.details          ? 
_pdbx_refine_tls.method           refined 
_pdbx_refine_tls.origin_x         -0.0982 
_pdbx_refine_tls.origin_y         0.7411 
_pdbx_refine_tls.origin_z         -0.0347 
_pdbx_refine_tls.T[1][1]          0.0966 
_pdbx_refine_tls.T[2][2]          0.1053 
_pdbx_refine_tls.T[3][3]          0.1140 
_pdbx_refine_tls.T[1][2]          0.0368 
_pdbx_refine_tls.T[1][3]          -0.0153 
_pdbx_refine_tls.T[2][3]          -0.0204 
_pdbx_refine_tls.L[1][1]          2.2427 
_pdbx_refine_tls.L[2][2]          4.0475 
_pdbx_refine_tls.L[3][3]          3.5469 
_pdbx_refine_tls.L[1][2]          0.0394 
_pdbx_refine_tls.L[1][3]          0.3379 
_pdbx_refine_tls.L[2][3]          -0.6920 
_pdbx_refine_tls.S[1][1]          0.0158 
_pdbx_refine_tls.S[1][2]          0.0638 
_pdbx_refine_tls.S[1][3]          0.0363 
_pdbx_refine_tls.S[2][1]          0.0040 
_pdbx_refine_tls.S[2][2]          -0.0558 
_pdbx_refine_tls.S[2][3]          0.0458 
_pdbx_refine_tls.S[3][1]          -0.1149 
_pdbx_refine_tls.S[3][2]          -0.0848 
_pdbx_refine_tls.S[3][3]          0.0692 
# 
_pdbx_refine_tls_group.pdbx_refine_id      'X-RAY DIFFRACTION' 
_pdbx_refine_tls_group.id                  1 
_pdbx_refine_tls_group.refine_tls_id       1 
_pdbx_refine_tls_group.beg_auth_asym_id    ? 
_pdbx_refine_tls_group.beg_auth_seq_id     ? 
_pdbx_refine_tls_group.beg_label_asym_id   ? 
_pdbx_refine_tls_group.beg_label_seq_id    ? 
_pdbx_refine_tls_group.end_auth_asym_id    ? 
_pdbx_refine_tls_group.end_auth_seq_id     ? 
_pdbx_refine_tls_group.end_label_asym_id   ? 
_pdbx_refine_tls_group.end_label_seq_id    ? 
_pdbx_refine_tls_group.selection           ? 
_pdbx_refine_tls_group.selection_details   all 
# 
loop_
_pdbx_unobs_or_zero_occ_residues.id 
_pdbx_unobs_or_zero_occ_residues.PDB_model_num 
_pdbx_unobs_or_zero_occ_residues.polymer_flag 
_pdbx_unobs_or_zero_occ_residues.occupancy_flag 
_pdbx_unobs_or_zero_occ_residues.auth_asym_id 
_pdbx_unobs_or_zero_occ_residues.auth_comp_id 
_pdbx_unobs_or_zero_occ_residues.auth_seq_id 
_pdbx_unobs_or_zero_occ_residues.PDB_ins_code 
_pdbx_unobs_or_zero_occ_residues.label_asym_id 
_pdbx_unobs_or_zero_occ_residues.label_comp_id 
_pdbx_unobs_or_zero_occ_residues.label_seq_id 
1 1 Y 1 A ARG 83  ? A ARG 82  
2 1 Y 1 A SER 84  ? A SER 83  
3 1 Y 1 A SER 85  ? A SER 84  
4 1 Y 1 A HIS 100 ? A HIS 99  
5 1 Y 1 A HIS 101 ? A HIS 100 
6 1 Y 1 A HIS 102 ? A HIS 101 
# 
loop_
_chem_comp_atom.comp_id 
_chem_comp_atom.atom_id 
_chem_comp_atom.type_symbol 
_chem_comp_atom.pdbx_aromatic_flag 
_chem_comp_atom.pdbx_stereo_config 
_chem_comp_atom.pdbx_ordinal 
ACY C    C  N N 1   
ACY O    O  N N 2   
ACY OXT  O  N N 3   
ACY CH3  C  N N 4   
ACY HXT  H  N N 5   
ACY H1   H  N N 6   
ACY H2   H  N N 7   
ACY H3   H  N N 8   
ALA N    N  N N 9   
ALA CA   C  N S 10  
ALA C    C  N N 11  
ALA O    O  N N 12  
ALA CB   C  N N 13  
ALA OXT  O  N N 14  
ALA H    H  N N 15  
ALA H2   H  N N 16  
ALA HA   H  N N 17  
ALA HB1  H  N N 18  
ALA HB2  H  N N 19  
ALA HB3  H  N N 20  
ALA HXT  H  N N 21  
ARG N    N  N N 22  
ARG CA   C  N S 23  
ARG C    C  N N 24  
ARG O    O  N N 25  
ARG CB   C  N N 26  
ARG CG   C  N N 27  
ARG CD   C  N N 28  
ARG NE   N  N N 29  
ARG CZ   C  N N 30  
ARG NH1  N  N N 31  
ARG NH2  N  N N 32  
ARG OXT  O  N N 33  
ARG H    H  N N 34  
ARG H2   H  N N 35  
ARG HA   H  N N 36  
ARG HB2  H  N N 37  
ARG HB3  H  N N 38  
ARG HG2  H  N N 39  
ARG HG3  H  N N 40  
ARG HD2  H  N N 41  
ARG HD3  H  N N 42  
ARG HE   H  N N 43  
ARG HH11 H  N N 44  
ARG HH12 H  N N 45  
ARG HH21 H  N N 46  
ARG HH22 H  N N 47  
ARG HXT  H  N N 48  
ASN N    N  N N 49  
ASN CA   C  N S 50  
ASN C    C  N N 51  
ASN O    O  N N 52  
ASN CB   C  N N 53  
ASN CG   C  N N 54  
ASN OD1  O  N N 55  
ASN ND2  N  N N 56  
ASN OXT  O  N N 57  
ASN H    H  N N 58  
ASN H2   H  N N 59  
ASN HA   H  N N 60  
ASN HB2  H  N N 61  
ASN HB3  H  N N 62  
ASN HD21 H  N N 63  
ASN HD22 H  N N 64  
ASN HXT  H  N N 65  
ASP N    N  N N 66  
ASP CA   C  N S 67  
ASP C    C  N N 68  
ASP O    O  N N 69  
ASP CB   C  N N 70  
ASP CG   C  N N 71  
ASP OD1  O  N N 72  
ASP OD2  O  N N 73  
ASP OXT  O  N N 74  
ASP H    H  N N 75  
ASP H2   H  N N 76  
ASP HA   H  N N 77  
ASP HB2  H  N N 78  
ASP HB3  H  N N 79  
ASP HD2  H  N N 80  
ASP HXT  H  N N 81  
CYS N    N  N N 82  
CYS CA   C  N R 83  
CYS C    C  N N 84  
CYS O    O  N N 85  
CYS CB   C  N N 86  
CYS SG   S  N N 87  
CYS OXT  O  N N 88  
CYS H    H  N N 89  
CYS H2   H  N N 90  
CYS HA   H  N N 91  
CYS HB2  H  N N 92  
CYS HB3  H  N N 93  
CYS HG   H  N N 94  
CYS HXT  H  N N 95  
GLN N    N  N N 96  
GLN CA   C  N S 97  
GLN C    C  N N 98  
GLN O    O  N N 99  
GLN CB   C  N N 100 
GLN CG   C  N N 101 
GLN CD   C  N N 102 
GLN OE1  O  N N 103 
GLN NE2  N  N N 104 
GLN OXT  O  N N 105 
GLN H    H  N N 106 
GLN H2   H  N N 107 
GLN HA   H  N N 108 
GLN HB2  H  N N 109 
GLN HB3  H  N N 110 
GLN HG2  H  N N 111 
GLN HG3  H  N N 112 
GLN HE21 H  N N 113 
GLN HE22 H  N N 114 
GLN HXT  H  N N 115 
GLU N    N  N N 116 
GLU CA   C  N S 117 
GLU C    C  N N 118 
GLU O    O  N N 119 
GLU CB   C  N N 120 
GLU CG   C  N N 121 
GLU CD   C  N N 122 
GLU OE1  O  N N 123 
GLU OE2  O  N N 124 
GLU OXT  O  N N 125 
GLU H    H  N N 126 
GLU H2   H  N N 127 
GLU HA   H  N N 128 
GLU HB2  H  N N 129 
GLU HB3  H  N N 130 
GLU HG2  H  N N 131 
GLU HG3  H  N N 132 
GLU HE2  H  N N 133 
GLU HXT  H  N N 134 
GLY N    N  N N 135 
GLY CA   C  N N 136 
GLY C    C  N N 137 
GLY O    O  N N 138 
GLY OXT  O  N N 139 
GLY H    H  N N 140 
GLY H2   H  N N 141 
GLY HA2  H  N N 142 
GLY HA3  H  N N 143 
GLY HXT  H  N N 144 
HIS N    N  N N 145 
HIS CA   C  N S 146 
HIS C    C  N N 147 
HIS O    O  N N 148 
HIS CB   C  N N 149 
HIS CG   C  Y N 150 
HIS ND1  N  Y N 151 
HIS CD2  C  Y N 152 
HIS CE1  C  Y N 153 
HIS NE2  N  Y N 154 
HIS OXT  O  N N 155 
HIS H    H  N N 156 
HIS H2   H  N N 157 
HIS HA   H  N N 158 
HIS HB2  H  N N 159 
HIS HB3  H  N N 160 
HIS HD1  H  N N 161 
HIS HD2  H  N N 162 
HIS HE1  H  N N 163 
HIS HE2  H  N N 164 
HIS HXT  H  N N 165 
HOH O    O  N N 166 
HOH H1   H  N N 167 
HOH H2   H  N N 168 
ILE N    N  N N 169 
ILE CA   C  N S 170 
ILE C    C  N N 171 
ILE O    O  N N 172 
ILE CB   C  N S 173 
ILE CG1  C  N N 174 
ILE CG2  C  N N 175 
ILE CD1  C  N N 176 
ILE OXT  O  N N 177 
ILE H    H  N N 178 
ILE H2   H  N N 179 
ILE HA   H  N N 180 
ILE HB   H  N N 181 
ILE HG12 H  N N 182 
ILE HG13 H  N N 183 
ILE HG21 H  N N 184 
ILE HG22 H  N N 185 
ILE HG23 H  N N 186 
ILE HD11 H  N N 187 
ILE HD12 H  N N 188 
ILE HD13 H  N N 189 
ILE HXT  H  N N 190 
LEU N    N  N N 191 
LEU CA   C  N S 192 
LEU C    C  N N 193 
LEU O    O  N N 194 
LEU CB   C  N N 195 
LEU CG   C  N N 196 
LEU CD1  C  N N 197 
LEU CD2  C  N N 198 
LEU OXT  O  N N 199 
LEU H    H  N N 200 
LEU H2   H  N N 201 
LEU HA   H  N N 202 
LEU HB2  H  N N 203 
LEU HB3  H  N N 204 
LEU HG   H  N N 205 
LEU HD11 H  N N 206 
LEU HD12 H  N N 207 
LEU HD13 H  N N 208 
LEU HD21 H  N N 209 
LEU HD22 H  N N 210 
LEU HD23 H  N N 211 
LEU HXT  H  N N 212 
LYS N    N  N N 213 
LYS CA   C  N S 214 
LYS C    C  N N 215 
LYS O    O  N N 216 
LYS CB   C  N N 217 
LYS CG   C  N N 218 
LYS CD   C  N N 219 
LYS CE   C  N N 220 
LYS NZ   N  N N 221 
LYS OXT  O  N N 222 
LYS H    H  N N 223 
LYS H2   H  N N 224 
LYS HA   H  N N 225 
LYS HB2  H  N N 226 
LYS HB3  H  N N 227 
LYS HG2  H  N N 228 
LYS HG3  H  N N 229 
LYS HD2  H  N N 230 
LYS HD3  H  N N 231 
LYS HE2  H  N N 232 
LYS HE3  H  N N 233 
LYS HZ1  H  N N 234 
LYS HZ2  H  N N 235 
LYS HZ3  H  N N 236 
LYS HXT  H  N N 237 
MSE N    N  N N 238 
MSE CA   C  N S 239 
MSE C    C  N N 240 
MSE O    O  N N 241 
MSE OXT  O  N N 242 
MSE CB   C  N N 243 
MSE CG   C  N N 244 
MSE SE   SE N N 245 
MSE CE   C  N N 246 
MSE H    H  N N 247 
MSE H2   H  N N 248 
MSE HA   H  N N 249 
MSE HXT  H  N N 250 
MSE HB2  H  N N 251 
MSE HB3  H  N N 252 
MSE HG2  H  N N 253 
MSE HG3  H  N N 254 
MSE HE1  H  N N 255 
MSE HE2  H  N N 256 
MSE HE3  H  N N 257 
PHE N    N  N N 258 
PHE CA   C  N S 259 
PHE C    C  N N 260 
PHE O    O  N N 261 
PHE CB   C  N N 262 
PHE CG   C  Y N 263 
PHE CD1  C  Y N 264 
PHE CD2  C  Y N 265 
PHE CE1  C  Y N 266 
PHE CE2  C  Y N 267 
PHE CZ   C  Y N 268 
PHE OXT  O  N N 269 
PHE H    H  N N 270 
PHE H2   H  N N 271 
PHE HA   H  N N 272 
PHE HB2  H  N N 273 
PHE HB3  H  N N 274 
PHE HD1  H  N N 275 
PHE HD2  H  N N 276 
PHE HE1  H  N N 277 
PHE HE2  H  N N 278 
PHE HZ   H  N N 279 
PHE HXT  H  N N 280 
PRO N    N  N N 281 
PRO CA   C  N S 282 
PRO C    C  N N 283 
PRO O    O  N N 284 
PRO CB   C  N N 285 
PRO CG   C  N N 286 
PRO CD   C  N N 287 
PRO OXT  O  N N 288 
PRO H    H  N N 289 
PRO HA   H  N N 290 
PRO HB2  H  N N 291 
PRO HB3  H  N N 292 
PRO HG2  H  N N 293 
PRO HG3  H  N N 294 
PRO HD2  H  N N 295 
PRO HD3  H  N N 296 
PRO HXT  H  N N 297 
SER N    N  N N 298 
SER CA   C  N S 299 
SER C    C  N N 300 
SER O    O  N N 301 
SER CB   C  N N 302 
SER OG   O  N N 303 
SER OXT  O  N N 304 
SER H    H  N N 305 
SER H2   H  N N 306 
SER HA   H  N N 307 
SER HB2  H  N N 308 
SER HB3  H  N N 309 
SER HG   H  N N 310 
SER HXT  H  N N 311 
THR N    N  N N 312 
THR CA   C  N S 313 
THR C    C  N N 314 
THR O    O  N N 315 
THR CB   C  N R 316 
THR OG1  O  N N 317 
THR CG2  C  N N 318 
THR OXT  O  N N 319 
THR H    H  N N 320 
THR H2   H  N N 321 
THR HA   H  N N 322 
THR HB   H  N N 323 
THR HG1  H  N N 324 
THR HG21 H  N N 325 
THR HG22 H  N N 326 
THR HG23 H  N N 327 
THR HXT  H  N N 328 
TYR N    N  N N 329 
TYR CA   C  N S 330 
TYR C    C  N N 331 
TYR O    O  N N 332 
TYR CB   C  N N 333 
TYR CG   C  Y N 334 
TYR CD1  C  Y N 335 
TYR CD2  C  Y N 336 
TYR CE1  C  Y N 337 
TYR CE2  C  Y N 338 
TYR CZ   C  Y N 339 
TYR OH   O  N N 340 
TYR OXT  O  N N 341 
TYR H    H  N N 342 
TYR H2   H  N N 343 
TYR HA   H  N N 344 
TYR HB2  H  N N 345 
TYR HB3  H  N N 346 
TYR HD1  H  N N 347 
TYR HD2  H  N N 348 
TYR HE1  H  N N 349 
TYR HE2  H  N N 350 
TYR HH   H  N N 351 
TYR HXT  H  N N 352 
VAL N    N  N N 353 
VAL CA   C  N S 354 
VAL C    C  N N 355 
VAL O    O  N N 356 
VAL CB   C  N N 357 
VAL CG1  C  N N 358 
VAL CG2  C  N N 359 
VAL OXT  O  N N 360 
VAL H    H  N N 361 
VAL H2   H  N N 362 
VAL HA   H  N N 363 
VAL HB   H  N N 364 
VAL HG11 H  N N 365 
VAL HG12 H  N N 366 
VAL HG13 H  N N 367 
VAL HG21 H  N N 368 
VAL HG22 H  N N 369 
VAL HG23 H  N N 370 
VAL HXT  H  N N 371 
# 
loop_
_chem_comp_bond.comp_id 
_chem_comp_bond.atom_id_1 
_chem_comp_bond.atom_id_2 
_chem_comp_bond.value_order 
_chem_comp_bond.pdbx_aromatic_flag 
_chem_comp_bond.pdbx_stereo_config 
_chem_comp_bond.pdbx_ordinal 
ACY C   O    doub N N 1   
ACY C   OXT  sing N N 2   
ACY C   CH3  sing N N 3   
ACY OXT HXT  sing N N 4   
ACY CH3 H1   sing N N 5   
ACY CH3 H2   sing N N 6   
ACY CH3 H3   sing N N 7   
ALA N   CA   sing N N 8   
ALA N   H    sing N N 9   
ALA N   H2   sing N N 10  
ALA CA  C    sing N N 11  
ALA CA  CB   sing N N 12  
ALA CA  HA   sing N N 13  
ALA C   O    doub N N 14  
ALA C   OXT  sing N N 15  
ALA CB  HB1  sing N N 16  
ALA CB  HB2  sing N N 17  
ALA CB  HB3  sing N N 18  
ALA OXT HXT  sing N N 19  
ARG N   CA   sing N N 20  
ARG N   H    sing N N 21  
ARG N   H2   sing N N 22  
ARG CA  C    sing N N 23  
ARG CA  CB   sing N N 24  
ARG CA  HA   sing N N 25  
ARG C   O    doub N N 26  
ARG C   OXT  sing N N 27  
ARG CB  CG   sing N N 28  
ARG CB  HB2  sing N N 29  
ARG CB  HB3  sing N N 30  
ARG CG  CD   sing N N 31  
ARG CG  HG2  sing N N 32  
ARG CG  HG3  sing N N 33  
ARG CD  NE   sing N N 34  
ARG CD  HD2  sing N N 35  
ARG CD  HD3  sing N N 36  
ARG NE  CZ   sing N N 37  
ARG NE  HE   sing N N 38  
ARG CZ  NH1  sing N N 39  
ARG CZ  NH2  doub N N 40  
ARG NH1 HH11 sing N N 41  
ARG NH1 HH12 sing N N 42  
ARG NH2 HH21 sing N N 43  
ARG NH2 HH22 sing N N 44  
ARG OXT HXT  sing N N 45  
ASN N   CA   sing N N 46  
ASN N   H    sing N N 47  
ASN N   H2   sing N N 48  
ASN CA  C    sing N N 49  
ASN CA  CB   sing N N 50  
ASN CA  HA   sing N N 51  
ASN C   O    doub N N 52  
ASN C   OXT  sing N N 53  
ASN CB  CG   sing N N 54  
ASN CB  HB2  sing N N 55  
ASN CB  HB3  sing N N 56  
ASN CG  OD1  doub N N 57  
ASN CG  ND2  sing N N 58  
ASN ND2 HD21 sing N N 59  
ASN ND2 HD22 sing N N 60  
ASN OXT HXT  sing N N 61  
ASP N   CA   sing N N 62  
ASP N   H    sing N N 63  
ASP N   H2   sing N N 64  
ASP CA  C    sing N N 65  
ASP CA  CB   sing N N 66  
ASP CA  HA   sing N N 67  
ASP C   O    doub N N 68  
ASP C   OXT  sing N N 69  
ASP CB  CG   sing N N 70  
ASP CB  HB2  sing N N 71  
ASP CB  HB3  sing N N 72  
ASP CG  OD1  doub N N 73  
ASP CG  OD2  sing N N 74  
ASP OD2 HD2  sing N N 75  
ASP OXT HXT  sing N N 76  
CYS N   CA   sing N N 77  
CYS N   H    sing N N 78  
CYS N   H2   sing N N 79  
CYS CA  C    sing N N 80  
CYS CA  CB   sing N N 81  
CYS CA  HA   sing N N 82  
CYS C   O    doub N N 83  
CYS C   OXT  sing N N 84  
CYS CB  SG   sing N N 85  
CYS CB  HB2  sing N N 86  
CYS CB  HB3  sing N N 87  
CYS SG  HG   sing N N 88  
CYS OXT HXT  sing N N 89  
GLN N   CA   sing N N 90  
GLN N   H    sing N N 91  
GLN N   H2   sing N N 92  
GLN CA  C    sing N N 93  
GLN CA  CB   sing N N 94  
GLN CA  HA   sing N N 95  
GLN C   O    doub N N 96  
GLN C   OXT  sing N N 97  
GLN CB  CG   sing N N 98  
GLN CB  HB2  sing N N 99  
GLN CB  HB3  sing N N 100 
GLN CG  CD   sing N N 101 
GLN CG  HG2  sing N N 102 
GLN CG  HG3  sing N N 103 
GLN CD  OE1  doub N N 104 
GLN CD  NE2  sing N N 105 
GLN NE2 HE21 sing N N 106 
GLN NE2 HE22 sing N N 107 
GLN OXT HXT  sing N N 108 
GLU N   CA   sing N N 109 
GLU N   H    sing N N 110 
GLU N   H2   sing N N 111 
GLU CA  C    sing N N 112 
GLU CA  CB   sing N N 113 
GLU CA  HA   sing N N 114 
GLU C   O    doub N N 115 
GLU C   OXT  sing N N 116 
GLU CB  CG   sing N N 117 
GLU CB  HB2  sing N N 118 
GLU CB  HB3  sing N N 119 
GLU CG  CD   sing N N 120 
GLU CG  HG2  sing N N 121 
GLU CG  HG3  sing N N 122 
GLU CD  OE1  doub N N 123 
GLU CD  OE2  sing N N 124 
GLU OE2 HE2  sing N N 125 
GLU OXT HXT  sing N N 126 
GLY N   CA   sing N N 127 
GLY N   H    sing N N 128 
GLY N   H2   sing N N 129 
GLY CA  C    sing N N 130 
GLY CA  HA2  sing N N 131 
GLY CA  HA3  sing N N 132 
GLY C   O    doub N N 133 
GLY C   OXT  sing N N 134 
GLY OXT HXT  sing N N 135 
HIS N   CA   sing N N 136 
HIS N   H    sing N N 137 
HIS N   H2   sing N N 138 
HIS CA  C    sing N N 139 
HIS CA  CB   sing N N 140 
HIS CA  HA   sing N N 141 
HIS C   O    doub N N 142 
HIS C   OXT  sing N N 143 
HIS CB  CG   sing N N 144 
HIS CB  HB2  sing N N 145 
HIS CB  HB3  sing N N 146 
HIS CG  ND1  sing Y N 147 
HIS CG  CD2  doub Y N 148 
HIS ND1 CE1  doub Y N 149 
HIS ND1 HD1  sing N N 150 
HIS CD2 NE2  sing Y N 151 
HIS CD2 HD2  sing N N 152 
HIS CE1 NE2  sing Y N 153 
HIS CE1 HE1  sing N N 154 
HIS NE2 HE2  sing N N 155 
HIS OXT HXT  sing N N 156 
HOH O   H1   sing N N 157 
HOH O   H2   sing N N 158 
ILE N   CA   sing N N 159 
ILE N   H    sing N N 160 
ILE N   H2   sing N N 161 
ILE CA  C    sing N N 162 
ILE CA  CB   sing N N 163 
ILE CA  HA   sing N N 164 
ILE C   O    doub N N 165 
ILE C   OXT  sing N N 166 
ILE CB  CG1  sing N N 167 
ILE CB  CG2  sing N N 168 
ILE CB  HB   sing N N 169 
ILE CG1 CD1  sing N N 170 
ILE CG1 HG12 sing N N 171 
ILE CG1 HG13 sing N N 172 
ILE CG2 HG21 sing N N 173 
ILE CG2 HG22 sing N N 174 
ILE CG2 HG23 sing N N 175 
ILE CD1 HD11 sing N N 176 
ILE CD1 HD12 sing N N 177 
ILE CD1 HD13 sing N N 178 
ILE OXT HXT  sing N N 179 
LEU N   CA   sing N N 180 
LEU N   H    sing N N 181 
LEU N   H2   sing N N 182 
LEU CA  C    sing N N 183 
LEU CA  CB   sing N N 184 
LEU CA  HA   sing N N 185 
LEU C   O    doub N N 186 
LEU C   OXT  sing N N 187 
LEU CB  CG   sing N N 188 
LEU CB  HB2  sing N N 189 
LEU CB  HB3  sing N N 190 
LEU CG  CD1  sing N N 191 
LEU CG  CD2  sing N N 192 
LEU CG  HG   sing N N 193 
LEU CD1 HD11 sing N N 194 
LEU CD1 HD12 sing N N 195 
LEU CD1 HD13 sing N N 196 
LEU CD2 HD21 sing N N 197 
LEU CD2 HD22 sing N N 198 
LEU CD2 HD23 sing N N 199 
LEU OXT HXT  sing N N 200 
LYS N   CA   sing N N 201 
LYS N   H    sing N N 202 
LYS N   H2   sing N N 203 
LYS CA  C    sing N N 204 
LYS CA  CB   sing N N 205 
LYS CA  HA   sing N N 206 
LYS C   O    doub N N 207 
LYS C   OXT  sing N N 208 
LYS CB  CG   sing N N 209 
LYS CB  HB2  sing N N 210 
LYS CB  HB3  sing N N 211 
LYS CG  CD   sing N N 212 
LYS CG  HG2  sing N N 213 
LYS CG  HG3  sing N N 214 
LYS CD  CE   sing N N 215 
LYS CD  HD2  sing N N 216 
LYS CD  HD3  sing N N 217 
LYS CE  NZ   sing N N 218 
LYS CE  HE2  sing N N 219 
LYS CE  HE3  sing N N 220 
LYS NZ  HZ1  sing N N 221 
LYS NZ  HZ2  sing N N 222 
LYS NZ  HZ3  sing N N 223 
LYS OXT HXT  sing N N 224 
MSE N   CA   sing N N 225 
MSE N   H    sing N N 226 
MSE N   H2   sing N N 227 
MSE CA  C    sing N N 228 
MSE CA  CB   sing N N 229 
MSE CA  HA   sing N N 230 
MSE C   O    doub N N 231 
MSE C   OXT  sing N N 232 
MSE OXT HXT  sing N N 233 
MSE CB  CG   sing N N 234 
MSE CB  HB2  sing N N 235 
MSE CB  HB3  sing N N 236 
MSE CG  SE   sing N N 237 
MSE CG  HG2  sing N N 238 
MSE CG  HG3  sing N N 239 
MSE SE  CE   sing N N 240 
MSE CE  HE1  sing N N 241 
MSE CE  HE2  sing N N 242 
MSE CE  HE3  sing N N 243 
PHE N   CA   sing N N 244 
PHE N   H    sing N N 245 
PHE N   H2   sing N N 246 
PHE CA  C    sing N N 247 
PHE CA  CB   sing N N 248 
PHE CA  HA   sing N N 249 
PHE C   O    doub N N 250 
PHE C   OXT  sing N N 251 
PHE CB  CG   sing N N 252 
PHE CB  HB2  sing N N 253 
PHE CB  HB3  sing N N 254 
PHE CG  CD1  doub Y N 255 
PHE CG  CD2  sing Y N 256 
PHE CD1 CE1  sing Y N 257 
PHE CD1 HD1  sing N N 258 
PHE CD2 CE2  doub Y N 259 
PHE CD2 HD2  sing N N 260 
PHE CE1 CZ   doub Y N 261 
PHE CE1 HE1  sing N N 262 
PHE CE2 CZ   sing Y N 263 
PHE CE2 HE2  sing N N 264 
PHE CZ  HZ   sing N N 265 
PHE OXT HXT  sing N N 266 
PRO N   CA   sing N N 267 
PRO N   CD   sing N N 268 
PRO N   H    sing N N 269 
PRO CA  C    sing N N 270 
PRO CA  CB   sing N N 271 
PRO CA  HA   sing N N 272 
PRO C   O    doub N N 273 
PRO C   OXT  sing N N 274 
PRO CB  CG   sing N N 275 
PRO CB  HB2  sing N N 276 
PRO CB  HB3  sing N N 277 
PRO CG  CD   sing N N 278 
PRO CG  HG2  sing N N 279 
PRO CG  HG3  sing N N 280 
PRO CD  HD2  sing N N 281 
PRO CD  HD3  sing N N 282 
PRO OXT HXT  sing N N 283 
SER N   CA   sing N N 284 
SER N   H    sing N N 285 
SER N   H2   sing N N 286 
SER CA  C    sing N N 287 
SER CA  CB   sing N N 288 
SER CA  HA   sing N N 289 
SER C   O    doub N N 290 
SER C   OXT  sing N N 291 
SER CB  OG   sing N N 292 
SER CB  HB2  sing N N 293 
SER CB  HB3  sing N N 294 
SER OG  HG   sing N N 295 
SER OXT HXT  sing N N 296 
THR N   CA   sing N N 297 
THR N   H    sing N N 298 
THR N   H2   sing N N 299 
THR CA  C    sing N N 300 
THR CA  CB   sing N N 301 
THR CA  HA   sing N N 302 
THR C   O    doub N N 303 
THR C   OXT  sing N N 304 
THR CB  OG1  sing N N 305 
THR CB  CG2  sing N N 306 
THR CB  HB   sing N N 307 
THR OG1 HG1  sing N N 308 
THR CG2 HG21 sing N N 309 
THR CG2 HG22 sing N N 310 
THR CG2 HG23 sing N N 311 
THR OXT HXT  sing N N 312 
TYR N   CA   sing N N 313 
TYR N   H    sing N N 314 
TYR N   H2   sing N N 315 
TYR CA  C    sing N N 316 
TYR CA  CB   sing N N 317 
TYR CA  HA   sing N N 318 
TYR C   O    doub N N 319 
TYR C   OXT  sing N N 320 
TYR CB  CG   sing N N 321 
TYR CB  HB2  sing N N 322 
TYR CB  HB3  sing N N 323 
TYR CG  CD1  doub Y N 324 
TYR CG  CD2  sing Y N 325 
TYR CD1 CE1  sing Y N 326 
TYR CD1 HD1  sing N N 327 
TYR CD2 CE2  doub Y N 328 
TYR CD2 HD2  sing N N 329 
TYR CE1 CZ   doub Y N 330 
TYR CE1 HE1  sing N N 331 
TYR CE2 CZ   sing Y N 332 
TYR CE2 HE2  sing N N 333 
TYR CZ  OH   sing N N 334 
TYR OH  HH   sing N N 335 
TYR OXT HXT  sing N N 336 
VAL N   CA   sing N N 337 
VAL N   H    sing N N 338 
VAL N   H2   sing N N 339 
VAL CA  C    sing N N 340 
VAL CA  CB   sing N N 341 
VAL CA  HA   sing N N 342 
VAL C   O    doub N N 343 
VAL C   OXT  sing N N 344 
VAL CB  CG1  sing N N 345 
VAL CB  CG2  sing N N 346 
VAL CB  HB   sing N N 347 
VAL CG1 HG11 sing N N 348 
VAL CG1 HG12 sing N N 349 
VAL CG1 HG13 sing N N 350 
VAL CG2 HG21 sing N N 351 
VAL CG2 HG22 sing N N 352 
VAL CG2 HG23 sing N N 353 
VAL OXT HXT  sing N N 354 
# 
_pdbx_initial_refinement_model.id               1 
_pdbx_initial_refinement_model.entity_id_list   ? 
_pdbx_initial_refinement_model.type             'experimental model' 
_pdbx_initial_refinement_model.source_name      PDB 
_pdbx_initial_refinement_model.accession_code   3EN2 
_pdbx_initial_refinement_model.details          'PDB entry 3EN2' 
# 
_atom_sites.entry_id                    4FDB 
_atom_sites.fract_transf_matrix[1][1]   0.00703564 
_atom_sites.fract_transf_matrix[1][2]   0.00862738 
_atom_sites.fract_transf_matrix[1][3]   -0.00873768 
_atom_sites.fract_transf_matrix[2][1]   -0.01197911 
_atom_sites.fract_transf_matrix[2][2]   0.00260967 
_atom_sites.fract_transf_matrix[2][3]   -0.00706893 
_atom_sites.fract_transf_matrix[3][1]   -0.00135097 
_atom_sites.fract_transf_matrix[3][2]   0.00546291 
_atom_sites.fract_transf_matrix[3][3]   0.00430614 
_atom_sites.fract_transf_vector[1]      0.318824 
_atom_sites.fract_transf_vector[2]      -0.176213 
_atom_sites.fract_transf_vector[3]      0.046557 
# 
loop_
_atom_type.symbol 
C  
N  
O  
S  
SE 
# 
loop_
_atom_site.group_PDB 
_atom_site.id 
_atom_site.type_symbol 
_atom_site.label_atom_id 
_atom_site.label_alt_id 
_atom_site.label_comp_id 
_atom_site.label_asym_id 
_atom_site.label_entity_id 
_atom_site.label_seq_id 
_atom_site.pdbx_PDB_ins_code 
_atom_site.Cartn_x 
_atom_site.Cartn_y 
_atom_site.Cartn_z 
_atom_site.occupancy 
_atom_site.B_iso_or_equiv 
_atom_site.pdbx_formal_charge 
_atom_site.auth_seq_id 
_atom_site.auth_comp_id 
_atom_site.auth_asym_id 
_atom_site.auth_atom_id 
_atom_site.pdbx_PDB_model_num 
ATOM   1   N  N   . ALA A 1 1  ? -2.486  -18.550 -9.145  1.00 39.03  ? 2   ALA A N   1 
ATOM   2   C  CA  . ALA A 1 1  ? -2.009  -18.670 -7.772  1.00 38.20  ? 2   ALA A CA  1 
ATOM   3   C  C   . ALA A 1 1  ? -2.364  -17.426 -6.968  1.00 29.51  ? 2   ALA A C   1 
ATOM   4   O  O   . ALA A 1 1  ? -2.119  -16.295 -7.401  1.00 25.24  ? 2   ALA A O   1 
ATOM   5   C  CB  . ALA A 1 1  ? -0.505  -18.909 -7.753  1.00 36.11  ? 2   ALA A CB  1 
ATOM   6   N  N   . ILE A 1 2  ? -2.949  -17.612 -5.791  1.00 25.27  ? 3   ILE A N   1 
ATOM   7   C  CA  A ILE A 1 2  ? -3.319  -16.448 -4.991  0.50 22.99  ? 3   ILE A CA  1 
ATOM   8   C  CA  B ILE A 1 2  ? -3.314  -16.482 -4.940  0.50 23.01  ? 3   ILE A CA  1 
ATOM   9   C  C   . ILE A 1 2  ? -2.088  -15.664 -4.543  1.00 21.03  ? 3   ILE A C   1 
ATOM   10  O  O   . ILE A 1 2  ? -1.047  -16.222 -4.235  1.00 21.36  ? 3   ILE A O   1 
ATOM   11  C  CB  A ILE A 1 2  ? -4.228  -16.791 -3.782  0.50 25.43  ? 3   ILE A CB  1 
ATOM   12  C  CB  B ILE A 1 2  ? -4.041  -16.964 -3.668  0.50 23.28  ? 3   ILE A CB  1 
ATOM   13  C  CG1 A ILE A 1 2  ? -4.886  -15.515 -3.236  0.50 24.72  ? 3   ILE A CG1 1 
ATOM   14  C  CG1 B ILE A 1 2  ? -5.312  -17.725 -4.049  0.50 25.54  ? 3   ILE A CG1 1 
ATOM   15  C  CG2 A ILE A 1 2  ? -3.442  -17.470 -2.685  0.50 23.21  ? 3   ILE A CG2 1 
ATOM   16  C  CG2 B ILE A 1 2  ? -4.372  -15.786 -2.752  0.50 22.57  ? 3   ILE A CG2 1 
ATOM   17  C  CD1 A ILE A 1 2  ? -5.878  -15.759 -2.119  0.50 27.31  ? 3   ILE A CD1 1 
ATOM   18  C  CD1 B ILE A 1 2  ? -5.901  -18.546 -2.920  0.50 28.88  ? 3   ILE A CD1 1 
ATOM   19  N  N   . ASN A 1 3  ? -2.227  -14.343 -4.553  1.00 19.27  ? 4   ASN A N   1 
ATOM   20  C  CA  . ASN A 1 3  ? -1.195  -13.422 -4.083  1.00 17.51  ? 4   ASN A CA  1 
ATOM   21  C  C   . ASN A 1 3  ? -2.006  -12.227 -3.662  1.00 17.27  ? 4   ASN A C   1 
ATOM   22  O  O   . ASN A 1 3  ? -2.343  -11.385 -4.491  1.00 16.42  ? 4   ASN A O   1 
ATOM   23  C  CB  . ASN A 1 3  ? -0.228  -13.089 -5.230  1.00 17.81  ? 4   ASN A CB  1 
ATOM   24  C  CG  . ASN A 1 3  ? 0.654   -11.854 -4.957  1.00 16.08  ? 4   ASN A CG  1 
ATOM   25  O  OD1 . ASN A 1 3  ? 0.715   -11.314 -3.847  1.00 16.21  ? 4   ASN A OD1 1 
ATOM   26  N  ND2 . ASN A 1 3  ? 1.320   -11.390 -6.007  1.00 16.40  ? 4   ASN A ND2 1 
ATOM   27  N  N   . ARG A 1 4  ? -2.348  -12.173 -2.375  1.00 15.53  ? 5   ARG A N   1 
ATOM   28  C  CA  . ARG A 1 4  ? -3.253  -11.123 -1.886  1.00 14.65  ? 5   ARG A CA  1 
ATOM   29  C  C   . ARG A 1 4  ? -2.842  -10.662 -0.506  1.00 13.62  ? 5   ARG A C   1 
ATOM   30  O  O   . ARG A 1 4  ? -2.795  -11.460 0.427   1.00 14.74  ? 5   ARG A O   1 
ATOM   31  C  CB  . ARG A 1 4  ? -4.687  -11.663 -1.837  1.00 21.24  ? 5   ARG A CB  1 
ATOM   32  C  CG  . ARG A 1 4  ? -5.732  -10.659 -1.359  1.00 23.06  ? 5   ARG A CG  1 
ATOM   33  C  CD  . ARG A 1 4  ? -7.144  -11.151 -1.660  1.00 34.60  ? 5   ARG A CD  1 
ATOM   34  N  NE  . ARG A 1 4  ? -8.158  -10.167 -1.290  1.00 44.77  ? 5   ARG A NE  1 
ATOM   35  C  CZ  . ARG A 1 4  ? -8.959  -10.273 -0.232  1.00 50.03  ? 5   ARG A CZ  1 
ATOM   36  N  NH1 . ARG A 1 4  ? -9.851  -9.325  0.025   1.00 49.26  ? 5   ARG A NH1 1 
ATOM   37  N  NH2 . ARG A 1 4  ? -8.876  -11.332 0.564   1.00 53.78  ? 5   ARG A NH2 1 
ATOM   38  N  N   . LEU A 1 5  ? -2.554  -9.369  -0.387  1.00 12.36  ? 6   LEU A N   1 
ATOM   39  C  CA  . LEU A 1 5  ? -2.189  -8.765  0.880   1.00 13.04  ? 6   LEU A CA  1 
ATOM   40  C  C   . LEU A 1 5  ? -3.323  -7.836  1.306   1.00 14.23  ? 6   LEU A C   1 
ATOM   41  O  O   . LEU A 1 5  ? -3.806  -7.039  0.501   1.00 14.19  ? 6   LEU A O   1 
ATOM   42  C  CB  . LEU A 1 5  ? -0.904  -7.943  0.729   1.00 12.99  ? 6   LEU A CB  1 
ATOM   43  C  CG  . LEU A 1 5  ? -0.493  -7.183  2.006   1.00 13.69  ? 6   LEU A CG  1 
ATOM   44  C  CD1 . LEU A 1 5  ? -0.185  -8.170  3.127   1.00 15.24  ? 6   LEU A CD1 1 
ATOM   45  C  CD2 . LEU A 1 5  ? 0.707   -6.268  1.782   1.00 18.94  ? 6   LEU A CD2 1 
ATOM   46  N  N   . GLN A 1 6  ? -3.760  -7.970  2.553   1.00 15.69  ? 7   GLN A N   1 
ATOM   47  C  CA  . GLN A 1 6  ? -4.693  -7.017  3.158   1.00 14.03  ? 7   GLN A CA  1 
ATOM   48  C  C   . GLN A 1 6  ? -3.931  -6.318  4.259   1.00 15.85  ? 7   GLN A C   1 
ATOM   49  O  O   . GLN A 1 6  ? -3.326  -6.968  5.094   1.00 14.77  ? 7   GLN A O   1 
ATOM   50  C  CB  . GLN A 1 6  ? -5.869  -7.749  3.783   1.00 16.89  ? 7   GLN A CB  1 
ATOM   51  C  CG  . GLN A 1 6  ? -6.698  -8.587  2.832   1.00 20.83  ? 7   GLN A CG  1 
ATOM   52  C  CD  . GLN A 1 6  ? -7.625  -9.511  3.583   1.00 28.37  ? 7   GLN A CD  1 
ATOM   53  O  OE1 . GLN A 1 6  ? -7.275  -10.652 3.886   1.00 30.32  ? 7   GLN A OE1 1 
ATOM   54  N  NE2 . GLN A 1 6  ? -8.813  -9.014  3.913   1.00 26.48  ? 7   GLN A NE2 1 
ATOM   55  N  N   . LEU A 1 7  ? -3.964  -4.992  4.271   1.00 13.13  ? 8   LEU A N   1 
ATOM   56  C  CA  . LEU A 1 7  ? -3.151  -4.263  5.214   1.00 14.38  ? 8   LEU A CA  1 
ATOM   57  C  C   . LEU A 1 7  ? -3.886  -2.994  5.600   1.00 16.07  ? 8   LEU A C   1 
ATOM   58  O  O   . LEU A 1 7  ? -4.368  -2.277  4.731   1.00 16.05  ? 8   LEU A O   1 
ATOM   59  C  CB  . LEU A 1 7  ? -1.800  -3.921  4.584   1.00 16.72  ? 8   LEU A CB  1 
ATOM   60  C  CG  . LEU A 1 7  ? -0.703  -3.446  5.554   1.00 20.10  ? 8   LEU A CG  1 
ATOM   61  C  CD1 . LEU A 1 7  ? -0.300  -4.583  6.485   1.00 18.16  ? 8   LEU A CD1 1 
ATOM   62  C  CD2 . LEU A 1 7  ? 0.508   -2.953  4.797   1.00 20.18  ? 8   LEU A CD2 1 
ATOM   63  N  N   . VAL A 1 8  ? -4.008  -2.750  6.897   1.00 11.71  ? 9   VAL A N   1 
ATOM   64  C  CA  . VAL A 1 8  ? -4.476  -1.452  7.371   1.00 12.27  ? 9   VAL A CA  1 
ATOM   65  C  C   . VAL A 1 8  ? -3.246  -0.683  7.817   1.00 18.78  ? 9   VAL A C   1 
ATOM   66  O  O   . VAL A 1 8  ? -2.537  -1.125  8.711   1.00 16.05  ? 9   VAL A O   1 
ATOM   67  C  CB  . VAL A 1 8  ? -5.436  -1.600  8.546   1.00 16.04  ? 9   VAL A CB  1 
ATOM   68  C  CG1 . VAL A 1 8  ? -5.661  -0.240  9.227   1.00 20.30  ? 9   VAL A CG1 1 
ATOM   69  C  CG2 . VAL A 1 8  ? -6.749  -2.187  8.067   1.00 23.01  ? 9   VAL A CG2 1 
ATOM   70  N  N   . ALA A 1 9  ? -2.987  0.464   7.198   1.00 14.16  ? 10  ALA A N   1 
ATOM   71  C  CA  . ALA A 1 9  ? -1.706  1.129   7.407   1.00 15.11  ? 10  ALA A CA  1 
ATOM   72  C  C   . ALA A 1 9  ? -1.825  2.622   7.167   1.00 15.05  ? 10  ALA A C   1 
ATOM   73  O  O   . ALA A 1 9  ? -2.737  3.077   6.488   1.00 17.05  ? 10  ALA A O   1 
ATOM   74  C  CB  . ALA A 1 9  ? -0.650  0.533   6.487   1.00 19.37  ? 10  ALA A CB  1 
ATOM   75  N  N   . THR A 1 10 ? -0.890  3.376   7.734   1.00 12.86  ? 11  THR A N   1 
ATOM   76  C  CA  . THR A 1 10 ? -0.893  4.823   7.624   1.00 13.83  ? 11  THR A CA  1 
ATOM   77  C  C   . THR A 1 10 ? -0.087  5.258   6.407   1.00 15.06  ? 11  THR A C   1 
ATOM   78  O  O   . THR A 1 10 ? 1.026   4.789   6.196   1.00 14.53  ? 11  THR A O   1 
ATOM   79  C  CB  . THR A 1 10 ? -0.267  5.435   8.881   1.00 14.20  ? 11  THR A CB  1 
ATOM   80  O  OG1 . THR A 1 10 ? -1.025  5.020   10.022  1.00 18.68  ? 11  THR A OG1 1 
ATOM   81  C  CG2 . THR A 1 10 ? -0.242  6.962   8.801   1.00 17.28  ? 11  THR A CG2 1 
ATOM   82  N  N   . LEU A 1 11 ? -0.646  6.160   5.600   1.00 14.35  ? 12  LEU A N   1 
ATOM   83  C  CA  . LEU A 1 11 ? 0.118   6.718   4.489   1.00 17.14  ? 12  LEU A CA  1 
ATOM   84  C  C   . LEU A 1 11 ? 1.169   7.667   5.050   1.00 18.87  ? 12  LEU A C   1 
ATOM   85  O  O   . LEU A 1 11 ? 0.828   8.639   5.693   1.00 17.83  ? 12  LEU A O   1 
ATOM   86  C  CB  . LEU A 1 11 ? -0.791  7.482   3.535   1.00 18.27  ? 12  LEU A CB  1 
ATOM   87  C  CG  . LEU A 1 11 ? -0.028  8.192   2.414   1.00 17.42  ? 12  LEU A CG  1 
ATOM   88  C  CD1 . LEU A 1 11 ? 0.584   7.168   1.501   1.00 17.07  ? 12  LEU A CD1 1 
ATOM   89  C  CD2 . LEU A 1 11 ? -0.928  9.151   1.635   1.00 19.11  ? 12  LEU A CD2 1 
ATOM   90  N  N   . VAL A 1 12 ? 2.446   7.375   4.816   1.00 13.11  ? 13  VAL A N   1 
ATOM   91  C  CA  . VAL A 1 12 ? 3.526   8.193   5.364   1.00 13.79  ? 13  VAL A CA  1 
ATOM   92  C  C   . VAL A 1 12 ? 3.940   9.278   4.384   1.00 14.43  ? 13  VAL A C   1 
ATOM   93  O  O   . VAL A 1 12 ? 4.117   10.447  4.728   1.00 17.84  ? 13  VAL A O   1 
ATOM   94  C  CB  . VAL A 1 12 ? 4.774   7.300   5.641   1.00 17.44  ? 13  VAL A CB  1 
ATOM   95  C  CG1 . VAL A 1 12 ? 5.915   8.132   6.193   1.00 20.35  ? 13  VAL A CG1 1 
ATOM   96  C  CG2 . VAL A 1 12 ? 4.425   6.170   6.592   1.00 21.56  ? 13  VAL A CG2 1 
ATOM   97  N  N   . GLU A 1 13 ? 4.131   8.872   3.134   1.00 16.42  ? 14  GLU A N   1 
ATOM   98  C  CA  . GLU A 1 13 ? 4.493   9.847   2.134   1.00 16.21  ? 14  GLU A CA  1 
ATOM   99  C  C   . GLU A 1 13 ? 4.143   9.302   0.771   1.00 14.43  ? 14  GLU A C   1 
ATOM   100 O  O   . GLU A 1 13 ? 3.949   8.099   0.589   1.00 15.55  ? 14  GLU A O   1 
ATOM   101 C  CB  . GLU A 1 13 ? 5.981   10.191  2.214   1.00 21.65  ? 14  GLU A CB  1 
ATOM   102 C  CG  . GLU A 1 13 ? 6.895   8.994   2.258   1.00 24.03  ? 14  GLU A CG  1 
ATOM   103 C  CD  . GLU A 1 13 ? 8.361   9.385   2.420   1.00 32.14  ? 14  GLU A CD  1 
ATOM   104 O  OE1 . GLU A 1 13 ? 8.741   9.950   3.476   1.00 28.95  ? 14  GLU A OE1 1 
ATOM   105 O  OE2 . GLU A 1 13 ? 9.145   9.127   1.482   1.00 33.76  ? 14  GLU A OE2 1 
ATOM   106 N  N   . ARG A 1 14 ? 4.034   10.199  -0.187  1.00 14.30  ? 15  ARG A N   1 
ATOM   107 C  CA  . ARG A 1 14 ? 3.824   9.750   -1.559  1.00 15.81  ? 15  ARG A CA  1 
ATOM   108 C  C   . ARG A 1 14 ? 4.639   10.599  -2.507  1.00 18.00  ? 15  ARG A C   1 
ATOM   109 O  O   . ARG A 1 14 ? 4.955   11.752  -2.203  1.00 20.77  ? 15  ARG A O   1 
ATOM   110 C  CB  . ARG A 1 14 ? 2.334   9.722   -1.929  1.00 17.65  ? 15  ARG A CB  1 
ATOM   111 C  CG  . ARG A 1 14 ? 1.561   10.948  -1.557  1.00 20.09  ? 15  ARG A CG  1 
ATOM   112 C  CD  . ARG A 1 14 ? 0.110   10.869  -2.044  1.00 20.53  ? 15  ARG A CD  1 
ATOM   113 N  NE  . ARG A 1 14 ? -0.684  11.980  -1.500  1.00 19.02  ? 15  ARG A NE  1 
ATOM   114 C  CZ  . ARG A 1 14 ? -0.729  13.196  -2.025  1.00 23.49  ? 15  ARG A CZ  1 
ATOM   115 N  NH1 . ARG A 1 14 ? -0.039  13.480  -3.128  1.00 25.50  ? 15  ARG A NH1 1 
ATOM   116 N  NH2 . ARG A 1 14 ? -1.475  14.134  -1.456  1.00 24.46  ? 15  ARG A NH2 1 
ATOM   117 N  N   . GLU A 1 15 ? 5.028   9.997   -3.627  1.00 18.04  ? 16  GLU A N   1 
ATOM   118 C  CA  . GLU A 1 15 ? 5.824   10.673  -4.633  1.00 19.77  ? 16  GLU A CA  1 
ATOM   119 C  C   . GLU A 1 15 ? 4.923   11.359  -5.644  1.00 18.98  ? 16  GLU A C   1 
ATOM   120 O  O   . GLU A 1 15 ? 3.740   11.033  -5.753  1.00 18.65  ? 16  GLU A O   1 
ATOM   121 C  CB  . GLU A 1 15 ? 6.697   9.656   -5.367  1.00 21.18  ? 16  GLU A CB  1 
ATOM   122 C  CG  . GLU A 1 15 ? 7.604   8.840   -4.464  1.00 27.88  ? 16  GLU A CG  1 
ATOM   123 C  CD  . GLU A 1 15 ? 8.642   9.692   -3.770  1.00 40.65  ? 16  GLU A CD  1 
ATOM   124 O  OE1 . GLU A 1 15 ? 9.107   10.675  -4.383  1.00 47.26  ? 16  GLU A OE1 1 
ATOM   125 O  OE2 . GLU A 1 15 ? 8.991   9.390   -2.610  1.00 44.37  ? 16  GLU A OE2 1 
ATOM   126 N  N   . VAL A 1 16 ? 5.493   12.302  -6.387  1.00 19.60  ? 17  VAL A N   1 
ATOM   127 C  CA  . VAL A 1 16 ? 4.767   12.979  -7.452  1.00 21.05  ? 17  VAL A CA  1 
ATOM   128 C  C   . VAL A 1 16 ? 4.348   11.907  -8.450  1.00 19.87  ? 17  VAL A C   1 
ATOM   129 O  O   . VAL A 1 16 ? 5.086   10.962  -8.670  1.00 19.37  ? 17  VAL A O   1 
ATOM   130 C  CB  . VAL A 1 16 ? 5.658   14.023  -8.150  1.00 24.45  ? 17  VAL A CB  1 
ATOM   131 C  CG1 . VAL A 1 16 ? 4.967   14.606  -9.371  1.00 29.15  ? 17  VAL A CG1 1 
ATOM   132 C  CG2 . VAL A 1 16 ? 6.018   15.137  -7.178  1.00 29.79  ? 17  VAL A CG2 1 
HETATM 133 N  N   . MSE A 1 17 ? 3.151   12.042  -9.011  1.00 20.22  ? 18  MSE A N   1 
HETATM 134 C  CA  . MSE A 1 17 ? 2.658   11.109  -10.019 1.00 20.10  ? 18  MSE A CA  1 
HETATM 135 C  C   . MSE A 1 17 ? 3.599   11.034  -11.216 1.00 20.89  ? 18  MSE A C   1 
HETATM 136 O  O   . MSE A 1 17 ? 4.103   12.057  -11.694 1.00 22.67  ? 18  MSE A O   1 
HETATM 137 C  CB  . MSE A 1 17 ? 1.273   11.564  -10.482 1.00 21.35  ? 18  MSE A CB  1 
HETATM 138 C  CG  . MSE A 1 17 ? 0.634   10.722  -11.562 1.00 20.68  ? 18  MSE A CG  1 
HETATM 139 SE SE  . MSE A 1 17 ? -1.177  11.400  -11.894 1.00 33.69  ? 18  MSE A SE  1 
HETATM 140 C  CE  . MSE A 1 17 ? -1.974  10.799  -10.217 1.00 20.88  ? 18  MSE A CE  1 
ATOM   141 N  N   . ARG A 1 18 ? 3.834   9.813   -11.689 1.00 20.41  ? 19  ARG A N   1 
ATOM   142 C  CA  . ARG A 1 18 ? 4.602   9.571   -12.905 1.00 24.79  ? 19  ARG A CA  1 
ATOM   143 C  C   . ARG A 1 18 ? 3.764   8.678   -13.819 1.00 22.18  ? 19  ARG A C   1 
ATOM   144 O  O   . ARG A 1 18 ? 2.681   8.241   -13.438 1.00 21.07  ? 19  ARG A O   1 
ATOM   145 C  CB  . ARG A 1 18 ? 5.934   8.891   -12.577 1.00 24.97  ? 19  ARG A CB  1 
ATOM   146 C  CG  . ARG A 1 18 ? 5.787   7.533   -11.923 1.00 26.26  ? 19  ARG A CG  1 
ATOM   147 C  CD  . ARG A 1 18 ? 7.149   6.957   -11.561 1.00 24.76  ? 19  ARG A CD  1 
ATOM   148 N  NE  . ARG A 1 18 ? 7.033   5.732   -10.782 1.00 24.67  ? 19  ARG A NE  1 
ATOM   149 C  CZ  . ARG A 1 18 ? 6.996   4.511   -11.307 1.00 29.51  ? 19  ARG A CZ  1 
ATOM   150 N  NH1 . ARG A 1 18 ? 7.055   4.352   -12.622 1.00 27.23  ? 19  ARG A NH1 1 
ATOM   151 N  NH2 . ARG A 1 18 ? 6.899   3.449   -10.520 1.00 29.68  ? 19  ARG A NH2 1 
ATOM   152 N  N   . TYR A 1 19 ? 4.258   8.416   -15.023 1.00 23.96  ? 20  TYR A N   1 
ATOM   153 C  CA  . TYR A 1 19 ? 3.476   7.681   -16.003 1.00 24.66  ? 20  TYR A CA  1 
ATOM   154 C  C   . TYR A 1 19 ? 4.321   6.598   -16.648 1.00 29.13  ? 20  TYR A C   1 
ATOM   155 O  O   . TYR A 1 19 ? 5.511   6.795   -16.887 1.00 26.71  ? 20  TYR A O   1 
ATOM   156 C  CB  . TYR A 1 19 ? 2.942   8.630   -17.082 1.00 26.86  ? 20  TYR A CB  1 
ATOM   157 C  CG  . TYR A 1 19 ? 2.103   9.743   -16.503 1.00 28.24  ? 20  TYR A CG  1 
ATOM   158 C  CD1 . TYR A 1 19 ? 0.715   9.682   -16.528 1.00 29.10  ? 20  TYR A CD1 1 
ATOM   159 C  CD2 . TYR A 1 19 ? 2.701   10.840  -15.898 1.00 28.75  ? 20  TYR A CD2 1 
ATOM   160 C  CE1 . TYR A 1 19 ? -0.055  10.694  -15.970 1.00 26.22  ? 20  TYR A CE1 1 
ATOM   161 C  CE2 . TYR A 1 19 ? 1.942   11.849  -15.336 1.00 27.05  ? 20  TYR A CE2 1 
ATOM   162 C  CZ  . TYR A 1 19 ? 0.570   11.771  -15.376 1.00 27.31  ? 20  TYR A CZ  1 
ATOM   163 O  OH  . TYR A 1 19 ? -0.173  12.786  -14.818 1.00 27.32  ? 20  TYR A OH  1 
ATOM   164 N  N   . THR A 1 20 ? 3.700   5.456   -16.911 1.00 27.57  ? 21  THR A N   1 
ATOM   165 C  CA  . THR A 1 20 ? 4.325   4.432   -17.746 1.00 30.71  ? 21  THR A CA  1 
ATOM   166 C  C   . THR A 1 20 ? 4.389   4.924   -19.188 1.00 33.68  ? 21  THR A C   1 
ATOM   167 O  O   . THR A 1 20 ? 3.739   5.906   -19.553 1.00 33.77  ? 21  THR A O   1 
ATOM   168 C  CB  . THR A 1 20 ? 3.518   3.121   -17.732 1.00 26.84  ? 21  THR A CB  1 
ATOM   169 O  OG1 . THR A 1 20 ? 2.317   3.297   -18.496 1.00 28.98  ? 21  THR A OG1 1 
ATOM   170 C  CG2 . THR A 1 20 ? 3.195   2.694   -16.317 1.00 28.16  ? 21  THR A CG2 1 
ATOM   171 N  N   . PRO A 1 21 ? 5.179   4.243   -20.033 1.00 39.62  ? 22  PRO A N   1 
ATOM   172 C  CA  . PRO A 1 21 ? 5.175   4.586   -21.458 1.00 42.99  ? 22  PRO A CA  1 
ATOM   173 C  C   . PRO A 1 21 ? 3.782   4.569   -22.111 1.00 43.54  ? 22  PRO A C   1 
ATOM   174 O  O   . PRO A 1 21 ? 3.573   5.281   -23.093 1.00 46.84  ? 22  PRO A O   1 
ATOM   175 C  CB  . PRO A 1 21 ? 6.058   3.499   -22.070 1.00 43.34  ? 22  PRO A CB  1 
ATOM   176 C  CG  . PRO A 1 21 ? 7.032   3.180   -20.988 1.00 35.06  ? 22  PRO A CG  1 
ATOM   177 C  CD  . PRO A 1 21 ? 6.287   3.338   -19.684 1.00 37.07  ? 22  PRO A CD  1 
ATOM   178 N  N   . ALA A 1 22 ? 2.850   3.780   -21.585 1.00 36.56  ? 23  ALA A N   1 
ATOM   179 C  CA  . ALA A 1 22 ? 1.510   3.715   -22.175 1.00 40.07  ? 23  ALA A CA  1 
ATOM   180 C  C   . ALA A 1 22 ? 0.617   4.871   -21.708 1.00 39.76  ? 23  ALA A C   1 
ATOM   181 O  O   . ALA A 1 22 ? -0.475  5.077   -22.239 1.00 40.30  ? 23  ALA A O   1 
ATOM   182 C  CB  . ALA A 1 22 ? 0.853   2.378   -21.864 1.00 40.30  ? 23  ALA A CB  1 
ATOM   183 N  N   . GLY A 1 23 ? 1.090   5.626   -20.724 1.00 31.78  ? 24  GLY A N   1 
ATOM   184 C  CA  . GLY A 1 23 ? 0.336   6.753   -20.203 1.00 35.91  ? 24  GLY A CA  1 
ATOM   185 C  C   . GLY A 1 23 ? -0.459  6.396   -18.963 1.00 28.52  ? 24  GLY A C   1 
ATOM   186 O  O   . GLY A 1 23 ? -1.347  7.133   -18.539 1.00 28.19  ? 24  GLY A O   1 
ATOM   187 N  N   . VAL A 1 24 ? -0.149  5.250   -18.373 1.00 26.94  ? 25  VAL A N   1 
ATOM   188 C  CA  . VAL A 1 24 ? -0.808  4.856   -17.137 1.00 24.63  ? 25  VAL A CA  1 
ATOM   189 C  C   . VAL A 1 24 ? -0.149  5.550   -15.948 1.00 22.85  ? 25  VAL A C   1 
ATOM   190 O  O   . VAL A 1 24 ? 1.057   5.428   -15.743 1.00 23.33  ? 25  VAL A O   1 
ATOM   191 C  CB  . VAL A 1 24 ? -0.759  3.329   -16.935 1.00 23.88  ? 25  VAL A CB  1 
ATOM   192 C  CG1 . VAL A 1 24 ? -1.422  2.955   -15.624 1.00 21.73  ? 25  VAL A CG1 1 
ATOM   193 C  CG2 . VAL A 1 24 ? -1.440  2.632   -18.109 1.00 25.97  ? 25  VAL A CG2 1 
ATOM   194 N  N   . PRO A 1 25 ? -0.941  6.285   -15.149 1.00 22.01  ? 26  PRO A N   1 
ATOM   195 C  CA  . PRO A 1 25 ? -0.326  6.966   -14.006 1.00 20.64  ? 26  PRO A CA  1 
ATOM   196 C  C   . PRO A 1 25 ? 0.019   6.020   -12.870 1.00 19.70  ? 26  PRO A C   1 
ATOM   197 O  O   . PRO A 1 25 ? -0.730  5.087   -12.596 1.00 17.90  ? 26  PRO A O   1 
ATOM   198 C  CB  . PRO A 1 25 ? -1.414  7.942   -13.544 1.00 23.63  ? 26  PRO A CB  1 
ATOM   199 C  CG  . PRO A 1 25 ? -2.694  7.355   -14.008 1.00 21.39  ? 26  PRO A CG  1 
ATOM   200 C  CD  . PRO A 1 25 ? -2.385  6.554   -15.260 1.00 22.65  ? 26  PRO A CD  1 
ATOM   201 N  N   . ILE A 1 26 ? 1.132   6.300   -12.201 1.00 17.92  ? 27  ILE A N   1 
ATOM   202 C  CA  . ILE A 1 26 ? 1.561   5.541   -11.034 1.00 16.23  ? 27  ILE A CA  1 
ATOM   203 C  C   . ILE A 1 26 ? 1.900   6.503   -9.921  1.00 15.79  ? 27  ILE A C   1 
ATOM   204 O  O   . ILE A 1 26 ? 2.621   7.469   -10.149 1.00 18.42  ? 27  ILE A O   1 
ATOM   205 C  CB  . ILE A 1 26 ? 2.874   4.821   -11.324 1.00 19.03  ? 27  ILE A CB  1 
ATOM   206 C  CG1 . ILE A 1 26 ? 2.759   3.968   -12.587 1.00 25.07  ? 27  ILE A CG1 1 
ATOM   207 C  CG2 . ILE A 1 26 ? 3.318   4.019   -10.102 1.00 20.44  ? 27  ILE A CG2 1 
ATOM   208 C  CD1 . ILE A 1 26 ? 1.913   2.758   -12.415 1.00 28.63  ? 27  ILE A CD1 1 
ATOM   209 N  N   . VAL A 1 27 ? 1.396   6.231   -8.722  1.00 15.02  ? 28  VAL A N   1 
ATOM   210 C  CA  . VAL A 1 27 ? 1.836   6.951   -7.529  1.00 16.70  ? 28  VAL A CA  1 
ATOM   211 C  C   . VAL A 1 27 ? 2.505   5.963   -6.582  1.00 15.71  ? 28  VAL A C   1 
ATOM   212 O  O   . VAL A 1 27 ? 1.863   5.043   -6.085  1.00 16.53  ? 28  VAL A O   1 
ATOM   213 C  CB  . VAL A 1 27 ? 0.669   7.692   -6.825  1.00 17.74  ? 28  VAL A CB  1 
ATOM   214 C  CG1 . VAL A 1 27 ? 1.092   8.201   -5.446  1.00 15.39  ? 28  VAL A CG1 1 
ATOM   215 C  CG2 . VAL A 1 27 ? 0.183   8.860   -7.686  1.00 17.13  ? 28  VAL A CG2 1 
ATOM   216 N  N   . ASN A 1 28 ? 3.806   6.142   -6.377  1.00 13.68  ? 29  ASN A N   1 
ATOM   217 C  CA  . ASN A 1 28 ? 4.547   5.383   -5.381  1.00 15.28  ? 29  ASN A CA  1 
ATOM   218 C  C   . ASN A 1 28 ? 4.356   5.996   -4.010  1.00 16.60  ? 29  ASN A C   1 
ATOM   219 O  O   . ASN A 1 28 ? 4.325   7.212   -3.869  1.00 15.73  ? 29  ASN A O   1 
ATOM   220 C  CB  . ASN A 1 28 ? 6.029   5.382   -5.723  1.00 19.64  ? 29  ASN A CB  1 
ATOM   221 C  CG  . ASN A 1 28 ? 6.346   4.483   -6.896  1.00 22.91  ? 29  ASN A CG  1 
ATOM   222 O  OD1 . ASN A 1 28 ? 6.323   4.916   -8.043  1.00 25.82  ? 29  ASN A OD1 1 
ATOM   223 N  ND2 . ASN A 1 28 ? 6.642   3.222   -6.610  1.00 25.42  ? 29  ASN A ND2 1 
ATOM   224 N  N   . CYS A 1 29 ? 4.236   5.157   -2.994  1.00 16.10  ? 30  CYS A N   1 
ATOM   225 C  CA  . CYS A 1 29 ? 4.088   5.688   -1.648  1.00 15.53  ? 30  CYS A CA  1 
ATOM   226 C  C   . CYS A 1 29 ? 4.733   4.771   -0.629  1.00 16.14  ? 30  CYS A C   1 
ATOM   227 O  O   . CYS A 1 29 ? 5.219   3.688   -0.963  1.00 16.60  ? 30  CYS A O   1 
ATOM   228 C  CB  . CYS A 1 29 ? 2.617   5.931   -1.326  1.00 16.46  ? 30  CYS A CB  1 
ATOM   229 S  SG  . CYS A 1 29 ? 1.588   4.476   -1.402  1.00 23.02  ? 30  CYS A SG  1 
ATOM   230 N  N   . LEU A 1 30 ? 4.789   5.247   0.610   1.00 15.42  ? 31  LEU A N   1 
ATOM   231 C  CA  . LEU A 1 30 ? 5.305   4.463   1.716   1.00 12.87  ? 31  LEU A CA  1 
ATOM   232 C  C   . LEU A 1 30 ? 4.181   4.359   2.729   1.00 15.06  ? 31  LEU A C   1 
ATOM   233 O  O   . LEU A 1 30 ? 3.565   5.380   3.097   1.00 13.40  ? 31  LEU A O   1 
ATOM   234 C  CB  . LEU A 1 30 ? 6.490   5.193   2.355   1.00 13.07  ? 31  LEU A CB  1 
ATOM   235 C  CG  . LEU A 1 30 ? 7.205   4.501   3.522   1.00 16.12  ? 31  LEU A CG  1 
ATOM   236 C  CD1 . LEU A 1 30 ? 7.875   3.217   3.051   1.00 16.99  ? 31  LEU A CD1 1 
ATOM   237 C  CD2 . LEU A 1 30 ? 8.224   5.438   4.144   1.00 20.34  ? 31  LEU A CD2 1 
ATOM   238 N  N   . LEU A 1 31 ? 3.922   3.141   3.181   1.00 11.52  ? 32  LEU A N   1 
ATOM   239 C  CA  . LEU A 1 31 ? 2.908   2.876   4.204   1.00 16.26  ? 32  LEU A CA  1 
ATOM   240 C  C   . LEU A 1 31 ? 3.576   2.396   5.474   1.00 16.32  ? 32  LEU A C   1 
ATOM   241 O  O   . LEU A 1 31 ? 4.615   1.760   5.429   1.00 15.99  ? 32  LEU A O   1 
ATOM   242 C  CB  . LEU A 1 31 ? 1.947   1.790   3.721   1.00 15.63  ? 32  LEU A CB  1 
ATOM   243 C  CG  . LEU A 1 31 ? 1.226   2.120   2.419   1.00 14.45  ? 32  LEU A CG  1 
ATOM   244 C  CD1 . LEU A 1 31 ? 0.391   0.930   1.988   1.00 18.17  ? 32  LEU A CD1 1 
ATOM   245 C  CD2 . LEU A 1 31 ? 0.347   3.352   2.598   1.00 15.35  ? 32  LEU A CD2 1 
ATOM   246 N  N   . SER A 1 32 ? 2.973   2.693   6.617   1.00 13.78  ? 33  SER A N   1 
ATOM   247 C  CA  . SER A 1 32 ? 3.528   2.272   7.892   1.00 13.61  ? 33  SER A CA  1 
ATOM   248 C  C   . SER A 1 32 ? 2.475   1.460   8.590   1.00 14.26  ? 33  SER A C   1 
ATOM   249 O  O   . SER A 1 32 ? 1.367   1.957   8.826   1.00 13.96  ? 33  SER A O   1 
ATOM   250 C  CB  . SER A 1 32 ? 3.834   3.498   8.761   1.00 16.62  ? 33  SER A CB  1 
ATOM   251 O  OG  . SER A 1 32 ? 4.219   3.106   10.068  1.00 19.77  ? 33  SER A OG  1 
ATOM   252 N  N   . TYR A 1 33 ? 2.826   0.224   8.927   1.00 12.89  ? 34  TYR A N   1 
ATOM   253 C  CA  . TYR A 1 33 ? 1.952   -0.659  9.675   1.00 14.89  ? 34  TYR A CA  1 
ATOM   254 C  C   . TYR A 1 33 ? 2.361   -0.727  11.141  1.00 16.43  ? 34  TYR A C   1 
ATOM   255 O  O   . TYR A 1 33 ? 3.544   -0.863  11.476  1.00 16.16  ? 34  TYR A O   1 
ATOM   256 C  CB  . TYR A 1 33 ? 1.956   -2.091  9.080   1.00 11.61  ? 34  TYR A CB  1 
ATOM   257 C  CG  . TYR A 1 33 ? 1.121   -3.037  9.921   1.00 13.61  ? 34  TYR A CG  1 
ATOM   258 C  CD1 . TYR A 1 33 ? -0.245  -3.163  9.710   1.00 12.34  ? 34  TYR A CD1 1 
ATOM   259 C  CD2 . TYR A 1 33 ? 1.693   -3.764  10.968  1.00 16.30  ? 34  TYR A CD2 1 
ATOM   260 C  CE1 . TYR A 1 33 ? -1.015  -3.995  10.516  1.00 13.39  ? 34  TYR A CE1 1 
ATOM   261 C  CE2 . TYR A 1 33 ? 0.931   -4.598  11.761  1.00 16.03  ? 34  TYR A CE2 1 
ATOM   262 C  CZ  . TYR A 1 33 ? -0.422  -4.698  11.536  1.00 14.41  ? 34  TYR A CZ  1 
ATOM   263 O  OH  . TYR A 1 33 ? -1.173  -5.527  12.340  1.00 16.67  ? 34  TYR A OH  1 
ATOM   264 N  N   A SER A 1 34 ? 1.368   -0.672  12.024  0.50 14.55  ? 35  SER A N   1 
ATOM   265 N  N   B SER A 1 34 ? 1.371   -0.631  12.012  0.50 14.54  ? 35  SER A N   1 
ATOM   266 C  CA  A SER A 1 34 ? 1.588   -0.870  13.452  0.50 16.25  ? 35  SER A CA  1 
ATOM   267 C  CA  B SER A 1 34 ? 1.569   -0.898  13.416  0.50 16.20  ? 35  SER A CA  1 
ATOM   268 C  C   A SER A 1 34 ? 0.400   -1.597  14.081  0.50 20.68  ? 35  SER A C   1 
ATOM   269 C  C   B SER A 1 34 ? 0.375   -1.715  13.863  0.50 19.13  ? 35  SER A C   1 
ATOM   270 O  O   A SER A 1 34 ? -0.711  -1.066  14.143  0.50 17.43  ? 35  SER A O   1 
ATOM   271 O  O   B SER A 1 34 ? -0.769  -1.371  13.567  0.50 18.04  ? 35  SER A O   1 
ATOM   272 C  CB  A SER A 1 34 ? 1.822   0.467   14.155  0.50 20.20  ? 35  SER A CB  1 
ATOM   273 C  CB  B SER A 1 34 ? 1.656   0.403   14.210  0.50 20.34  ? 35  SER A CB  1 
ATOM   274 O  OG  A SER A 1 34 ? 0.723   1.338   13.959  0.50 21.71  ? 35  SER A OG  1 
ATOM   275 O  OG  B SER A 1 34 ? 1.801   0.141   15.592  0.50 19.43  ? 35  SER A OG  1 
ATOM   276 N  N   . GLY A 1 35 ? 0.636   -2.811  14.560  1.00 19.08  ? 36  GLY A N   1 
ATOM   277 C  CA  . GLY A 1 35 ? -0.442  -3.629  15.063  1.00 19.28  ? 36  GLY A CA  1 
ATOM   278 C  C   . GLY A 1 35 ? 0.051   -4.863  15.775  1.00 23.63  ? 36  GLY A C   1 
ATOM   279 O  O   . GLY A 1 35 ? 1.167   -4.903  16.288  1.00 29.64  ? 36  GLY A O   1 
ATOM   280 N  N   . GLN A 1 36 ? -0.809  -5.867  15.818  1.00 24.93  ? 37  GLN A N   1 
ATOM   281 C  CA  . GLN A 1 36 ? -0.528  -7.075  16.564  1.00 26.47  ? 37  GLN A CA  1 
ATOM   282 C  C   . GLN A 1 36 ? -0.821  -8.230  15.646  1.00 24.58  ? 37  GLN A C   1 
ATOM   283 O  O   . GLN A 1 36 ? -1.818  -8.222  14.933  1.00 24.72  ? 37  GLN A O   1 
ATOM   284 C  CB  . GLN A 1 36 ? -1.431  -7.184  17.792  1.00 32.55  ? 37  GLN A CB  1 
ATOM   285 C  CG  . GLN A 1 36 ? -1.324  -6.030  18.774  1.00 44.24  ? 37  GLN A CG  1 
ATOM   286 C  CD  . GLN A 1 36 ? -1.622  -6.458  20.200  1.00 52.92  ? 37  GLN A CD  1 
ATOM   287 O  OE1 . GLN A 1 36 ? -1.453  -7.627  20.556  1.00 56.36  ? 37  GLN A OE1 1 
ATOM   288 N  NE2 . GLN A 1 36 ? -2.063  -5.513  21.026  1.00 55.96  ? 37  GLN A NE2 1 
ATOM   289 N  N   . ALA A 1 37 ? 0.055   -9.220  15.665  1.00 27.24  ? 38  ALA A N   1 
ATOM   290 C  CA  . ALA A 1 37 ? -0.205  -10.440 14.947  1.00 29.56  ? 38  ALA A CA  1 
ATOM   291 C  C   . ALA A 1 37 ? -0.680  -11.434 15.980  1.00 38.43  ? 38  ALA A C   1 
ATOM   292 O  O   . ALA A 1 37 ? 0.097   -11.891 16.821  1.00 34.13  ? 38  ALA A O   1 
ATOM   293 C  CB  . ALA A 1 37 ? 1.048   -10.927 14.250  1.00 27.38  ? 38  ALA A CB  1 
HETATM 294 N  N   . MSE A 1 38 ? -1.976  -11.723 15.941  1.00 48.73  ? 39  MSE A N   1 
HETATM 295 C  CA  . MSE A 1 38 ? -2.564  -12.732 16.805  1.00 61.88  ? 39  MSE A CA  1 
HETATM 296 C  C   . MSE A 1 38 ? -2.280  -14.096 16.193  1.00 65.47  ? 39  MSE A C   1 
HETATM 297 O  O   . MSE A 1 38 ? -2.492  -15.134 16.819  1.00 69.38  ? 39  MSE A O   1 
HETATM 298 C  CB  . MSE A 1 38 ? -4.074  -12.510 16.933  1.00 67.59  ? 39  MSE A CB  1 
HETATM 299 C  CG  . MSE A 1 38 ? -4.471  -11.098 17.348  1.00 68.64  ? 39  MSE A CG  1 
HETATM 300 SE SE  . MSE A 1 38 ? -3.901  -10.642 19.158  1.00 160.07 ? 39  MSE A SE  1 
HETATM 301 C  CE  . MSE A 1 38 ? -4.905  -11.992 20.151  1.00 72.18  ? 39  MSE A CE  1 
ATOM   302 N  N   . GLU A 1 39 ? -1.790  -14.074 14.958  1.00 62.46  ? 40  GLU A N   1 
ATOM   303 C  CA  . GLU A 1 39 ? -1.490  -15.288 14.204  1.00 57.46  ? 40  GLU A CA  1 
ATOM   304 C  C   . GLU A 1 39 ? -0.212  -15.954 14.702  1.00 53.99  ? 40  GLU A C   1 
ATOM   305 O  O   . GLU A 1 39 ? 0.003   -17.143 14.469  1.00 59.65  ? 40  GLU A O   1 
ATOM   306 C  CB  . GLU A 1 39 ? -1.379  -14.981 12.706  1.00 52.81  ? 40  GLU A CB  1 
ATOM   307 C  CG  . GLU A 1 39 ? -2.590  -14.272 12.118  1.00 54.71  ? 40  GLU A CG  1 
ATOM   308 C  CD  . GLU A 1 39 ? -2.583  -12.781 12.397  1.00 53.64  ? 40  GLU A CD  1 
ATOM   309 O  OE1 . GLU A 1 39 ? -3.580  -12.260 12.942  1.00 58.67  ? 40  GLU A OE1 1 
ATOM   310 O  OE2 . GLU A 1 39 ? -1.571  -12.130 12.082  1.00 48.69  ? 40  GLU A OE2 1 
ATOM   311 N  N   . ALA A 1 40 ? 0.640   -15.186 15.375  1.00 48.42  ? 41  ALA A N   1 
ATOM   312 C  CA  . ALA A 1 40 ? 1.810   -15.751 16.036  1.00 53.65  ? 41  ALA A CA  1 
ATOM   313 C  C   . ALA A 1 40 ? 1.328   -16.461 17.294  1.00 65.36  ? 41  ALA A C   1 
ATOM   314 O  O   . ALA A 1 40 ? 0.314   -16.060 17.870  1.00 70.95  ? 41  ALA A O   1 
ATOM   315 C  CB  . ALA A 1 40 ? 2.804   -14.661 16.383  1.00 50.18  ? 41  ALA A CB  1 
ATOM   316 N  N   . GLN A 1 41 ? 2.032   -17.513 17.713  1.00 68.81  ? 42  GLN A N   1 
ATOM   317 C  CA  . GLN A 1 41 ? 1.609   -18.300 18.879  1.00 72.54  ? 42  GLN A CA  1 
ATOM   318 C  C   . GLN A 1 41 ? 1.417   -17.439 20.122  1.00 71.68  ? 42  GLN A C   1 
ATOM   319 O  O   . GLN A 1 41 ? 0.372   -17.488 20.772  1.00 75.88  ? 42  GLN A O   1 
ATOM   320 C  CB  . GLN A 1 41 ? 2.585   -19.440 19.179  1.00 75.05  ? 42  GLN A CB  1 
ATOM   321 C  CG  . GLN A 1 41 ? 2.136   -20.799 18.655  1.00 77.04  ? 42  GLN A CG  1 
ATOM   322 C  CD  . GLN A 1 41 ? 0.825   -21.287 19.270  1.00 77.98  ? 42  GLN A CD  1 
ATOM   323 O  OE1 . GLN A 1 41 ? 0.287   -20.685 20.199  1.00 76.66  ? 42  GLN A OE1 1 
ATOM   324 N  NE2 . GLN A 1 41 ? 0.307   -22.391 18.742  1.00 81.36  ? 42  GLN A NE2 1 
ATOM   325 N  N   . THR A 1 42 ? 2.442   -16.664 20.454  1.00 65.29  ? 43  THR A N   1 
ATOM   326 C  CA  . THR A 1 42 ? 2.292   -15.589 21.415  1.00 57.04  ? 43  THR A CA  1 
ATOM   327 C  C   . THR A 1 42 ? 1.915   -14.364 20.599  1.00 50.49  ? 43  THR A C   1 
ATOM   328 O  O   . THR A 1 42 ? 2.591   -14.047 19.619  1.00 50.16  ? 43  THR A O   1 
ATOM   329 C  CB  . THR A 1 42 ? 3.611   -15.307 22.154  1.00 55.38  ? 43  THR A CB  1 
ATOM   330 O  OG1 . THR A 1 42 ? 3.940   -16.415 22.998  1.00 55.20  ? 43  THR A OG1 1 
ATOM   331 C  CG2 . THR A 1 42 ? 3.491   -14.052 23.008  1.00 59.14  ? 43  THR A CG2 1 
ATOM   332 N  N   . ALA A 1 43 ? 0.826   -13.695 20.971  1.00 45.00  ? 44  ALA A N   1 
ATOM   333 C  CA  . ALA A 1 43 ? 0.474   -12.429 20.338  1.00 43.85  ? 44  ALA A CA  1 
ATOM   334 C  C   . ALA A 1 43 ? 1.673   -11.512 20.458  1.00 41.15  ? 44  ALA A C   1 
ATOM   335 O  O   . ALA A 1 43 ? 2.271   -11.402 21.523  1.00 45.60  ? 44  ALA A O   1 
ATOM   336 C  CB  . ALA A 1 43 ? -0.738  -11.805 21.010  1.00 47.72  ? 44  ALA A CB  1 
ATOM   337 N  N   . ARG A 1 44 ? 2.050   -10.878 19.358  1.00 42.22  ? 45  ARG A N   1 
ATOM   338 C  CA  . ARG A 1 44 ? 3.212   -10.009 19.379  1.00 41.78  ? 45  ARG A CA  1 
ATOM   339 C  C   . ARG A 1 44 ? 2.954   -8.739  18.592  1.00 34.15  ? 45  ARG A C   1 
ATOM   340 O  O   . ARG A 1 44 ? 2.186   -8.731  17.630  1.00 30.90  ? 45  ARG A O   1 
ATOM   341 C  CB  . ARG A 1 44 ? 4.436   -10.727 18.810  1.00 43.15  ? 45  ARG A CB  1 
ATOM   342 C  CG  . ARG A 1 44 ? 4.327   -11.067 17.334  1.00 45.03  ? 45  ARG A CG  1 
ATOM   343 C  CD  . ARG A 1 44 ? 5.641   -11.618 16.820  1.00 50.83  ? 45  ARG A CD  1 
ATOM   344 N  NE  . ARG A 1 44 ? 6.177   -10.827 15.717  1.00 53.94  ? 45  ARG A NE  1 
ATOM   345 C  CZ  . ARG A 1 44 ? 7.401   -10.977 15.219  1.00 54.50  ? 45  ARG A CZ  1 
ATOM   346 N  NH1 . ARG A 1 44 ? 8.218   -11.885 15.734  1.00 58.74  ? 45  ARG A NH1 1 
ATOM   347 N  NH2 . ARG A 1 44 ? 7.809   -10.216 14.214  1.00 52.53  ? 45  ARG A NH2 1 
ATOM   348 N  N   . GLN A 1 45 ? 3.606   -7.668  19.013  1.00 33.58  ? 46  GLN A N   1 
ATOM   349 C  CA  . GLN A 1 45 ? 3.534   -6.417  18.293  1.00 32.28  ? 46  GLN A CA  1 
ATOM   350 C  C   . GLN A 1 45 ? 4.310   -6.546  17.003  1.00 28.27  ? 46  GLN A C   1 
ATOM   351 O  O   . GLN A 1 45 ? 5.351   -7.202  16.943  1.00 30.41  ? 46  GLN A O   1 
ATOM   352 C  CB  . GLN A 1 45 ? 4.091   -5.275  19.139  1.00 41.59  ? 46  GLN A CB  1 
ATOM   353 C  CG  . GLN A 1 45 ? 3.413   -5.143  20.487  1.00 53.18  ? 46  GLN A CG  1 
ATOM   354 C  CD  . GLN A 1 45 ? 1.904   -5.247  20.382  1.00 59.30  ? 46  GLN A CD  1 
ATOM   355 O  OE1 . GLN A 1 45 ? 1.308   -6.223  20.840  1.00 65.23  ? 46  GLN A OE1 1 
ATOM   356 N  NE2 . GLN A 1 45 ? 1.279   -4.243  19.776  1.00 59.50  ? 46  GLN A NE2 1 
ATOM   357 N  N   . VAL A 1 46 ? 3.778   -5.940  15.956  1.00 20.42  ? 47  VAL A N   1 
ATOM   358 C  CA  . VAL A 1 46 ? 4.435   -5.931  14.662  1.00 18.81  ? 47  VAL A CA  1 
ATOM   359 C  C   . VAL A 1 46 ? 4.434   -4.499  14.172  1.00 26.40  ? 47  VAL A C   1 
ATOM   360 O  O   . VAL A 1 46 ? 3.402   -3.831  14.227  1.00 18.71  ? 47  VAL A O   1 
ATOM   361 C  CB  . VAL A 1 46 ? 3.686   -6.825  13.651  1.00 17.62  ? 47  VAL A CB  1 
ATOM   362 C  CG1 . VAL A 1 46 ? 4.255   -6.647  12.238  1.00 17.79  ? 47  VAL A CG1 1 
ATOM   363 C  CG2 . VAL A 1 46 ? 3.755   -8.290  14.082  1.00 22.03  ? 47  VAL A CG2 1 
ATOM   364 N  N   . GLU A 1 47 ? 5.590   -4.010  13.730  1.00 17.65  ? 48  GLU A N   1 
ATOM   365 C  CA  . GLU A 1 47 ? 5.651   -2.691  13.107  1.00 16.79  ? 48  GLU A CA  1 
ATOM   366 C  C   . GLU A 1 47 ? 6.637   -2.716  11.953  1.00 16.50  ? 48  GLU A C   1 
ATOM   367 O  O   . GLU A 1 47 ? 7.760   -3.187  12.107  1.00 21.40  ? 48  GLU A O   1 
ATOM   368 C  CB  . GLU A 1 47 ? 6.064   -1.619  14.119  1.00 25.48  ? 48  GLU A CB  1 
ATOM   369 C  CG  . GLU A 1 47 ? 5.077   -1.444  15.271  1.00 36.58  ? 48  GLU A CG  1 
ATOM   370 C  CD  . GLU A 1 47 ? 5.406   -0.271  16.179  1.00 46.11  ? 48  GLU A CD  1 
ATOM   371 O  OE1 . GLU A 1 47 ? 6.385   0.463   15.894  1.00 47.26  ? 48  GLU A OE1 1 
ATOM   372 O  OE2 . GLU A 1 47 ? 4.688   -0.090  17.189  1.00 44.11  ? 48  GLU A OE2 1 
ATOM   373 N  N   . PHE A 1 48 ? 6.218   -2.215  10.805  1.00 16.39  ? 49  PHE A N   1 
ATOM   374 C  CA  . PHE A 1 48 ? 7.110   -2.114  9.661   1.00 16.31  ? 49  PHE A CA  1 
ATOM   375 C  C   . PHE A 1 48 ? 6.583   -1.063  8.704   1.00 21.00  ? 49  PHE A C   1 
ATOM   376 O  O   . PHE A 1 48 ? 5.430   -0.621  8.814   1.00 16.73  ? 49  PHE A O   1 
ATOM   377 C  CB  . PHE A 1 48 ? 7.244   -3.479  8.939   1.00 14.74  ? 49  PHE A CB  1 
ATOM   378 C  CG  . PHE A 1 48 ? 5.957   -3.999  8.356   1.00 14.63  ? 49  PHE A CG  1 
ATOM   379 C  CD1 . PHE A 1 48 ? 5.606   -3.711  7.037   1.00 18.66  ? 49  PHE A CD1 1 
ATOM   380 C  CD2 . PHE A 1 48 ? 5.111   -4.796  9.112   1.00 13.70  ? 49  PHE A CD2 1 
ATOM   381 C  CE1 . PHE A 1 48 ? 4.421   -4.188  6.494   1.00 20.82  ? 49  PHE A CE1 1 
ATOM   382 C  CE2 . PHE A 1 48 ? 3.923   -5.268  8.572   1.00 15.30  ? 49  PHE A CE2 1 
ATOM   383 C  CZ  . PHE A 1 48 ? 3.583   -4.976  7.266   1.00 15.15  ? 49  PHE A CZ  1 
ATOM   384 N  N   . SER A 1 49 ? 7.425   -0.671  7.756   1.00 16.77  ? 50  SER A N   1 
ATOM   385 C  CA  . SER A 1 49 ? 6.979   0.176   6.666   1.00 13.54  ? 50  SER A CA  1 
ATOM   386 C  C   . SER A 1 49 ? 7.138   -0.612  5.375   1.00 14.90  ? 50  SER A C   1 
ATOM   387 O  O   . SER A 1 49 ? 7.974   -1.516  5.296   1.00 15.50  ? 50  SER A O   1 
ATOM   388 C  CB  . SER A 1 49 ? 7.799   1.453   6.615   1.00 21.86  ? 50  SER A CB  1 
ATOM   389 O  OG  . SER A 1 49 ? 7.545   2.227   7.781   1.00 31.57  ? 50  SER A OG  1 
ATOM   390 N  N   . ILE A 1 50 ? 6.319   -0.288  4.387   1.00 10.73  ? 51  ILE A N   1 
ATOM   391 C  CA  . ILE A 1 50 ? 6.365   -1.031  3.128   1.00 12.86  ? 51  ILE A CA  1 
ATOM   392 C  C   . ILE A 1 50 ? 6.141   -0.081  1.955   1.00 13.04  ? 51  ILE A C   1 
ATOM   393 O  O   . ILE A 1 50 ? 5.308   0.824   2.021   1.00 13.21  ? 51  ILE A O   1 
ATOM   394 C  CB  . ILE A 1 50 ? 5.339   -2.183  3.139   1.00 16.85  ? 51  ILE A CB  1 
ATOM   395 C  CG1 . ILE A 1 50 ? 5.524   -3.095  1.922   1.00 17.24  ? 51  ILE A CG1 1 
ATOM   396 C  CG2 . ILE A 1 50 ? 3.908   -1.633  3.250   1.00 18.35  ? 51  ILE A CG2 1 
ATOM   397 C  CD1 . ILE A 1 50 ? 4.610   -4.333  1.951   1.00 20.93  ? 51  ILE A CD1 1 
ATOM   398 N  N   . GLU A 1 51 ? 6.932   -0.251  0.895   1.00 12.76  ? 52  GLU A N   1 
ATOM   399 C  CA  . GLU A 1 51 ? 6.718   0.523   -0.315  1.00 16.84  ? 52  GLU A CA  1 
ATOM   400 C  C   . GLU A 1 51 ? 5.483   0.013   -1.033  1.00 13.63  ? 52  GLU A C   1 
ATOM   401 O  O   . GLU A 1 51 ? 5.283   -1.195  -1.159  1.00 15.57  ? 52  GLU A O   1 
ATOM   402 C  CB  . GLU A 1 51 ? 7.946   0.419   -1.232  1.00 20.40  ? 52  GLU A CB  1 
ATOM   403 C  CG  . GLU A 1 51 ? 9.186   1.118   -0.669  1.00 28.18  ? 52  GLU A CG  1 
ATOM   404 C  CD  . GLU A 1 51 ? 9.143   2.637   -0.826  1.00 41.35  ? 52  GLU A CD  1 
ATOM   405 O  OE1 . GLU A 1 51 ? 8.235   3.144   -1.524  1.00 41.32  ? 52  GLU A OE1 1 
ATOM   406 O  OE2 . GLU A 1 51 ? 10.019  3.328   -0.251  1.00 44.19  ? 52  GLU A OE2 1 
ATOM   407 N  N   . ALA A 1 52 ? 4.643   0.934   -1.500  1.00 11.49  ? 53  ALA A N   1 
ATOM   408 C  CA  . ALA A 1 52 ? 3.425   0.556   -2.196  1.00 12.39  ? 53  ALA A CA  1 
ATOM   409 C  C   . ALA A 1 52 ? 3.279   1.422   -3.434  1.00 13.98  ? 53  ALA A C   1 
ATOM   410 O  O   . ALA A 1 52 ? 4.034   2.386   -3.630  1.00 15.11  ? 53  ALA A O   1 
ATOM   411 C  CB  . ALA A 1 52 ? 2.204   0.718   -1.283  1.00 14.49  ? 53  ALA A CB  1 
ATOM   412 N  N   . LEU A 1 53 ? 2.319   1.073   -4.271  1.00 14.57  ? 54  LEU A N   1 
ATOM   413 C  CA  . LEU A 1 53 ? 1.990   1.935   -5.393  1.00 16.46  ? 54  LEU A CA  1 
ATOM   414 C  C   . LEU A 1 53 ? 0.563   1.706   -5.841  1.00 20.16  ? 54  LEU A C   1 
ATOM   415 O  O   . LEU A 1 53 ? -0.011  0.639   -5.621  1.00 18.46  ? 54  LEU A O   1 
ATOM   416 C  CB  . LEU A 1 53 ? 2.988   1.761   -6.543  1.00 19.98  ? 54  LEU A CB  1 
ATOM   417 C  CG  . LEU A 1 53 ? 3.005   0.496   -7.398  1.00 17.39  ? 54  LEU A CG  1 
ATOM   418 C  CD1 . LEU A 1 53 ? 1.901   0.507   -8.467  1.00 22.41  ? 54  LEU A CD1 1 
ATOM   419 C  CD2 . LEU A 1 53 ? 4.353   0.364   -8.065  1.00 23.44  ? 54  LEU A CD2 1 
ATOM   420 N  N   . GLY A 1 54 ? -0.010  2.727   -6.463  1.00 16.23  ? 55  GLY A N   1 
ATOM   421 C  CA  . GLY A 1 54 ? -1.306  2.605   -7.090  1.00 16.75  ? 55  GLY A CA  1 
ATOM   422 C  C   . GLY A 1 54 ? -1.149  2.985   -8.546  1.00 19.81  ? 55  GLY A C   1 
ATOM   423 O  O   . GLY A 1 54 ? -0.429  3.928   -8.863  1.00 18.66  ? 55  GLY A O   1 
ATOM   424 N  N   . ALA A 1 55 ? -1.813  2.241   -9.428  1.00 13.74  ? 56  ALA A N   1 
ATOM   425 C  CA  . ALA A 1 55 ? -1.763  2.511   -10.857 1.00 15.27  ? 56  ALA A CA  1 
ATOM   426 C  C   . ALA A 1 55 ? -3.152  2.798   -11.384 1.00 19.70  ? 56  ALA A C   1 
ATOM   427 O  O   . ALA A 1 55 ? -4.139  2.291   -10.853 1.00 21.32  ? 56  ALA A O   1 
ATOM   428 C  CB  . ALA A 1 55 ? -1.185  1.315   -11.603 1.00 19.40  ? 56  ALA A CB  1 
ATOM   429 N  N   . GLY A 1 56 ? -3.229  3.593   -12.444 1.00 17.91  ? 57  GLY A N   1 
ATOM   430 C  CA  . GLY A 1 56 ? -4.510  3.883   -13.063 1.00 19.44  ? 57  GLY A CA  1 
ATOM   431 C  C   . GLY A 1 56 ? -5.374  4.691   -12.121 1.00 21.58  ? 57  GLY A C   1 
ATOM   432 O  O   . GLY A 1 56 ? -4.895  5.638   -11.494 1.00 20.89  ? 57  GLY A O   1 
ATOM   433 N  N   . LYS A 1 57 ? -6.645  4.327   -11.999 1.00 22.26  ? 58  LYS A N   1 
ATOM   434 C  CA  . LYS A 1 57 ? -7.530  5.068   -11.100 1.00 23.14  ? 58  LYS A CA  1 
ATOM   435 C  C   . LYS A 1 57 ? -6.984  5.084   -9.672  1.00 21.67  ? 58  LYS A C   1 
ATOM   436 O  O   . LYS A 1 57 ? -7.162  6.052   -8.938  1.00 22.24  ? 58  LYS A O   1 
ATOM   437 C  CB  . LYS A 1 57 ? -8.947  4.503   -11.126 1.00 31.02  ? 58  LYS A CB  1 
ATOM   438 C  CG  . LYS A 1 57 ? -9.919  5.305   -10.270 1.00 38.81  ? 58  LYS A CG  1 
ATOM   439 C  CD  . LYS A 1 57 ? -11.368 5.008   -10.602 1.00 48.78  ? 58  LYS A CD  1 
ATOM   440 C  CE  . LYS A 1 57 ? -12.296 5.682   -9.597  1.00 56.79  ? 58  LYS A CE  1 
ATOM   441 N  NZ  . LYS A 1 57 ? -11.907 7.100   -9.330  1.00 59.74  ? 58  LYS A NZ  1 
HETATM 442 N  N   . MSE A 1 58 ? -6.290  4.024   -9.283  1.00 19.25  ? 59  MSE A N   1 
HETATM 443 C  CA  . MSE A 1 58 ? -5.735  3.968   -7.934  1.00 16.88  ? 59  MSE A CA  1 
HETATM 444 C  C   . MSE A 1 58 ? -4.633  5.018   -7.724  1.00 19.76  ? 59  MSE A C   1 
HETATM 445 O  O   . MSE A 1 58 ? -4.442  5.513   -6.611  1.00 19.90  ? 59  MSE A O   1 
HETATM 446 C  CB  . MSE A 1 58 ? -5.220  2.559   -7.631  1.00 18.65  ? 59  MSE A CB  1 
HETATM 447 C  CG  . MSE A 1 58 ? -5.063  2.263   -6.156  1.00 30.24  ? 59  MSE A CG  1 
HETATM 448 SE SE  . MSE A 1 58 ? -6.798  2.375   -5.230  1.00 50.65  ? 59  MSE A SE  1 
HETATM 449 C  CE  . MSE A 1 58 ? -7.877  1.385   -6.501  1.00 44.87  ? 59  MSE A CE  1 
ATOM   450 N  N   . ALA A 1 59 ? -3.934  5.385   -8.795  1.00 18.56  ? 60  ALA A N   1 
ATOM   451 C  CA  . ALA A 1 59 ? -2.952  6.463   -8.713  1.00 19.06  ? 60  ALA A CA  1 
ATOM   452 C  C   . ALA A 1 59 ? -3.683  7.769   -8.402  1.00 18.20  ? 60  ALA A C   1 
ATOM   453 O  O   . ALA A 1 59 ? -3.280  8.532   -7.518  1.00 18.80  ? 60  ALA A O   1 
ATOM   454 C  CB  . ALA A 1 59 ? -2.176  6.595   -10.030 1.00 19.84  ? 60  ALA A CB  1 
ATOM   455 N  N   . SER A 1 60 ? -4.762  8.018   -9.137  1.00 17.65  ? 61  SER A N   1 
ATOM   456 C  CA  . SER A 1 60 ? -5.565  9.224   -8.929  1.00 18.72  ? 61  SER A CA  1 
ATOM   457 C  C   . SER A 1 60 ? -6.091  9.296   -7.496  1.00 23.48  ? 61  SER A C   1 
ATOM   458 O  O   . SER A 1 60 ? -6.103  10.365  -6.871  1.00 21.73  ? 61  SER A O   1 
ATOM   459 C  CB  . SER A 1 60 ? -6.739  9.246   -9.898  1.00 24.13  ? 61  SER A CB  1 
ATOM   460 O  OG  . SER A 1 60 ? -6.289  9.302   -11.243 1.00 24.96  ? 61  SER A OG  1 
ATOM   461 N  N   . VAL A 1 61 ? -6.532  8.155   -6.983  1.00 22.27  ? 62  VAL A N   1 
ATOM   462 C  CA  . VAL A 1 61 ? -7.054  8.090   -5.626  1.00 22.10  ? 62  VAL A CA  1 
ATOM   463 C  C   . VAL A 1 61 ? -5.972  8.428   -4.603  1.00 19.41  ? 62  VAL A C   1 
ATOM   464 O  O   . VAL A 1 61 ? -6.197  9.238   -3.707  1.00 23.62  ? 62  VAL A O   1 
ATOM   465 C  CB  . VAL A 1 61 ? -7.649  6.704   -5.310  1.00 24.12  ? 62  VAL A CB  1 
ATOM   466 C  CG1 . VAL A 1 61 ? -7.948  6.581   -3.808  1.00 25.08  ? 62  VAL A CG1 1 
ATOM   467 C  CG2 . VAL A 1 61 ? -8.907  6.458   -6.145  1.00 22.30  ? 62  VAL A CG2 1 
ATOM   468 N  N   . LEU A 1 62 ? -4.800  7.823   -4.745  1.00 16.42  ? 63  LEU A N   1 
ATOM   469 C  CA  . LEU A 1 62 ? -3.706  8.056   -3.797  1.00 17.04  ? 63  LEU A CA  1 
ATOM   470 C  C   . LEU A 1 62 ? -3.223  9.491   -3.864  1.00 21.66  ? 63  LEU A C   1 
ATOM   471 O  O   . LEU A 1 62 ? -2.840  10.076  -2.848  1.00 21.59  ? 63  LEU A O   1 
ATOM   472 C  CB  . LEU A 1 62 ? -2.527  7.122   -4.081  1.00 16.63  ? 63  LEU A CB  1 
ATOM   473 C  CG  . LEU A 1 62 ? -2.642  5.677   -3.618  1.00 23.57  ? 63  LEU A CG  1 
ATOM   474 C  CD1 . LEU A 1 62 ? -1.459  4.888   -4.156  1.00 23.18  ? 63  LEU A CD1 1 
ATOM   475 C  CD2 . LEU A 1 62 ? -2.691  5.630   -2.097  1.00 24.07  ? 63  LEU A CD2 1 
ATOM   476 N  N   . ASP A 1 63 ? -3.271  10.066  -5.063  1.00 18.96  ? 64  ASP A N   1 
ATOM   477 C  CA  . ASP A 1 63 ? -2.771  11.415  -5.292  1.00 19.67  ? 64  ASP A CA  1 
ATOM   478 C  C   . ASP A 1 63 ? -3.560  12.484  -4.533  1.00 24.03  ? 64  ASP A C   1 
ATOM   479 O  O   . ASP A 1 63 ? -3.105  13.623  -4.409  1.00 23.82  ? 64  ASP A O   1 
ATOM   480 C  CB  . ASP A 1 63 ? -2.774  11.729  -6.794  1.00 22.94  ? 64  ASP A CB  1 
ATOM   481 C  CG  . ASP A 1 63 ? -1.894  12.915  -7.149  1.00 28.81  ? 64  ASP A CG  1 
ATOM   482 O  OD1 . ASP A 1 63 ? -0.719  12.951  -6.718  1.00 27.92  ? 64  ASP A OD1 1 
ATOM   483 O  OD2 . ASP A 1 63 ? -2.379  13.822  -7.855  1.00 26.99  ? 64  ASP A OD2 1 
ATOM   484 N  N   . ARG A 1 64 ? -4.740  12.127  -4.034  1.00 18.24  ? 65  ARG A N   1 
ATOM   485 C  CA  A ARG A 1 64 ? -5.582  13.079  -3.313  0.50 20.22  ? 65  ARG A CA  1 
ATOM   486 C  CA  B ARG A 1 64 ? -5.564  13.089  -3.313  0.50 20.27  ? 65  ARG A CA  1 
ATOM   487 C  C   . ARG A 1 64 ? -5.678  12.782  -1.817  1.00 20.06  ? 65  ARG A C   1 
ATOM   488 O  O   . ARG A 1 64 ? -6.407  13.455  -1.091  1.00 22.96  ? 65  ARG A O   1 
ATOM   489 C  CB  A ARG A 1 64 ? -6.989  13.137  -3.916  0.50 25.24  ? 65  ARG A CB  1 
ATOM   490 C  CB  B ARG A 1 64 ? -6.949  13.230  -3.960  0.50 24.95  ? 65  ARG A CB  1 
ATOM   491 C  CG  A ARG A 1 64 ? -7.784  11.851  -3.781  0.50 27.96  ? 65  ARG A CG  1 
ATOM   492 C  CG  B ARG A 1 64 ? -7.800  11.969  -3.973  0.50 28.75  ? 65  ARG A CG  1 
ATOM   493 C  CD  A ARG A 1 64 ? -9.274  12.113  -3.625  0.50 34.10  ? 65  ARG A CD  1 
ATOM   494 C  CD  B ARG A 1 64 ? -9.127  12.214  -4.700  0.50 35.80  ? 65  ARG A CD  1 
ATOM   495 N  NE  A ARG A 1 64 ? -10.080 10.946  -3.985  0.50 38.76  ? 65  ARG A NE  1 
ATOM   496 N  NE  B ARG A 1 64 ? -10.038 11.072  -4.600  0.50 39.88  ? 65  ARG A NE  1 
ATOM   497 C  CZ  A ARG A 1 64 ? -10.298 9.903   -3.191  0.50 34.91  ? 65  ARG A CZ  1 
ATOM   498 C  CZ  B ARG A 1 64 ? -10.433 10.328  -5.629  0.50 39.42  ? 65  ARG A CZ  1 
ATOM   499 N  NH1 A ARG A 1 64 ? -9.764  9.862   -1.978  0.50 32.99  ? 65  ARG A NH1 1 
ATOM   500 N  NH1 B ARG A 1 64 ? -10.005 10.596  -6.854  0.50 36.45  ? 65  ARG A NH1 1 
ATOM   501 N  NH2 A ARG A 1 64 ? -11.049 8.895   -3.613  0.50 31.12  ? 65  ARG A NH2 1 
ATOM   502 N  NH2 B ARG A 1 64 ? -11.264 9.312   -5.431  0.50 41.56  ? 65  ARG A NH2 1 
ATOM   503 N  N   . ILE A 1 65 ? -4.937  11.790  -1.353  1.00 17.64  ? 66  ILE A N   1 
ATOM   504 C  CA  . ILE A 1 65 ? -4.998  11.414  0.060   1.00 20.17  ? 66  ILE A CA  1 
ATOM   505 C  C   . ILE A 1 65 ? -3.894  12.091  0.880   1.00 19.70  ? 66  ILE A C   1 
ATOM   506 O  O   . ILE A 1 65 ? -2.733  12.070  0.488   1.00 19.50  ? 66  ILE A O   1 
ATOM   507 C  CB  . ILE A 1 65 ? -4.903  9.891   0.208   1.00 23.08  ? 66  ILE A CB  1 
ATOM   508 C  CG1 . ILE A 1 65 ? -6.156  9.238   -0.389  1.00 22.80  ? 66  ILE A CG1 1 
ATOM   509 C  CG2 . ILE A 1 65 ? -4.746  9.502   1.672   1.00 23.15  ? 66  ILE A CG2 1 
ATOM   510 C  CD1 . ILE A 1 65 ? -6.094  7.737   -0.415  1.00 25.02  ? 66  ILE A CD1 1 
ATOM   511 N  N   . ALA A 1 66 ? -4.259  12.692  2.011   1.00 19.14  ? 67  ALA A N   1 
ATOM   512 C  CA  . ALA A 1 66 ? -3.286  13.373  2.864   1.00 20.07  ? 67  ALA A CA  1 
ATOM   513 C  C   . ALA A 1 66 ? -2.384  12.372  3.581   1.00 20.70  ? 67  ALA A C   1 
ATOM   514 O  O   . ALA A 1 66 ? -2.865  11.381  4.131   1.00 20.84  ? 67  ALA A O   1 
ATOM   515 C  CB  . ALA A 1 66 ? -3.995  14.231  3.891   1.00 26.50  ? 67  ALA A CB  1 
ATOM   516 N  N   . PRO A 1 67 ? -1.067  12.633  3.578   1.00 20.20  ? 68  PRO A N   1 
ATOM   517 C  CA  . PRO A 1 67 ? -0.184  11.857  4.454   1.00 19.39  ? 68  PRO A CA  1 
ATOM   518 C  C   . PRO A 1 67 ? -0.672  11.929  5.903   1.00 17.98  ? 68  PRO A C   1 
ATOM   519 O  O   . PRO A 1 67 ? -1.085  12.993  6.378   1.00 19.80  ? 68  PRO A O   1 
ATOM   520 C  CB  . PRO A 1 67 ? 1.162   12.561  4.287   1.00 25.94  ? 68  PRO A CB  1 
ATOM   521 C  CG  . PRO A 1 67 ? 1.105   13.069  2.852   1.00 28.82  ? 68  PRO A CG  1 
ATOM   522 C  CD  . PRO A 1 67 ? -0.315  13.569  2.724   1.00 24.79  ? 68  PRO A CD  1 
ATOM   523 N  N   . GLY A 1 68 ? -0.639  10.794  6.587   1.00 17.09  ? 69  GLY A N   1 
ATOM   524 C  CA  . GLY A 1 68 ? -1.185  10.689  7.927   1.00 18.18  ? 69  GLY A CA  1 
ATOM   525 C  C   . GLY A 1 68 ? -2.496  9.927   7.940   1.00 19.87  ? 69  GLY A C   1 
ATOM   526 O  O   . GLY A 1 68 ? -2.983  9.524   8.994   1.00 23.94  ? 69  GLY A O   1 
ATOM   527 N  N   . THR A 1 69 ? -3.079  9.727   6.763   1.00 19.92  ? 70  THR A N   1 
ATOM   528 C  CA  . THR A 1 69 ? -4.379  9.072   6.669   1.00 18.05  ? 70  THR A CA  1 
ATOM   529 C  C   . THR A 1 69 ? -4.243  7.567   6.826   1.00 17.53  ? 70  THR A C   1 
ATOM   530 O  O   . THR A 1 69 ? -3.359  6.970   6.225   1.00 15.96  ? 70  THR A O   1 
ATOM   531 C  CB  . THR A 1 69 ? -5.033  9.379   5.311   1.00 18.91  ? 70  THR A CB  1 
ATOM   532 O  OG1 . THR A 1 69 ? -5.225  10.797  5.208   1.00 18.73  ? 70  THR A OG1 1 
ATOM   533 C  CG2 . THR A 1 69 ? -6.378  8.669   5.198   1.00 19.05  ? 70  THR A CG2 1 
ATOM   534 N  N   . VAL A 1 70 ? -5.113  6.943   7.619   1.00 16.38  ? 71  VAL A N   1 
ATOM   535 C  CA  . VAL A 1 70 ? -5.057  5.481   7.740   1.00 15.36  ? 71  VAL A CA  1 
ATOM   536 C  C   . VAL A 1 70 ? -5.913  4.837   6.644   1.00 14.83  ? 71  VAL A C   1 
ATOM   537 O  O   . VAL A 1 70 ? -7.080  5.199   6.469   1.00 18.49  ? 71  VAL A O   1 
ATOM   538 C  CB  . VAL A 1 70 ? -5.549  5.001   9.117   1.00 19.52  ? 71  VAL A CB  1 
ATOM   539 C  CG1 . VAL A 1 70 ? -5.451  3.487   9.226   1.00 19.37  ? 71  VAL A CG1 1 
ATOM   540 C  CG2 . VAL A 1 70 ? -4.738  5.651   10.232  1.00 21.54  ? 71  VAL A CG2 1 
ATOM   541 N  N   . LEU A 1 71 ? -5.339  3.883   5.925   1.00 17.47  ? 72  LEU A N   1 
ATOM   542 C  CA  . LEU A 1 71 ? -5.999  3.311   4.758   1.00 18.90  ? 72  LEU A CA  1 
ATOM   543 C  C   . LEU A 1 71 ? -6.198  1.823   4.966   1.00 17.88  ? 72  LEU A C   1 
ATOM   544 O  O   . LEU A 1 71 ? -5.317  1.171   5.499   1.00 18.22  ? 72  LEU A O   1 
ATOM   545 C  CB  . LEU A 1 71 ? -5.110  3.502   3.531   1.00 21.83  ? 72  LEU A CB  1 
ATOM   546 C  CG  . LEU A 1 71 ? -4.780  4.955   3.190   1.00 21.95  ? 72  LEU A CG  1 
ATOM   547 C  CD1 . LEU A 1 71 ? -3.742  5.027   2.080   1.00 21.53  ? 72  LEU A CD1 1 
ATOM   548 C  CD2 . LEU A 1 71 ? -6.036  5.679   2.807   1.00 23.73  ? 72  LEU A CD2 1 
ATOM   549 N  N   . ASP A 1 72 ? -7.354  1.306   4.552   1.00 17.59  ? 73  ASP A N   1 
ATOM   550 C  CA  . ASP A 1 72 ? -7.612  -0.136  4.480   1.00 16.94  ? 73  ASP A CA  1 
ATOM   551 C  C   . ASP A 1 72 ? -7.277  -0.567  3.069   1.00 17.13  ? 73  ASP A C   1 
ATOM   552 O  O   . ASP A 1 72 ? -8.025  -0.243  2.152   1.00 18.47  ? 73  ASP A O   1 
ATOM   553 C  CB  . ASP A 1 72 ? -9.108  -0.395  4.671   1.00 21.65  ? 73  ASP A CB  1 
ATOM   554 C  CG  . ASP A 1 72 ? -9.439  -0.972  6.019   1.00 44.40  ? 73  ASP A CG  1 
ATOM   555 O  OD1 . ASP A 1 72 ? -9.107  -0.330  7.032   1.00 49.63  ? 73  ASP A OD1 1 
ATOM   556 O  OD2 . ASP A 1 72 ? -10.052 -2.064  6.061   1.00 53.10  ? 73  ASP A OD2 1 
ATOM   557 N  N   . CYS A 1 73 ? -6.168  -1.288  2.886   1.00 15.79  ? 74  CYS A N   1 
ATOM   558 C  CA  . CYS A 1 73 ? -5.677  -1.598  1.546   1.00 17.32  ? 74  CYS A CA  1 
ATOM   559 C  C   . CYS A 1 73 ? -5.782  -3.074  1.224   1.00 15.68  ? 74  CYS A C   1 
ATOM   560 O  O   . CYS A 1 73 ? -5.590  -3.925  2.097   1.00 16.43  ? 74  CYS A O   1 
ATOM   561 C  CB  . CYS A 1 73 ? -4.197  -1.247  1.435   1.00 16.78  ? 74  CYS A CB  1 
ATOM   562 S  SG  . CYS A 1 73 ? -3.797  0.435   1.944   1.00 24.16  ? 74  CYS A SG  1 
ATOM   563 N  N   A VAL A 1 74 ? -6.098  -3.370  -0.029  0.50 13.85  ? 75  VAL A N   1 
ATOM   564 N  N   B VAL A 1 74 ? -6.078  -3.383  -0.038  0.50 14.04  ? 75  VAL A N   1 
ATOM   565 C  CA  A VAL A 1 74 ? -5.933  -4.725  -0.537  0.50 15.32  ? 75  VAL A CA  1 
ATOM   566 C  CA  B VAL A 1 74 ? -6.013  -4.765  -0.539  0.50 15.18  ? 75  VAL A CA  1 
ATOM   567 C  C   A VAL A 1 74 ? -5.105  -4.657  -1.808  0.50 14.05  ? 75  VAL A C   1 
ATOM   568 C  C   B VAL A 1 74 ? -5.307  -4.766  -1.894  0.50 14.60  ? 75  VAL A C   1 
ATOM   569 O  O   A VAL A 1 74 ? -5.036  -3.625  -2.476  0.50 11.14  ? 75  VAL A O   1 
ATOM   570 O  O   B VAL A 1 74 ? -5.536  -3.876  -2.713  0.50 15.03  ? 75  VAL A O   1 
ATOM   571 C  CB  A VAL A 1 74 ? -7.275  -5.423  -0.805  0.50 16.88  ? 75  VAL A CB  1 
ATOM   572 C  CB  B VAL A 1 74 ? -7.409  -5.391  -0.694  0.50 17.96  ? 75  VAL A CB  1 
ATOM   573 C  CG1 A VAL A 1 74 ? -7.970  -5.770  0.506   0.50 20.72  ? 75  VAL A CG1 1 
ATOM   574 C  CG1 B VAL A 1 74 ? -7.294  -6.853  -1.113  0.50 16.88  ? 75  VAL A CG1 1 
ATOM   575 C  CG2 A VAL A 1 74 ? -8.168  -4.563  -1.688  0.50 15.85  ? 75  VAL A CG2 1 
ATOM   576 C  CG2 B VAL A 1 74 ? -8.201  -5.277  0.603   0.50 23.12  ? 75  VAL A CG2 1 
ATOM   577 N  N   . GLY A 1 75 ? -4.446  -5.752  -2.140  1.00 13.58  ? 76  GLY A N   1 
ATOM   578 C  CA  . GLY A 1 75 ? -3.719  -5.776  -3.387  1.00 14.25  ? 76  GLY A CA  1 
ATOM   579 C  C   . GLY A 1 75 ? -2.805  -6.957  -3.426  1.00 15.83  ? 76  GLY A C   1 
ATOM   580 O  O   . GLY A 1 75 ? -3.108  -7.991  -2.815  1.00 15.71  ? 76  GLY A O   1 
ATOM   581 N  N   . PHE A 1 76 ? -1.698  -6.808  -4.143  1.00 14.87  ? 77  PHE A N   1 
ATOM   582 C  CA  . PHE A 1 76 ? -0.794  -7.938  -4.347  1.00 13.30  ? 77  PHE A CA  1 
ATOM   583 C  C   . PHE A 1 76 ? 0.653   -7.505  -4.279  1.00 12.19  ? 77  PHE A C   1 
ATOM   584 O  O   . PHE A 1 76 ? 0.953   -6.332  -4.415  1.00 15.99  ? 77  PHE A O   1 
ATOM   585 C  CB  . PHE A 1 76 ? -1.081  -8.623  -5.688  1.00 14.25  ? 77  PHE A CB  1 
ATOM   586 C  CG  . PHE A 1 76 ? -0.895  -7.731  -6.900  1.00 14.34  ? 77  PHE A CG  1 
ATOM   587 C  CD1 . PHE A 1 76 ? 0.298   -7.747  -7.617  1.00 15.06  ? 77  PHE A CD1 1 
ATOM   588 C  CD2 . PHE A 1 76 ? -1.929  -6.915  -7.345  1.00 20.77  ? 77  PHE A CD2 1 
ATOM   589 C  CE1 . PHE A 1 76 ? 0.461   -6.953  -8.757  1.00 19.51  ? 77  PHE A CE1 1 
ATOM   590 C  CE2 . PHE A 1 76 ? -1.773  -6.112  -8.475  1.00 19.28  ? 77  PHE A CE2 1 
ATOM   591 C  CZ  . PHE A 1 76 ? -0.577  -6.117  -9.169  1.00 17.89  ? 77  PHE A CZ  1 
ATOM   592 N  N   . LEU A 1 77 ? 1.553   -8.451  -4.021  1.00 12.40  ? 78  LEU A N   1 
ATOM   593 C  CA  . LEU A 1 77 ? 2.977   -8.140  -4.009  1.00 15.17  ? 78  LEU A CA  1 
ATOM   594 C  C   . LEU A 1 77 ? 3.584   -8.374  -5.393  1.00 15.98  ? 78  LEU A C   1 
ATOM   595 O  O   . LEU A 1 77 ? 3.146   -9.249  -6.125  1.00 17.33  ? 78  LEU A O   1 
ATOM   596 C  CB  . LEU A 1 77 ? 3.713   -9.033  -3.011  1.00 15.69  ? 78  LEU A CB  1 
ATOM   597 C  CG  . LEU A 1 77 ? 3.323   -8.812  -1.552  1.00 15.28  ? 78  LEU A CG  1 
ATOM   598 C  CD1 . LEU A 1 77 ? 4.082   -9.807  -0.669  1.00 17.30  ? 78  LEU A CD1 1 
ATOM   599 C  CD2 . LEU A 1 77 ? 3.622   -7.381  -1.133  1.00 17.52  ? 78  LEU A CD2 1 
ATOM   600 N  N   . ALA A 1 78 ? 4.614   -7.604  -5.727  1.00 15.91  ? 79  ALA A N   1 
ATOM   601 C  CA  . ALA A 1 78 ? 5.339   -7.798  -6.972  1.00 16.42  ? 79  ALA A CA  1 
ATOM   602 C  C   . ALA A 1 78 ? 6.753   -7.287  -6.811  1.00 20.55  ? 79  ALA A C   1 
ATOM   603 O  O   . ALA A 1 78 ? 7.070   -6.673  -5.803  1.00 20.05  ? 79  ALA A O   1 
ATOM   604 C  CB  . ALA A 1 78 ? 4.638   -7.104  -8.125  1.00 19.76  ? 79  ALA A CB  1 
ATOM   605 N  N   . ARG A 1 79 ? 7.608   -7.604  -7.781  1.00 25.62  ? 80  ARG A N   1 
ATOM   606 C  CA  . ARG A 1 79 ? 8.967   -7.088  -7.807  1.00 32.40  ? 80  ARG A CA  1 
ATOM   607 C  C   . ARG A 1 79 ? 8.949   -5.627  -8.216  1.00 30.92  ? 80  ARG A C   1 
ATOM   608 O  O   . ARG A 1 79 ? 8.171   -5.232  -9.090  1.00 29.73  ? 80  ARG A O   1 
ATOM   609 C  CB  . ARG A 1 79 ? 9.820   -7.862  -8.808  1.00 35.46  ? 80  ARG A CB  1 
ATOM   610 C  CG  . ARG A 1 79 ? 10.477  -9.099  -8.260  1.00 40.49  ? 80  ARG A CG  1 
ATOM   611 C  CD  . ARG A 1 79 ? 11.473  -9.663  -9.270  1.00 43.35  ? 80  ARG A CD  1 
ATOM   612 N  NE  . ARG A 1 79 ? 12.110  -10.882 -8.783  1.00 51.23  ? 80  ARG A NE  1 
ATOM   613 C  CZ  . ARG A 1 79 ? 12.220  -11.999 -9.496  1.00 53.31  ? 80  ARG A CZ  1 
ATOM   614 N  NH1 . ARG A 1 79 ? 11.736  -12.044 -10.732 1.00 49.54  ? 80  ARG A NH1 1 
ATOM   615 N  NH2 . ARG A 1 79 ? 12.812  -13.068 -8.976  1.00 57.17  ? 80  ARG A NH2 1 
ATOM   616 N  N   . LYS A 1 80 ? 9.812   -4.835  -7.584  1.00 34.88  ? 81  LYS A N   1 
ATOM   617 C  CA  . LYS A 1 80 ? 9.955   -3.416  -7.894  1.00 41.20  ? 81  LYS A CA  1 
ATOM   618 C  C   . LYS A 1 80 ? 10.319  -3.223  -9.365  1.00 42.24  ? 81  LYS A C   1 
ATOM   619 O  O   . LYS A 1 80 ? 9.672   -2.455  -10.082 1.00 41.52  ? 81  LYS A O   1 
ATOM   620 C  CB  . LYS A 1 80 ? 11.041  -2.803  -7.004  1.00 48.88  ? 81  LYS A CB  1 
ATOM   621 C  CG  . LYS A 1 80 ? 11.028  -1.284  -6.913  1.00 50.59  ? 81  LYS A CG  1 
ATOM   622 C  CD  . LYS A 1 80 ? 9.907   -0.804  -6.014  1.00 50.08  ? 81  LYS A CD  1 
ATOM   623 C  CE  . LYS A 1 80 ? 10.027  0.684   -5.705  1.00 50.79  ? 81  LYS A CE  1 
ATOM   624 N  NZ  . LYS A 1 80 ? 8.898   1.159   -4.848  1.00 43.84  ? 81  LYS A NZ  1 
ATOM   625 N  N   . HIS A 1 81 ? 11.362  -3.926  -9.800  1.00 43.56  ? 82  HIS A N   1 
ATOM   626 C  CA  . HIS A 1 81 ? 11.748  -3.986  -11.209 1.00 55.43  ? 82  HIS A CA  1 
ATOM   627 C  C   . HIS A 1 81 ? 12.882  -4.986  -11.421 1.00 55.10  ? 82  HIS A C   1 
ATOM   628 O  O   . HIS A 1 81 ? 12.951  -6.013  -10.746 1.00 54.36  ? 82  HIS A O   1 
ATOM   629 C  CB  . HIS A 1 81 ? 12.158  -2.607  -11.737 1.00 62.59  ? 82  HIS A CB  1 
ATOM   630 C  CG  . HIS A 1 81 ? 13.143  -1.895  -10.865 1.00 65.43  ? 82  HIS A CG  1 
ATOM   631 N  ND1 . HIS A 1 81 ? 14.445  -2.322  -10.712 1.00 66.91  ? 82  HIS A ND1 1 
ATOM   632 C  CD2 . HIS A 1 81 ? 13.014  -0.789  -10.095 1.00 64.39  ? 82  HIS A CD2 1 
ATOM   633 C  CE1 . HIS A 1 81 ? 15.078  -1.505  -9.888  1.00 67.57  ? 82  HIS A CE1 1 
ATOM   634 N  NE2 . HIS A 1 81 ? 14.232  -0.567  -9.499  1.00 67.44  ? 82  HIS A NE2 1 
ATOM   635 N  N   . LYS A 1 85 ? 14.990  -9.590  -5.512  1.00 61.84  ? 86  LYS A N   1 
ATOM   636 C  CA  . LYS A 1 85 ? 14.987  -8.133  -5.521  1.00 60.03  ? 86  LYS A CA  1 
ATOM   637 C  C   . LYS A 1 85 ? 13.890  -7.594  -4.606  1.00 54.09  ? 86  LYS A C   1 
ATOM   638 O  O   . LYS A 1 85 ? 13.053  -8.355  -4.105  1.00 51.42  ? 86  LYS A O   1 
ATOM   639 C  CB  . LYS A 1 85 ? 14.791  -7.603  -6.944  1.00 59.81  ? 86  LYS A CB  1 
ATOM   640 C  CG  . LYS A 1 85 ? 15.528  -6.306  -7.235  1.00 60.18  ? 86  LYS A CG  1 
ATOM   641 C  CD  . LYS A 1 85 ? 16.907  -6.590  -7.789  1.00 62.08  ? 86  LYS A CD  1 
ATOM   642 C  CE  . LYS A 1 85 ? 16.803  -7.393  -9.075  1.00 65.03  ? 86  LYS A CE  1 
ATOM   643 N  NZ  . LYS A 1 85 ? 18.136  -7.811  -9.585  1.00 69.36  ? 86  LYS A NZ  1 
ATOM   644 N  N   . ALA A 1 86 ? 13.898  -6.279  -4.405  1.00 48.11  ? 87  ALA A N   1 
ATOM   645 C  CA  . ALA A 1 86 ? 12.944  -5.610  -3.530  1.00 42.32  ? 87  ALA A CA  1 
ATOM   646 C  C   . ALA A 1 86 ? 11.511  -5.809  -4.007  1.00 37.96  ? 87  ALA A C   1 
ATOM   647 O  O   . ALA A 1 86 ? 11.272  -6.019  -5.198  1.00 41.07  ? 87  ALA A O   1 
ATOM   648 C  CB  . ALA A 1 86 ? 13.263  -4.128  -3.448  1.00 42.22  ? 87  ALA A CB  1 
ATOM   649 N  N   . LEU A 1 87 ? 10.567  -5.731  -3.077  1.00 33.71  ? 88  LEU A N   1 
ATOM   650 C  CA  . LEU A 1 87 ? 9.159   -5.920  -3.406  1.00 29.96  ? 88  LEU A CA  1 
ATOM   651 C  C   . LEU A 1 87 ? 8.358   -4.643  -3.184  1.00 24.44  ? 88  LEU A C   1 
ATOM   652 O  O   . LEU A 1 87 ? 8.739   -3.779  -2.411  1.00 30.71  ? 88  LEU A O   1 
ATOM   653 C  CB  . LEU A 1 87 ? 8.544   -7.035  -2.563  1.00 27.77  ? 88  LEU A CB  1 
ATOM   654 C  CG  . LEU A 1 87 ? 9.121   -8.441  -2.713  1.00 27.26  ? 88  LEU A CG  1 
ATOM   655 C  CD1 . LEU A 1 87 ? 8.252   -9.401  -1.911  1.00 28.04  ? 88  LEU A CD1 1 
ATOM   656 C  CD2 . LEU A 1 87 ? 9.189   -8.843  -4.180  1.00 28.02  ? 88  LEU A CD2 1 
ATOM   657 N  N   . VAL A 1 88 ? 7.226   -4.562  -3.863  1.00 20.71  ? 89  VAL A N   1 
ATOM   658 C  CA  . VAL A 1 88 ? 6.344   -3.426  -3.735  1.00 16.14  ? 89  VAL A CA  1 
ATOM   659 C  C   . VAL A 1 88 ? 4.919   -3.943  -3.588  1.00 17.75  ? 89  VAL A C   1 
ATOM   660 O  O   . VAL A 1 88 ? 4.549   -4.931  -4.224  1.00 17.43  ? 89  VAL A O   1 
ATOM   661 C  CB  . VAL A 1 88 ? 6.482   -2.491  -4.958  1.00 18.22  ? 89  VAL A CB  1 
ATOM   662 C  CG1 . VAL A 1 88 ? 6.209   -3.243  -6.258  1.00 24.69  ? 89  VAL A CG1 1 
ATOM   663 C  CG2 . VAL A 1 88 ? 5.559   -1.291  -4.831  1.00 15.94  ? 89  VAL A CG2 1 
ATOM   664 N  N   . PHE A 1 89 ? 4.134   -3.289  -2.736  1.00 11.80  ? 90  PHE A N   1 
ATOM   665 C  CA  . PHE A 1 89 ? 2.722   -3.609  -2.543  1.00 10.72  ? 90  PHE A CA  1 
ATOM   666 C  C   . PHE A 1 89 ? 1.875   -2.854  -3.575  1.00 14.78  ? 90  PHE A C   1 
ATOM   667 O  O   . PHE A 1 89 ? 1.708   -1.641  -3.474  1.00 13.07  ? 90  PHE A O   1 
ATOM   668 C  CB  . PHE A 1 89 ? 2.340   -3.219  -1.108  1.00 10.07  ? 90  PHE A CB  1 
ATOM   669 C  CG  . PHE A 1 89 ? 0.876   -3.422  -0.749  1.00 12.19  ? 90  PHE A CG  1 
ATOM   670 C  CD1 . PHE A 1 89 ? 0.077   -4.347  -1.408  1.00 13.83  ? 90  PHE A CD1 1 
ATOM   671 C  CD2 . PHE A 1 89 ? 0.316   -2.686  0.291   1.00 13.27  ? 90  PHE A CD2 1 
ATOM   672 C  CE1 . PHE A 1 89 ? -1.262  -4.521  -1.047  1.00 13.75  ? 90  PHE A CE1 1 
ATOM   673 C  CE2 . PHE A 1 89 ? -1.017  -2.843  0.653   1.00 13.48  ? 90  PHE A CE2 1 
ATOM   674 C  CZ  . PHE A 1 89 ? -1.810  -3.768  -0.014  1.00 15.19  ? 90  PHE A CZ  1 
ATOM   675 N  N   . HIS A 1 90 ? 1.354   -3.565  -4.572  1.00 13.30  ? 91  HIS A N   1 
ATOM   676 C  CA  . HIS A 1 90 ? 0.453   -2.940  -5.546  1.00 14.68  ? 91  HIS A CA  1 
ATOM   677 C  C   . HIS A 1 90 ? -0.949  -2.887  -4.965  1.00 14.65  ? 91  HIS A C   1 
ATOM   678 O  O   . HIS A 1 90 ? -1.558  -3.918  -4.701  1.00 15.81  ? 91  HIS A O   1 
ATOM   679 C  CB  . HIS A 1 90 ? 0.414   -3.738  -6.853  1.00 14.34  ? 91  HIS A CB  1 
ATOM   680 C  CG  . HIS A 1 90 ? 1.637   -3.593  -7.698  1.00 17.67  ? 91  HIS A CG  1 
ATOM   681 N  ND1 . HIS A 1 90 ? 1.596   -3.092  -8.983  1.00 21.09  ? 91  HIS A ND1 1 
ATOM   682 C  CD2 . HIS A 1 90 ? 2.930   -3.922  -7.465  1.00 20.85  ? 91  HIS A CD2 1 
ATOM   683 C  CE1 . HIS A 1 90 ? 2.811   -3.102  -9.498  1.00 21.08  ? 91  HIS A CE1 1 
ATOM   684 N  NE2 . HIS A 1 90 ? 3.640   -3.608  -8.600  1.00 23.42  ? 91  HIS A NE2 1 
ATOM   685 N  N   . ILE A 1 91 ? -1.481  -1.687  -4.772  1.00 12.27  ? 92  ILE A N   1 
ATOM   686 C  CA  . ILE A 1 91 ? -2.782  -1.558  -4.152  1.00 13.27  ? 92  ILE A CA  1 
ATOM   687 C  C   . ILE A 1 91 ? -3.861  -1.640  -5.208  1.00 19.77  ? 92  ILE A C   1 
ATOM   688 O  O   . ILE A 1 91 ? -3.852  -0.872  -6.170  1.00 23.19  ? 92  ILE A O   1 
ATOM   689 C  CB  . ILE A 1 91 ? -2.891  -0.212  -3.410  1.00 13.96  ? 92  ILE A CB  1 
ATOM   690 C  CG1 . ILE A 1 91 ? -1.818  -0.153  -2.317  1.00 13.78  ? 92  ILE A CG1 1 
ATOM   691 C  CG2 . ILE A 1 91 ? -4.274  -0.046  -2.823  1.00 18.60  ? 92  ILE A CG2 1 
ATOM   692 C  CD1 . ILE A 1 91 ? -1.586  1.263   -1.768  1.00 17.77  ? 92  ILE A CD1 1 
ATOM   693 N  N   . SER A 1 92 ? -4.785  -2.581  -5.055  1.00 17.53  ? 93  SER A N   1 
ATOM   694 C  CA  . SER A 1 92 ? -5.848  -2.705  -6.042  1.00 18.61  ? 93  SER A CA  1 
ATOM   695 C  C   . SER A 1 92 ? -7.174  -2.181  -5.504  1.00 19.28  ? 93  SER A C   1 
ATOM   696 O  O   . SER A 1 92 ? -8.115  -1.941  -6.263  1.00 20.12  ? 93  SER A O   1 
ATOM   697 C  CB  . SER A 1 92 ? -5.990  -4.152  -6.515  1.00 24.66  ? 93  SER A CB  1 
ATOM   698 O  OG  . SER A 1 92 ? -6.353  -4.999  -5.446  1.00 28.25  ? 93  SER A OG  1 
ATOM   699 N  N   . GLY A 1 93 ? -7.250  -2.007  -4.192  1.00 16.38  ? 94  GLY A N   1 
ATOM   700 C  CA  . GLY A 1 93 ? -8.467  -1.511  -3.575  1.00 18.54  ? 94  GLY A CA  1 
ATOM   701 C  C   . GLY A 1 93 ? -8.152  -0.781  -2.293  1.00 17.21  ? 94  GLY A C   1 
ATOM   702 O  O   . GLY A 1 93 ? -7.246  -1.162  -1.554  1.00 16.54  ? 94  GLY A O   1 
ATOM   703 N  N   . LEU A 1 94 ? -8.916  0.270   -2.025  1.00 19.63  ? 95  LEU A N   1 
ATOM   704 C  CA  . LEU A 1 94 ? -8.585  1.165   -0.937  1.00 25.72  ? 95  LEU A CA  1 
ATOM   705 C  C   . LEU A 1 94 ? -9.842  1.756   -0.332  1.00 25.50  ? 95  LEU A C   1 
ATOM   706 O  O   . LEU A 1 94 ? -10.787 2.080   -1.055  1.00 29.19  ? 95  LEU A O   1 
ATOM   707 C  CB  . LEU A 1 94 ? -7.692  2.275   -1.478  1.00 31.70  ? 95  LEU A CB  1 
ATOM   708 C  CG  . LEU A 1 94 ? -6.964  3.191   -0.515  1.00 39.76  ? 95  LEU A CG  1 
ATOM   709 C  CD1 . LEU A 1 94 ? -5.653  3.611   -1.160  1.00 38.67  ? 95  LEU A CD1 1 
ATOM   710 C  CD2 . LEU A 1 94 ? -7.831  4.405   -0.193  1.00 47.28  ? 95  LEU A CD2 1 
ATOM   711 N  N   . GLU A 1 95 ? -9.862  1.872   0.997   1.00 24.84  ? 96  GLU A N   1 
ATOM   712 C  CA  . GLU A 1 95 ? -10.915 2.594   1.713   1.00 24.76  ? 96  GLU A CA  1 
ATOM   713 C  C   . GLU A 1 95 ? -10.276 3.403   2.832   1.00 23.40  ? 96  GLU A C   1 
ATOM   714 O  O   . GLU A 1 95 ? -9.240  3.019   3.358   1.00 19.46  ? 96  GLU A O   1 
ATOM   715 C  CB  . GLU A 1 95 ? -11.888 1.630   2.386   1.00 34.70  ? 96  GLU A CB  1 
ATOM   716 C  CG  . GLU A 1 95 ? -12.524 0.596   1.496   1.00 46.61  ? 96  GLU A CG  1 
ATOM   717 C  CD  . GLU A 1 95 ? -13.561 -0.202  2.252   1.00 57.44  ? 96  GLU A CD  1 
ATOM   718 O  OE1 . GLU A 1 95 ? -14.369 0.414   2.982   1.00 60.18  ? 96  GLU A OE1 1 
ATOM   719 O  OE2 . GLU A 1 95 ? -13.555 -1.445  2.132   1.00 62.75  ? 96  GLU A OE2 1 
ATOM   720 N  N   . HIS A 1 96 ? -10.902 4.504   3.230   1.00 27.26  ? 97  HIS A N   1 
ATOM   721 C  CA  . HIS A 1 96 ? -10.471 5.138   4.465   1.00 28.98  ? 97  HIS A CA  1 
ATOM   722 C  C   . HIS A 1 96 ? -10.834 4.202   5.612   1.00 34.05  ? 97  HIS A C   1 
ATOM   723 O  O   . HIS A 1 96 ? -11.968 3.724   5.695   1.00 37.74  ? 97  HIS A O   1 
ATOM   724 C  CB  . HIS A 1 96 ? -11.120 6.511   4.630   1.00 34.32  ? 97  HIS A CB  1 
ATOM   725 C  CG  . HIS A 1 96 ? -10.552 7.546   3.711   1.00 46.81  ? 97  HIS A CG  1 
ATOM   726 N  ND1 . HIS A 1 96 ? -10.007 8.730   4.164   1.00 52.49  ? 97  HIS A ND1 1 
ATOM   727 C  CD2 . HIS A 1 96 ? -10.414 7.562   2.364   1.00 52.88  ? 97  HIS A CD2 1 
ATOM   728 C  CE1 . HIS A 1 96 ? -9.577  9.437   3.135   1.00 54.10  ? 97  HIS A CE1 1 
ATOM   729 N  NE2 . HIS A 1 96 ? -9.807  8.750   2.031   1.00 54.85  ? 97  HIS A NE2 1 
ATOM   730 N  N   . HIS A 1 97 ? -9.867  3.913   6.479   1.00 30.92  ? 98  HIS A N   1 
ATOM   731 C  CA  . HIS A 1 97 ? -10.125 3.040   7.623   1.00 34.70  ? 98  HIS A CA  1 
ATOM   732 C  C   . HIS A 1 97 ? -11.201 3.601   8.557   1.00 39.35  ? 98  HIS A C   1 
ATOM   733 O  O   . HIS A 1 97 ? -12.071 2.867   9.025   1.00 42.53  ? 98  HIS A O   1 
ATOM   734 C  CB  . HIS A 1 97 ? -8.838  2.799   8.405   1.00 35.23  ? 98  HIS A CB  1 
ATOM   735 C  CG  . HIS A 1 97 ? -8.996  1.859   9.560   1.00 35.72  ? 98  HIS A CG  1 
ATOM   736 N  ND1 . HIS A 1 97 ? -9.271  0.518   9.394   1.00 31.62  ? 98  HIS A ND1 1 
ATOM   737 C  CD2 . HIS A 1 97 ? -8.910  2.066   10.895  1.00 39.78  ? 98  HIS A CD2 1 
ATOM   738 C  CE1 . HIS A 1 97 ? -9.350  -0.062  10.580  1.00 34.34  ? 98  HIS A CE1 1 
ATOM   739 N  NE2 . HIS A 1 97 ? -9.134  0.856   11.507  1.00 41.16  ? 98  HIS A NE2 1 
ATOM   740 N  N   . HIS A 1 98 ? -11.144 4.903   8.817   1.00 38.33  ? 99  HIS A N   1 
ATOM   741 C  CA  . HIS A 1 98 ? -12.085 5.540   9.740   1.00 43.07  ? 99  HIS A CA  1 
ATOM   742 C  C   . HIS A 1 98 ? -13.150 6.331   8.987   1.00 46.94  ? 99  HIS A C   1 
ATOM   743 O  O   . HIS A 1 98 ? -12.833 7.099   8.077   1.00 48.08  ? 99  HIS A O   1 
ATOM   744 C  CB  . HIS A 1 98 ? -11.333 6.453   10.715  1.00 46.59  ? 99  HIS A CB  1 
ATOM   745 C  CG  . HIS A 1 98 ? -12.191 7.040   11.795  1.00 53.43  ? 99  HIS A CG  1 
ATOM   746 N  ND1 . HIS A 1 98 ? -12.142 8.374   12.141  1.00 58.33  ? 99  HIS A ND1 1 
ATOM   747 C  CD2 . HIS A 1 98 ? -13.112 6.475   12.612  1.00 57.07  ? 99  HIS A CD2 1 
ATOM   748 C  CE1 . HIS A 1 98 ? -12.999 8.607   13.121  1.00 60.79  ? 99  HIS A CE1 1 
ATOM   749 N  NE2 . HIS A 1 98 ? -13.601 7.471   13.424  1.00 61.82  ? 99  HIS A NE2 1 
HETATM 750 C  C   . ACY B 2 .  ? 2.427   15.732  0.530   1.00 45.32  ? 201 ACY A C   1 
HETATM 751 O  O   . ACY B 2 .  ? 3.599   15.581  0.972   1.00 46.68  ? 201 ACY A O   1 
HETATM 752 O  OXT . ACY B 2 .  ? 2.036   15.018  -0.432  1.00 47.66  ? 201 ACY A OXT 1 
HETATM 753 C  CH3 . ACY B 2 .  ? 1.477   16.661  1.218   1.00 35.25  ? 201 ACY A CH3 1 
HETATM 754 O  O   . HOH C 3 .  ? -3.480  -8.174  12.842  1.00 18.46  ? 301 HOH A O   1 
HETATM 755 O  O   . HOH C 3 .  ? -1.426  0.003   10.943  1.00 15.86  ? 302 HOH A O   1 
HETATM 756 O  O   . HOH C 3 .  ? -0.542  2.728   11.296  1.00 18.37  ? 303 HOH A O   1 
HETATM 757 O  O   . HOH C 3 .  ? 6.548   13.387  -0.799  1.00 19.63  ? 304 HOH A O   1 
HETATM 758 O  O   . HOH C 3 .  ? 2.068   3.274   11.812  1.00 18.22  ? 305 HOH A O   1 
HETATM 759 O  O   . HOH C 3 .  ? 4.608   13.007  3.728   1.00 22.16  ? 306 HOH A O   1 
HETATM 760 O  O   . HOH C 3 .  ? -1.474  -9.910  11.543  1.00 22.24  ? 307 HOH A O   1 
HETATM 761 O  O   . HOH C 3 .  ? -2.740  -0.240  -8.549  1.00 21.07  ? 308 HOH A O   1 
HETATM 762 O  O   . HOH C 3 .  ? 4.939   8.151   -8.243  1.00 21.68  ? 309 HOH A O   1 
HETATM 763 O  O   . HOH C 3 .  ? 1.350   14.104  -8.137  1.00 25.33  ? 310 HOH A O   1 
HETATM 764 O  O   . HOH C 3 .  ? 1.154   11.753  -5.187  1.00 21.15  ? 311 HOH A O   1 
HETATM 765 O  O   . HOH C 3 .  ? 8.422   2.010   17.242  1.00 29.13  ? 312 HOH A O   1 
HETATM 766 O  O   . HOH C 3 .  ? -5.137  -0.378  -10.284 1.00 27.22  ? 313 HOH A O   1 
HETATM 767 O  O   . HOH C 3 .  ? -0.861  15.681  5.581   1.00 25.37  ? 314 HOH A O   1 
HETATM 768 O  O   . HOH C 3 .  ? 4.403   12.953  0.892   1.00 21.28  ? 315 HOH A O   1 
HETATM 769 O  O   . HOH C 3 .  ? 7.380   1.818   14.078  1.00 30.43  ? 316 HOH A O   1 
HETATM 770 O  O   . HOH C 3 .  ? -4.755  -13.377 -5.824  1.00 28.28  ? 317 HOH A O   1 
HETATM 771 O  O   . HOH C 3 .  ? 6.974   2.433   -3.805  1.00 29.85  ? 318 HOH A O   1 
HETATM 772 O  O   . HOH C 3 .  ? 7.767   10.617  -8.976  1.00 33.95  ? 319 HOH A O   1 
HETATM 773 O  O   . HOH C 3 .  ? 1.618   -2.783  18.111  1.00 32.47  ? 320 HOH A O   1 
HETATM 774 O  O   . HOH C 3 .  ? 7.833   7.655   -8.185  1.00 27.76  ? 321 HOH A O   1 
HETATM 775 O  O   . HOH C 3 .  ? 6.476   10.175  -15.906 1.00 34.55  ? 322 HOH A O   1 
HETATM 776 O  O   . HOH C 3 .  ? 8.143   12.889  -5.540  1.00 32.20  ? 323 HOH A O   1 
HETATM 777 O  O   . HOH C 3 .  ? 7.874   -6.132  12.849  1.00 32.95  ? 324 HOH A O   1 
HETATM 778 O  O   . HOH C 3 .  ? 0.847   14.758  -13.118 1.00 36.22  ? 325 HOH A O   1 
HETATM 779 O  O   . HOH C 3 .  ? -2.549  -0.057  15.383  1.00 34.94  ? 326 HOH A O   1 
HETATM 780 O  O   . HOH C 3 .  ? -0.957  14.860  -10.353 1.00 33.06  ? 327 HOH A O   1 
HETATM 781 O  O   . HOH C 3 .  ? -4.435  10.677  10.852  1.00 32.90  ? 328 HOH A O   1 
HETATM 782 O  O   . HOH C 3 .  ? -7.028  12.927  2.733   1.00 29.15  ? 329 HOH A O   1 
HETATM 783 O  O   . HOH C 3 .  ? -4.329  -10.524 14.120  1.00 39.08  ? 330 HOH A O   1 
HETATM 784 O  O   . HOH C 3 .  ? -7.766  -4.643  4.397   1.00 33.57  ? 331 HOH A O   1 
HETATM 785 O  O   . HOH C 3 .  ? 11.034  8.382   4.249   1.00 34.80  ? 332 HOH A O   1 
HETATM 786 O  O   . HOH C 3 .  ? -4.383  -20.200 -5.903  1.00 42.58  ? 333 HOH A O   1 
HETATM 787 O  O   . HOH C 3 .  ? 7.542   6.300   -14.948 1.00 36.94  ? 334 HOH A O   1 
HETATM 788 O  O   . HOH C 3 .  ? 6.203   -3.423  -9.539  1.00 38.68  ? 335 HOH A O   1 
HETATM 789 O  O   . HOH C 3 .  ? -3.605  -5.353  15.240  1.00 33.00  ? 336 HOH A O   1 
HETATM 790 O  O   . HOH C 3 .  ? 4.348   8.225   -20.689 1.00 45.83  ? 337 HOH A O   1 
HETATM 791 O  O   . HOH C 3 .  ? -1.461  4.124   -24.296 1.00 45.98  ? 338 HOH A O   1 
HETATM 792 O  O   . HOH C 3 .  ? -7.902  -1.563  -8.892  1.00 38.20  ? 339 HOH A O   1 
HETATM 793 O  O   . HOH C 3 .  ? 3.236   14.559  -12.211 1.00 36.40  ? 340 HOH A O   1 
HETATM 794 O  O   . HOH C 3 .  ? 8.111   5.411   -2.245  1.00 49.63  ? 341 HOH A O   1 
HETATM 795 O  O   . HOH C 3 .  ? 11.133  7.658   -1.926  1.00 41.60  ? 342 HOH A O   1 
HETATM 796 O  O   . HOH C 3 .  ? -3.068  13.807  7.861   1.00 36.22  ? 343 HOH A O   1 
HETATM 797 O  O   . HOH C 3 .  ? 7.878   1.210   -8.336  1.00 40.11  ? 344 HOH A O   1 
HETATM 798 O  O   . HOH C 3 .  ? -1.977  16.705  1.232   1.00 48.09  ? 345 HOH A O   1 
HETATM 799 O  O   . HOH C 3 .  ? 7.374   -0.986  -9.646  1.00 40.63  ? 346 HOH A O   1 
HETATM 800 O  O   . HOH C 3 .  ? 4.862   16.581  -12.367 1.00 45.64  ? 347 HOH A O   1 
HETATM 801 O  O   . HOH C 3 .  ? 1.236   15.687  -10.256 1.00 41.59  ? 348 HOH A O   1 
HETATM 802 O  O   . HOH C 3 .  ? 7.356   15.525  -12.222 1.00 44.78  ? 349 HOH A O   1 
HETATM 803 O  O   . HOH C 3 .  ? -4.893  15.041  -7.227  1.00 47.60  ? 350 HOH A O   1 
HETATM 804 O  O   . HOH C 3 .  ? -5.643  -18.695 -7.812  1.00 56.09  ? 351 HOH A O   1 
HETATM 805 O  O   . HOH C 3 .  ? -9.790  -2.033  0.720   1.00 33.34  ? 352 HOH A O   1 
HETATM 806 O  O   . HOH C 3 .  ? -9.396  -6.162  4.273   1.00 39.66  ? 353 HOH A O   1 
HETATM 807 O  O   . HOH C 3 .  ? 6.709   1.513   -13.831 1.00 41.25  ? 354 HOH A O   1 
HETATM 808 O  O   . HOH C 3 .  ? 1.568   0.799   -18.988 1.00 39.61  ? 355 HOH A O   1 
HETATM 809 O  O   . HOH C 3 .  ? 8.785   11.154  -11.174 1.00 46.07  ? 356 HOH A O   1 
HETATM 810 O  O   . HOH C 3 .  ? 6.917   9.448   -18.592 1.00 49.19  ? 357 HOH A O   1 
HETATM 811 O  O   . HOH C 3 .  ? -7.145  -14.695 -6.393  1.00 58.00  ? 358 HOH A O   1 
HETATM 812 O  O   . HOH C 3 .  ? 6.753   12.747  -12.568 1.00 40.28  ? 359 HOH A O   1 
HETATM 813 O  O   . HOH C 3 .  ? -7.518  16.205  -1.651  1.00 45.15  ? 360 HOH A O   1 
HETATM 814 O  O   . HOH C 3 .  ? -2.050  17.325  3.424   1.00 45.14  ? 361 HOH A O   1 
HETATM 815 O  O   . HOH C 3 .  ? -11.298 -2.899  -1.208  1.00 52.32  ? 362 HOH A O   1 
HETATM 816 O  O   . HOH C 3 .  ? -10.061 9.490   7.239   1.00 42.02  ? 363 HOH A O   1 
HETATM 817 O  O   . HOH C 3 .  ? 12.021  4.587   3.712   1.00 50.23  ? 364 HOH A O   1 
HETATM 818 O  O   . HOH C 3 .  ? -5.614  -16.195 -7.587  1.00 45.25  ? 365 HOH A O   1 
HETATM 819 O  O   . HOH C 3 .  ? 6.110   13.238  -15.203 1.00 54.14  ? 366 HOH A O   1 
HETATM 820 O  O   . HOH C 3 .  ? 0.436   -7.893  12.358  1.00 20.34  ? 367 HOH A O   1 
HETATM 821 O  O   . HOH C 3 .  ? -5.525  12.474  7.268   1.00 33.35  ? 368 HOH A O   1 
HETATM 822 O  O   . HOH C 3 .  ? -7.128  1.078   -10.698 1.00 42.51  ? 369 HOH A O   1 
HETATM 823 O  O   . HOH C 3 .  ? -3.737  15.466  -0.118  1.00 38.21  ? 370 HOH A O   1 
HETATM 824 O  O   . HOH C 3 .  ? -9.069  -5.713  -5.244  1.00 41.26  ? 371 HOH A O   1 
HETATM 825 O  O   . HOH C 3 .  ? 7.315   7.446   -1.091  1.00 43.14  ? 372 HOH A O   1 
HETATM 826 O  O   . HOH C 3 .  ? 11.488  2.226   1.891   1.00 43.97  ? 373 HOH A O   1 
HETATM 827 O  O   . HOH C 3 .  ? -0.979  19.937  4.566   1.00 52.68  ? 374 HOH A O   1 
HETATM 828 O  O   . HOH C 3 .  ? -3.418  -3.771  17.271  1.00 52.28  ? 375 HOH A O   1 
HETATM 829 O  O   . HOH C 3 .  ? -12.640 0.296   -2.399  1.00 52.37  ? 376 HOH A O   1 
HETATM 830 O  O   . HOH C 3 .  ? 6.839   0.712   -11.702 1.00 59.86  ? 377 HOH A O   1 
HETATM 831 O  O   . HOH C 3 .  ? -0.468  -0.803  17.495  1.00 46.41  ? 378 HOH A O   1 
HETATM 832 O  O   . HOH C 3 .  ? -9.134  11.882  -0.201  1.00 46.49  ? 379 HOH A O   1 
HETATM 833 O  O   . HOH C 3 .  ? -13.550 1.749   6.760   1.00 67.08  ? 380 HOH A O   1 
HETATM 834 O  O   . HOH C 3 .  ? -6.816  -10.643 13.663  1.00 49.29  ? 381 HOH A O   1 
HETATM 835 O  O   . HOH C 3 .  ? -6.446  15.474  0.833   1.00 46.62  ? 382 HOH A O   1 
HETATM 836 O  O   . HOH C 3 .  ? -2.667  15.981  -5.179  1.00 34.65  ? 383 HOH A O   1 
HETATM 837 O  O   . HOH C 3 .  ? 12.152  -11.245 -6.018  1.00 36.02  ? 384 HOH A O   1 
HETATM 838 O  O   . HOH C 3 .  ? -7.719  2.098   -13.507 1.00 31.45  ? 385 HOH A O   1 
HETATM 839 O  O   . HOH C 3 .  ? -10.785 1.009   -4.274  1.00 27.17  ? 386 HOH A O   1 
HETATM 840 O  O   . HOH C 3 .  ? -2.965  15.153  -11.270 1.00 40.11  ? 387 HOH A O   1 
HETATM 841 O  O   . HOH C 3 .  ? -13.106 5.113   1.650   1.00 39.61  ? 388 HOH A O   1 
HETATM 842 O  O   . HOH C 3 .  ? 3.618   14.359  -3.602  1.00 42.54  ? 389 HOH A O   1 
# 
loop_
_atom_site_anisotrop.id 
_atom_site_anisotrop.type_symbol 
_atom_site_anisotrop.pdbx_label_atom_id 
_atom_site_anisotrop.pdbx_label_alt_id 
_atom_site_anisotrop.pdbx_label_comp_id 
_atom_site_anisotrop.pdbx_label_asym_id 
_atom_site_anisotrop.pdbx_label_seq_id 
_atom_site_anisotrop.pdbx_PDB_ins_code 
_atom_site_anisotrop.U[1][1] 
_atom_site_anisotrop.U[2][2] 
_atom_site_anisotrop.U[3][3] 
_atom_site_anisotrop.U[1][2] 
_atom_site_anisotrop.U[1][3] 
_atom_site_anisotrop.U[2][3] 
_atom_site_anisotrop.pdbx_auth_seq_id 
_atom_site_anisotrop.pdbx_auth_comp_id 
_atom_site_anisotrop.pdbx_auth_asym_id 
_atom_site_anisotrop.pdbx_auth_atom_id 
1   N  N   . ALA A 1  ? 0.6659 0.3432 0.4738 -0.0144 -0.0596 -0.1318 2   ALA A N   
2   C  CA  . ALA A 1  ? 0.6463 0.3267 0.4783 -0.0098 -0.0522 -0.1203 2   ALA A CA  
3   C  C   . ALA A 1  ? 0.5151 0.2336 0.3726 -0.0143 -0.0538 -0.1093 2   ALA A C   
4   O  O   . ALA A 1  ? 0.4528 0.1962 0.3099 -0.0061 -0.0506 -0.1094 2   ALA A O   
5   C  CB  . ALA A 1  ? 0.6242 0.2953 0.4527 0.0153  -0.0355 -0.1205 2   ALA A CB  
6   N  N   . ILE A 2  ? 0.4532 0.1755 0.3318 -0.0277 -0.0582 -0.0996 3   ILE A N   
7   C  CA  A ILE A 2  ? 0.4049 0.1617 0.3071 -0.0322 -0.0596 -0.0901 3   ILE A CA  
8   C  CA  B ILE A 2  ? 0.4051 0.1613 0.3078 -0.0323 -0.0594 -0.0897 3   ILE A CA  
9   C  C   . ILE A 2  ? 0.3744 0.1432 0.2814 -0.0104 -0.0474 -0.0853 3   ILE A C   
10  O  O   . ILE A 2  ? 0.3850 0.1377 0.2889 0.0041  -0.0383 -0.0828 3   ILE A O   
11  C  CB  A ILE A 2  ? 0.4270 0.1879 0.3514 -0.0525 -0.0644 -0.0790 3   ILE A CB  
12  C  CB  B ILE A 2  ? 0.4024 0.1573 0.3249 -0.0503 -0.0626 -0.0783 3   ILE A CB  
13  C  CG1 A ILE A 2  ? 0.3942 0.1996 0.3455 -0.0590 -0.0659 -0.0710 3   ILE A CG1 
14  C  CG1 B ILE A 2  ? 0.4316 0.1816 0.3572 -0.0739 -0.0739 -0.0812 3   ILE A CG1 
15  C  CG2 A ILE A 2  ? 0.4063 0.1448 0.3307 -0.0450 -0.0560 -0.0697 3   ILE A CG2 
16  C  CG2 B ILE A 2  ? 0.3716 0.1657 0.3203 -0.0533 -0.0604 -0.0674 3   ILE A CG2 
17  C  CD1 A ILE A 2  ? 0.4133 0.2342 0.3901 -0.0792 -0.0656 -0.0583 3   ILE A CD1 
18  C  CD1 B ILE A 2  ? 0.4720 0.2129 0.4125 -0.0916 -0.0735 -0.0697 3   ILE A CD1 
19  N  N   . ASN A 3  ? 0.3363 0.1402 0.2557 -0.0081 -0.0472 -0.0823 4   ASN A N   
20  C  CA  . ASN A 3  ? 0.3014 0.1302 0.2337 0.0088  -0.0353 -0.0742 4   ASN A CA  
21  C  C   . ASN A 3  ? 0.2776 0.1468 0.2318 0.0003  -0.0376 -0.0664 4   ASN A C   
22  O  O   . ASN A 3  ? 0.2620 0.1484 0.2135 0.0009  -0.0407 -0.0698 4   ASN A O   
23  C  CB  . ASN A 3  ? 0.3126 0.1375 0.2268 0.0262  -0.0277 -0.0824 4   ASN A CB  
24  C  CG  . ASN A 3  ? 0.2736 0.1322 0.2050 0.0383  -0.0176 -0.0735 4   ASN A CG  
25  O  OD1 . ASN A 3  ? 0.2607 0.1407 0.2146 0.0361  -0.0168 -0.0625 4   ASN A OD1 
26  N  ND2 . ASN A 3  ? 0.2812 0.1429 0.1989 0.0497  -0.0098 -0.0784 4   ASN A ND2 
27  N  N   . ARG A 4  ? 0.2454 0.1267 0.2181 -0.0069 -0.0358 -0.0558 5   ARG A N   
28  C  CA  . ARG A 4  ? 0.2155 0.1324 0.2086 -0.0141 -0.0361 -0.0495 5   ARG A CA  
29  C  C   . ARG A 4  ? 0.1951 0.1239 0.1986 -0.0103 -0.0280 -0.0388 5   ARG A C   
30  O  O   . ARG A 4  ? 0.2148 0.1284 0.2168 -0.0155 -0.0261 -0.0327 5   ARG A O   
31  C  CB  . ARG A 4  ? 0.2939 0.2151 0.2982 -0.0338 -0.0439 -0.0493 5   ARG A CB  
32  C  CG  . ARG A 4  ? 0.2950 0.2560 0.3250 -0.0392 -0.0425 -0.0429 5   ARG A CG  
33  C  CD  . ARG A 4  ? 0.4317 0.4040 0.4788 -0.0584 -0.0522 -0.0435 5   ARG A CD  
34  N  NE  . ARG A 4  ? 0.5363 0.5514 0.6135 -0.0601 -0.0496 -0.0375 5   ARG A NE  
35  C  CZ  . ARG A 4  ? 0.5885 0.6235 0.6888 -0.0702 -0.0409 -0.0285 5   ARG A CZ  
36  N  NH1 . ARG A 4  ? 0.5562 0.6310 0.6846 -0.0676 -0.0366 -0.0243 5   ARG A NH1 
37  N  NH2 . ARG A 4  ? 0.6451 0.6590 0.7395 -0.0820 -0.0355 -0.0233 5   ARG A NH2 
38  N  N   . LEU A 5  ? 0.1693 0.1210 0.1794 -0.0019 -0.0242 -0.0364 6   LEU A N   
39  C  CA  . LEU A 5  ? 0.1732 0.1343 0.1882 0.0011  -0.0185 -0.0282 6   LEU A CA  
40  C  C   . LEU A 5  ? 0.1756 0.1617 0.2032 -0.0039 -0.0157 -0.0261 6   LEU A C   
41  O  O   . LEU A 5  ? 0.1677 0.1693 0.2021 -0.0013 -0.0185 -0.0298 6   LEU A O   
42  C  CB  . LEU A 5  ? 0.1719 0.1369 0.1846 0.0141  -0.0167 -0.0277 6   LEU A CB  
43  C  CG  . LEU A 5  ? 0.1779 0.1504 0.1919 0.0159  -0.0144 -0.0208 6   LEU A CG  
44  C  CD1 . LEU A 5  ? 0.2055 0.1613 0.2124 0.0130  -0.0150 -0.0141 6   LEU A CD1 
45  C  CD2 . LEU A 5  ? 0.2414 0.2206 0.2577 0.0248  -0.0149 -0.0199 6   LEU A CD2 
46  N  N   . GLN A 6  ? 0.1926 0.1812 0.2221 -0.0099 -0.0098 -0.0196 7   GLN A N   
47  C  CA  . GLN A 6  ? 0.1604 0.1722 0.2006 -0.0106 -0.0028 -0.0175 7   GLN A CA  
48  C  C   . GLN A 6  ? 0.1901 0.1961 0.2160 -0.0036 0.0021  -0.0142 7   GLN A C   
49  O  O   . GLN A 6  ? 0.1870 0.1757 0.1986 -0.0058 0.0025  -0.0089 7   GLN A O   
50  C  CB  . GLN A 6  ? 0.1904 0.2100 0.2414 -0.0242 0.0032  -0.0125 7   GLN A CB  
51  C  CG  . GLN A 6  ? 0.2338 0.2576 0.3000 -0.0362 -0.0045 -0.0151 7   GLN A CG  
52  C  CD  . GLN A 6  ? 0.3250 0.3515 0.4013 -0.0533 0.0017  -0.0075 7   GLN A CD  
53  O  OE1 . GLN A 6  ? 0.3635 0.3622 0.4262 -0.0620 0.0002  -0.0037 7   GLN A OE1 
54  N  NE2 . GLN A 6  ? 0.2817 0.3416 0.3830 -0.0578 0.0098  -0.0041 7   GLN A NE2 
55  N  N   . LEU A 7  ? 0.1515 0.1685 0.1787 0.0047  0.0042  -0.0170 8   LEU A N   
56  C  CA  . LEU A 7  ? 0.1764 0.1834 0.1866 0.0099  0.0056  -0.0157 8   LEU A CA  
57  C  C   . LEU A 7  ? 0.1940 0.2115 0.2050 0.0158  0.0129  -0.0188 8   LEU A C   
58  O  O   . LEU A 7  ? 0.1849 0.2149 0.2099 0.0213  0.0116  -0.0224 8   LEU A O   
59  C  CB  . LEU A 7  ? 0.2097 0.2086 0.2168 0.0157  -0.0034 -0.0170 8   LEU A CB  
60  C  CG  . LEU A 7  ? 0.2616 0.2486 0.2533 0.0174  -0.0073 -0.0144 8   LEU A CG  
61  C  CD1 . LEU A 7  ? 0.2455 0.2191 0.2256 0.0131  -0.0095 -0.0079 8   LEU A CD1 
62  C  CD2 . LEU A 7  ? 0.2603 0.2480 0.2586 0.0215  -0.0147 -0.0147 8   LEU A CD2 
63  N  N   . VAL A 8  ? 0.1472 0.1572 0.1404 0.0157  0.0208  -0.0175 9   VAL A N   
64  C  CA  . VAL A 8  ? 0.1562 0.1676 0.1425 0.0244  0.0285  -0.0224 9   VAL A CA  
65  C  C   . VAL A 8  ? 0.2542 0.2427 0.2165 0.0269  0.0199  -0.0249 9   VAL A C   
66  O  O   . VAL A 8  ? 0.2321 0.2050 0.1729 0.0219  0.0162  -0.0217 9   VAL A O   
67  C  CB  . VAL A 8  ? 0.2056 0.2211 0.1828 0.0232  0.0451  -0.0209 9   VAL A CB  
68  C  CG1 . VAL A 8  ? 0.2685 0.2751 0.2276 0.0348  0.0536  -0.0281 9   VAL A CG1 
69  C  CG2 . VAL A 8  ? 0.2733 0.3181 0.2830 0.0194  0.0536  -0.0179 9   VAL A CG2 
70  N  N   . ALA A 9  ? 0.1954 0.1811 0.1613 0.0336  0.0149  -0.0294 10  ALA A N   
71  C  CA  . ALA A 9  ? 0.2193 0.1856 0.1691 0.0320  0.0037  -0.0305 10  ALA A CA  
72  C  C   . ALA A 9  ? 0.2236 0.1794 0.1689 0.0393  0.0034  -0.0363 10  ALA A C   
73  O  O   . ALA A 9  ? 0.2403 0.2069 0.2005 0.0473  0.0092  -0.0380 10  ALA A O   
74  C  CB  . ALA A 9  ? 0.2663 0.2384 0.2314 0.0275  -0.0070 -0.0255 10  ALA A CB  
75  N  N   . THR A 10 ? 0.2104 0.1433 0.1348 0.0359  -0.0053 -0.0386 11  THR A N   
76  C  CA  . THR A 10 ? 0.2325 0.1459 0.1470 0.0409  -0.0072 -0.0443 11  THR A CA  
77  C  C   . THR A 10 ? 0.2409 0.1576 0.1735 0.0371  -0.0169 -0.0393 11  THR A C   
78  O  O   . THR A 10 ? 0.2296 0.1523 0.1703 0.0278  -0.0260 -0.0337 11  THR A O   
79  C  CB  . THR A 10 ? 0.2593 0.1418 0.1383 0.0361  -0.0136 -0.0501 11  THR A CB  
80  O  OG1 . THR A 10 ? 0.3254 0.2031 0.1813 0.0400  -0.0019 -0.0542 11  THR A OG1 
81  C  CG2 . THR A 10 ? 0.3127 0.1664 0.1774 0.0402  -0.0166 -0.0571 11  THR A CG2 
82  N  N   . LEU A 11 ? 0.2308 0.1441 0.1703 0.0452  -0.0144 -0.0403 12  LEU A N   
83  C  CA  . LEU A 11 ? 0.2633 0.1745 0.2135 0.0407  -0.0222 -0.0343 12  LEU A CA  
84  C  C   . LEU A 11 ? 0.3002 0.1835 0.2334 0.0309  -0.0322 -0.0355 12  LEU A C   
85  O  O   . LEU A 11 ? 0.3037 0.1585 0.2152 0.0350  -0.0322 -0.0428 12  LEU A O   
86  C  CB  . LEU A 11 ? 0.2756 0.1856 0.2327 0.0522  -0.0187 -0.0333 12  LEU A CB  
87  C  CG  . LEU A 11 ? 0.2664 0.1682 0.2272 0.0469  -0.0255 -0.0255 12  LEU A CG  
88  C  CD1 . LEU A 11 ? 0.2480 0.1753 0.2252 0.0402  -0.0258 -0.0185 12  LEU A CD1 
89  C  CD2 . LEU A 11 ? 0.2914 0.1829 0.2517 0.0596  -0.0246 -0.0236 12  LEU A CD2 
90  N  N   . VAL A 12 ? 0.2209 0.1124 0.1649 0.0180  -0.0409 -0.0287 13  VAL A N   
91  C  CA  . VAL A 12 ? 0.2401 0.1100 0.1737 0.0048  -0.0535 -0.0287 13  VAL A CA  
92  C  C   . VAL A 12 ? 0.2499 0.1082 0.1904 -0.0005 -0.0562 -0.0227 13  VAL A C   
93  O  O   . VAL A 12 ? 0.3100 0.1349 0.2330 -0.0059 -0.0632 -0.0259 13  VAL A O   
94  C  CB  . VAL A 12 ? 0.2738 0.1651 0.2237 -0.0070 -0.0626 -0.0222 13  VAL A CB  
95  C  CG1 . VAL A 12 ? 0.3180 0.1922 0.2629 -0.0234 -0.0789 -0.0210 13  VAL A CG1 
96  C  CG2 . VAL A 12 ? 0.3265 0.2257 0.2671 -0.0025 -0.0611 -0.0255 13  VAL A CG2 
97  N  N   . GLU A 13 ? 0.2593 0.1421 0.2224 0.0003  -0.0506 -0.0134 14  GLU A N   
98  C  CA  . GLU A 13 ? 0.2592 0.1309 0.2258 -0.0051 -0.0511 -0.0052 14  GLU A CA  
99  C  C   . GLU A 13 ? 0.2246 0.1195 0.2041 0.0028  -0.0413 0.0018  14  GLU A C   
100 O  O   . GLU A 13 ? 0.2267 0.1476 0.2166 0.0084  -0.0360 0.0006  14  GLU A O   
101 C  CB  . GLU A 13 ? 0.3230 0.1969 0.3029 -0.0251 -0.0600 0.0026  14  GLU A CB  
102 C  CG  . GLU A 13 ? 0.3320 0.2435 0.3376 -0.0300 -0.0601 0.0074  14  GLU A CG  
103 C  CD  . GLU A 13 ? 0.4253 0.3447 0.4513 -0.0499 -0.0702 0.0159  14  GLU A CD  
104 O  OE1 . GLU A 13 ? 0.3952 0.2943 0.4105 -0.0613 -0.0854 0.0116  14  GLU A OE1 
105 O  OE2 . GLU A 13 ? 0.4276 0.3746 0.4806 -0.0545 -0.0628 0.0272  14  GLU A OE2 
106 N  N   . ARG A 14 ? 0.2295 0.1100 0.2038 0.0030  -0.0399 0.0090  15  ARG A N   
107 C  CA  . ARG A 14 ? 0.2408 0.1396 0.2205 0.0087  -0.0322 0.0166  15  ARG A CA  
108 C  C   . ARG A 14 ? 0.2720 0.1611 0.2506 -0.0022 -0.0306 0.0299  15  ARG A C   
109 O  O   . ARG A 14 ? 0.3193 0.1798 0.2903 -0.0111 -0.0366 0.0331  15  ARG A O   
110 C  CB  . ARG A 14 ? 0.2682 0.1639 0.2383 0.0260  -0.0310 0.0123  15  ARG A CB  
111 C  CG  . ARG A 14 ? 0.3147 0.1782 0.2705 0.0341  -0.0355 0.0095  15  ARG A CG  
112 C  CD  . ARG A 14 ? 0.3184 0.1879 0.2736 0.0526  -0.0349 0.0077  15  ARG A CD  
113 N  NE  . ARG A 14 ? 0.3125 0.1528 0.2575 0.0647  -0.0375 0.0032  15  ARG A NE  
114 C  CZ  . ARG A 14 ? 0.3840 0.1925 0.3161 0.0681  -0.0420 0.0106  15  ARG A CZ  
115 N  NH1 . ARG A 14 ? 0.4130 0.2162 0.3396 0.0584  -0.0439 0.0240  15  ARG A NH1 
116 N  NH2 . ARG A 14 ? 0.4048 0.1933 0.3312 0.0789  -0.0414 0.0048  15  ARG A NH2 
117 N  N   . GLU A 15 ? 0.2632 0.1742 0.2480 -0.0027 -0.0216 0.0378  16  GLU A N   
118 C  CA  . GLU A 15 ? 0.2872 0.1936 0.2703 -0.0134 -0.0158 0.0525  16  GLU A CA  
119 C  C   . GLU A 15 ? 0.2930 0.1771 0.2512 -0.0043 -0.0161 0.0588  16  GLU A C   
120 O  O   . GLU A 15 ? 0.2921 0.1756 0.2407 0.0113  -0.0197 0.0517  16  GLU A O   
121 C  CB  . GLU A 15 ? 0.2887 0.2294 0.2866 -0.0159 -0.0029 0.0575  16  GLU A CB  
122 C  CG  . GLU A 15 ? 0.3554 0.3224 0.3817 -0.0216 -0.0033 0.0530  16  GLU A CG  
123 C  CD  . GLU A 15 ? 0.5127 0.4754 0.5564 -0.0404 -0.0104 0.0595  16  GLU A CD  
124 O  OE1 . GLU A 15 ? 0.6011 0.5520 0.6424 -0.0524 -0.0073 0.0719  16  GLU A OE1 
125 O  OE2 . GLU A 15 ? 0.5529 0.5225 0.6106 -0.0444 -0.0203 0.0529  16  GLU A OE2 
126 N  N   . VAL A 16 ? 0.3097 0.1764 0.2588 -0.0149 -0.0130 0.0736  17  VAL A N   
127 C  CA  . VAL A 16 ? 0.3449 0.1881 0.2670 -0.0070 -0.0141 0.0832  17  VAL A CA  
128 C  C   . VAL A 16 ? 0.3250 0.1923 0.2378 0.0040  -0.0074 0.0819  17  VAL A C   
129 O  O   . VAL A 16 ? 0.3054 0.2010 0.2296 -0.0003 0.0035  0.0805  17  VAL A O   
130 C  CB  . VAL A 16 ? 0.3977 0.2205 0.3108 -0.0237 -0.0088 0.1022  17  VAL A CB  
131 C  CG1 . VAL A 16 ? 0.4762 0.2747 0.3565 -0.0152 -0.0097 0.1147  17  VAL A CG1 
132 C  CG2 . VAL A 16 ? 0.4740 0.2654 0.3927 -0.0365 -0.0184 0.1024  17  VAL A CG2 
133 N  N   . MSE A 17 ? 0.3400 0.1954 0.2328 0.0187  -0.0155 0.0817  18  MSE A N   
134 C  CA  . MSE A 17 ? 0.3379 0.2099 0.2158 0.0276  -0.0136 0.0801  18  MSE A CA  
135 C  C   . MSE A 17 ? 0.3535 0.2278 0.2125 0.0187  0.0007  0.0930  18  MSE A C   
136 O  O   . MSE A 17 ? 0.3876 0.2406 0.2331 0.0097  0.0045  0.1089  18  MSE A O   
137 C  CB  . MSE A 17 ? 0.3651 0.2208 0.2254 0.0427  -0.0285 0.0819  18  MSE A CB  
138 C  CG  . MSE A 17 ? 0.3590 0.2272 0.1995 0.0506  -0.0322 0.0805  18  MSE A CG  
139 SE SE  . MSE A 17 ? 0.5313 0.3856 0.3631 0.0704  -0.0565 0.0836  18  MSE A SE  
140 C  CE  . MSE A 17 ? 0.3455 0.2253 0.2227 0.0779  -0.0596 0.0633  18  MSE A CE  
141 N  N   . ARG A 18 ? 0.3404 0.2383 0.1966 0.0212  0.0099  0.0861  19  ARG A N   
142 C  CA  . ARG A 18 ? 0.4027 0.3039 0.2353 0.0168  0.0265  0.0956  19  ARG A CA  
143 C  C   . ARG A 18 ? 0.3797 0.2816 0.1814 0.0286  0.0218  0.0878  19  ARG A C   
144 O  O   . ARG A 18 ? 0.3631 0.2675 0.1700 0.0376  0.0056  0.0762  19  ARG A O   
145 C  CB  . ARG A 18 ? 0.3864 0.3158 0.2466 0.0087  0.0454  0.0935  19  ARG A CB  
146 C  CG  . ARG A 18 ? 0.3886 0.3405 0.2689 0.0168  0.0441  0.0751  19  ARG A CG  
147 C  CD  . ARG A 18 ? 0.3498 0.3294 0.2616 0.0111  0.0612  0.0753  19  ARG A CD  
148 N  NE  . ARG A 18 ? 0.3364 0.3326 0.2685 0.0188  0.0576  0.0594  19  ARG A NE  
149 C  CZ  . ARG A 18 ? 0.3993 0.4024 0.3195 0.0289  0.0655  0.0496  19  ARG A CZ  
150 N  NH1 . ARG A 18 ? 0.3847 0.3800 0.2698 0.0329  0.0775  0.0525  19  ARG A NH1 
151 N  NH2 . ARG A 18 ? 0.3916 0.4052 0.3309 0.0347  0.0611  0.0369  19  ARG A NH2 
152 N  N   . TYR A 19 ? 0.4144 0.3133 0.1826 0.0276  0.0358  0.0943  20  TYR A N   
153 C  CA  . TYR A 19 ? 0.4388 0.3307 0.1677 0.0370  0.0289  0.0874  20  TYR A CA  
154 C  C   . TYR A 19 ? 0.4967 0.4001 0.2099 0.0379  0.0507  0.0806  20  TYR A C   
155 O  O   . TYR A 19 ? 0.4622 0.3735 0.1791 0.0314  0.0742  0.0901  20  TYR A O   
156 C  CB  . TYR A 19 ? 0.4913 0.3545 0.1749 0.0382  0.0195  0.1034  20  TYR A CB  
157 C  CG  . TYR A 19 ? 0.5086 0.3571 0.2072 0.0410  -0.0013 0.1107  20  TYR A CG  
158 C  CD1 . TYR A 19 ? 0.5186 0.3673 0.2197 0.0510  -0.0261 0.1033  20  TYR A CD1 
159 C  CD2 . TYR A 19 ? 0.5116 0.3501 0.2307 0.0323  0.0041  0.1225  20  TYR A CD2 
160 C  CE1 . TYR A 19 ? 0.4780 0.3179 0.2001 0.0561  -0.0419 0.1081  20  TYR A CE1 
161 C  CE2 . TYR A 19 ? 0.4924 0.3124 0.2230 0.0372  -0.0136 0.1269  20  TYR A CE2 
162 C  CZ  . TYR A 19 ? 0.4932 0.3165 0.2277 0.0502  -0.0351 0.1188  20  TYR A CZ  
163 O  OH  . TYR A 19 ? 0.4909 0.3024 0.2449 0.0568  -0.0488 0.1211  20  TYR A OH  
164 N  N   . THR A 20 ? 0.4822 0.3861 0.1793 0.0460  0.0431  0.0641  21  THR A N   
165 C  CA  . THR A 20 ? 0.5305 0.4355 0.2009 0.0495  0.0617  0.0555  21  THR A CA  
166 C  C   . THR A 20 ? 0.5861 0.4767 0.2168 0.0453  0.0648  0.0642  21  THR A C   
167 O  O   . THR A 20 ? 0.5970 0.4734 0.2128 0.0424  0.0491  0.0760  21  THR A O   
168 C  CB  . THR A 20 ? 0.4844 0.3873 0.1480 0.0559  0.0476  0.0341  21  THR A CB  
169 O  OG1 . THR A 20 ? 0.5257 0.4134 0.1620 0.0550  0.0232  0.0329  21  THR A OG1 
170 C  CG2 . THR A 20 ? 0.4797 0.3991 0.1914 0.0566  0.0376  0.0248  21  THR A CG2 
171 N  N   . PRO A 21 ? 0.6659 0.5600 0.2795 0.0462  0.0850  0.0584  22  PRO A N   
172 C  CA  . PRO A 21 ? 0.7282 0.6078 0.2975 0.0432  0.0877  0.0650  22  PRO A CA  
173 C  C   . PRO A 21 ? 0.7528 0.6125 0.2889 0.0451  0.0582  0.0607  22  PRO A C   
174 O  O   . PRO A 21 ? 0.8097 0.6565 0.3134 0.0417  0.0536  0.0725  22  PRO A O   
175 C  CB  . PRO A 21 ? 0.7338 0.6202 0.2926 0.0477  0.1111  0.0526  22  PRO A CB  
176 C  CG  . PRO A 21 ? 0.6037 0.5154 0.2128 0.0494  0.1291  0.0509  22  PRO A CG  
177 C  CD  . PRO A 21 ? 0.6185 0.5325 0.2576 0.0500  0.1092  0.0494  22  PRO A CD  
178 N  N   . ALA A 22 ? 0.6608 0.5208 0.2075 0.0494  0.0381  0.0453  23  ALA A N   
179 C  CA  . ALA A 22 ? 0.7166 0.5647 0.2414 0.0496  0.0089  0.0415  23  ALA A CA  
180 C  C   . ALA A 22 ? 0.7064 0.5550 0.2495 0.0492  -0.0134 0.0551  23  ALA A C   
181 O  O   . ALA A 22 ? 0.7190 0.5623 0.2500 0.0499  -0.0374 0.0567  23  ALA A O   
182 C  CB  . ALA A 22 ? 0.7163 0.5662 0.2485 0.0517  -0.0039 0.0203  23  ALA A CB  
183 N  N   . GLY A 23 ? 0.5925 0.4480 0.1668 0.0487  -0.0053 0.0651  24  GLY A N   
184 C  CA  . GLY A 23 ? 0.6388 0.4920 0.2336 0.0502  -0.0238 0.0772  24  GLY A CA  
185 C  C   . GLY A 23 ? 0.5274 0.3944 0.1619 0.0551  -0.0395 0.0668  24  GLY A C   
186 O  O   . GLY A 23 ? 0.5155 0.3843 0.1714 0.0589  -0.0577 0.0724  24  GLY A O   
187 N  N   . VAL A 24 ? 0.4996 0.3777 0.1461 0.0557  -0.0314 0.0513  25  VAL A N   
188 C  CA  . VAL A 24 ? 0.4528 0.3457 0.1374 0.0594  -0.0437 0.0418  25  VAL A CA  
189 C  C   . VAL A 24 ? 0.4157 0.3161 0.1366 0.0587  -0.0321 0.0485  25  VAL A C   
190 O  O   . VAL A 24 ? 0.4176 0.3227 0.1461 0.0541  -0.0097 0.0496  25  VAL A O   
191 C  CB  . VAL A 24 ? 0.4401 0.3405 0.1266 0.0587  -0.0405 0.0224  25  VAL A CB  
192 C  CG1 . VAL A 24 ? 0.3911 0.3105 0.1241 0.0594  -0.0512 0.0139  25  VAL A CG1 
193 C  CG2 . VAL A 24 ? 0.4787 0.3711 0.1369 0.0554  -0.0528 0.0143  25  VAL A CG2 
194 N  N   . PRO A 25 ? 0.3934 0.2982 0.1446 0.0622  -0.0468 0.0518  26  PRO A N   
195 C  CA  . PRO A 25 ? 0.3628 0.2720 0.1495 0.0589  -0.0365 0.0555  26  PRO A CA  
196 C  C   . PRO A 25 ? 0.3321 0.2621 0.1542 0.0560  -0.0285 0.0413  26  PRO A C   
197 O  O   . PRO A 25 ? 0.3018 0.2439 0.1342 0.0585  -0.0374 0.0292  26  PRO A O   
198 C  CB  . PRO A 25 ? 0.3971 0.3011 0.1996 0.0667  -0.0546 0.0605  26  PRO A CB  
199 C  CG  . PRO A 25 ? 0.3673 0.2806 0.1647 0.0737  -0.0745 0.0544  26  PRO A CG  
200 C  CD  . PRO A 25 ? 0.3990 0.3060 0.1554 0.0691  -0.0721 0.0521  26  PRO A CD  
201 N  N   . ILE A 26 ? 0.3021 0.2358 0.1431 0.0496  -0.0135 0.0445  27  ILE A N   
202 C  CA  . ILE A 26 ? 0.2640 0.2150 0.1377 0.0470  -0.0075 0.0340  27  ILE A CA  
203 C  C   . ILE A 26 ? 0.2510 0.1994 0.1496 0.0426  -0.0077 0.0386  27  ILE A C   
204 O  O   . ILE A 26 ? 0.2897 0.2269 0.1833 0.0364  -0.0019 0.0504  27  ILE A O   
205 C  CB  . ILE A 26 ? 0.2964 0.2569 0.1697 0.0430  0.0113  0.0333  27  ILE A CB  
206 C  CG1 . ILE A 26 ? 0.3865 0.3416 0.2247 0.0476  0.0155  0.0286  27  ILE A CG1 
207 C  CG2 . ILE A 26 ? 0.2975 0.2746 0.2045 0.0417  0.0146  0.0240  27  ILE A CG2 
208 C  CD1 . ILE A 26 ? 0.4303 0.3886 0.2689 0.0518  0.0051  0.0132  27  ILE A CD1 
209 N  N   . VAL A 27 ? 0.2307 0.1871 0.1528 0.0447  -0.0140 0.0293  28  VAL A N   
210 C  CA  . VAL A 27 ? 0.2471 0.1989 0.1883 0.0398  -0.0137 0.0303  28  VAL A CA  
211 C  C   . VAL A 27 ? 0.2219 0.1909 0.1841 0.0356  -0.0084 0.0223  28  VAL A C   
212 O  O   . VAL A 27 ? 0.2267 0.2055 0.1959 0.0399  -0.0116 0.0127  28  VAL A O   
213 C  CB  . VAL A 27 ? 0.2624 0.2035 0.2079 0.0476  -0.0248 0.0272  28  VAL A CB  
214 C  CG1 . VAL A 27 ? 0.2307 0.1642 0.1899 0.0429  -0.0244 0.0236  28  VAL A CG1 
215 C  CG2 . VAL A 27 ? 0.2681 0.1879 0.1949 0.0528  -0.0312 0.0379  28  VAL A CG2 
216 N  N   . ASN A 28 ? 0.1913 0.1646 0.1641 0.0266  -0.0009 0.0279  29  ASN A N   
217 C  CA  . ASN A 28 ? 0.1990 0.1878 0.1938 0.0230  0.0010  0.0229  29  ASN A CA  
218 C  C   . ASN A 28 ? 0.2163 0.1952 0.2189 0.0193  -0.0083 0.0194  29  ASN A C   
219 O  O   . ASN A 28 ? 0.2136 0.1738 0.2101 0.0152  -0.0127 0.0239  29  ASN A O   
220 C  CB  . ASN A 28 ? 0.2449 0.2474 0.2538 0.0151  0.0116  0.0316  29  ASN A CB  
221 C  CG  . ASN A 28 ? 0.2852 0.2993 0.2858 0.0213  0.0248  0.0318  29  ASN A CG  
222 O  OD1 . ASN A 28 ? 0.3312 0.3380 0.3116 0.0214  0.0317  0.0385  29  ASN A OD1 
223 N  ND2 . ASN A 28 ? 0.3085 0.3366 0.3208 0.0271  0.0285  0.0245  29  ASN A ND2 
224 N  N   . CYS A 29 ? 0.2044 0.1912 0.2163 0.0211  -0.0113 0.0115  30  CYS A N   
225 C  CA  . CYS A 29 ? 0.2009 0.1760 0.2133 0.0178  -0.0192 0.0074  30  CYS A CA  
226 C  C   . CYS A 29 ? 0.2006 0.1876 0.2251 0.0145  -0.0217 0.0044  30  CYS A C   
227 O  O   . CYS A 29 ? 0.1971 0.2013 0.2324 0.0168  -0.0170 0.0053  30  CYS A O   
228 C  CB  . CYS A 29 ? 0.2202 0.1842 0.2208 0.0273  -0.0219 0.0004  30  CYS A CB  
229 S  SG  . CYS A 29 ? 0.2964 0.2779 0.3005 0.0352  -0.0191 -0.0064 30  CYS A SG  
230 N  N   . LEU A 30 ? 0.1973 0.1717 0.2170 0.0099  -0.0296 0.0011  31  LEU A N   
231 C  CA  . LEU A 30 ? 0.1609 0.1420 0.1859 0.0069  -0.0352 -0.0009 31  LEU A CA  
232 C  C   . LEU A 30 ? 0.1996 0.1669 0.2057 0.0121  -0.0362 -0.0095 31  LEU A C   
233 O  O   . LEU A 30 ? 0.1907 0.1377 0.1807 0.0135  -0.0374 -0.0139 31  LEU A O   
234 C  CB  . LEU A 30 ? 0.1627 0.1396 0.1943 -0.0060 -0.0458 0.0034  31  LEU A CB  
235 C  CG  . LEU A 30 ? 0.1972 0.1810 0.2342 -0.0103 -0.0563 0.0036  31  LEU A CG  
236 C  CD1 . LEU A 30 ? 0.1906 0.2024 0.2524 -0.0050 -0.0516 0.0092  31  LEU A CD1 
237 C  CD2 . LEU A 30 ? 0.2517 0.2282 0.2927 -0.0254 -0.0709 0.0071  31  LEU A CD2 
238 N  N   . LEU A 31 ? 0.1512 0.1278 0.1586 0.0157  -0.0343 -0.0113 32  LEU A N   
239 C  CA  . LEU A 31 ? 0.2199 0.1872 0.2106 0.0192  -0.0324 -0.0174 32  LEU A CA  
240 C  C   . LEU A 31 ? 0.2255 0.1874 0.2073 0.0138  -0.0404 -0.0164 32  LEU A C   
241 O  O   . LEU A 31 ? 0.2130 0.1857 0.2087 0.0106  -0.0465 -0.0105 32  LEU A O   
242 C  CB  . LEU A 31 ? 0.2057 0.1854 0.2026 0.0251  -0.0243 -0.0185 32  LEU A CB  
243 C  CG  . LEU A 31 ? 0.1860 0.1727 0.1904 0.0305  -0.0197 -0.0191 32  LEU A CG  
244 C  CD1 . LEU A 31 ? 0.2270 0.2254 0.2378 0.0328  -0.0156 -0.0206 32  LEU A CD1 
245 C  CD2 . LEU A 31 ? 0.2040 0.1797 0.1995 0.0355  -0.0182 -0.0226 32  LEU A CD2 
246 N  N   . SER A 32 ? 0.2073 0.1521 0.1644 0.0140  -0.0402 -0.0217 33  SER A N   
247 C  CA  . SER A 32 ? 0.2141 0.1493 0.1539 0.0087  -0.0492 -0.0204 33  SER A CA  
248 C  C   . SER A 32 ? 0.2286 0.1610 0.1523 0.0129  -0.0391 -0.0220 33  SER A C   
249 O  O   . SER A 32 ? 0.2313 0.1569 0.1422 0.0180  -0.0278 -0.0283 33  SER A O   
250 C  CB  . SER A 32 ? 0.2694 0.1790 0.1831 0.0030  -0.0584 -0.0260 33  SER A CB  
251 O  OG  . SER A 32 ? 0.3221 0.2186 0.2103 -0.0020 -0.0683 -0.0255 33  SER A OG  
252 N  N   . TYR A 33 ? 0.2086 0.1466 0.1348 0.0111  -0.0424 -0.0154 34  TYR A N   
253 C  CA  . TYR A 33 ? 0.2409 0.1743 0.1507 0.0120  -0.0334 -0.0140 34  TYR A CA  
254 C  C   . TYR A 33 ? 0.2789 0.1918 0.1536 0.0073  -0.0419 -0.0118 34  TYR A C   
255 O  O   . TYR A 33 ? 0.2769 0.1864 0.1508 0.0033  -0.0590 -0.0066 34  TYR A O   
256 C  CB  . TYR A 33 ? 0.1884 0.1339 0.1186 0.0127  -0.0313 -0.0072 34  TYR A CB  
257 C  CG  . TYR A 33 ? 0.2222 0.1599 0.1348 0.0100  -0.0229 -0.0033 34  TYR A CG  
258 C  CD1 . TYR A 33 ? 0.2017 0.1478 0.1192 0.0101  -0.0072 -0.0061 34  TYR A CD1 
259 C  CD2 . TYR A 33 ? 0.2685 0.1910 0.1597 0.0067  -0.0312 0.0046  34  TYR A CD2 
260 C  CE1 . TYR A 33 ? 0.2216 0.1623 0.1247 0.0051  0.0025  -0.0008 34  TYR A CE1 
261 C  CE2 . TYR A 33 ? 0.2751 0.1874 0.1464 0.0028  -0.0222 0.0102  34  TYR A CE2 
262 C  CZ  . TYR A 33 ? 0.2493 0.1712 0.1271 0.0011  -0.0042 0.0075  34  TYR A CZ  
263 O  OH  . TYR A 33 ? 0.2865 0.2002 0.1467 -0.0052 0.0066  0.0148  34  TYR A OH  
264 N  N   A SER A 34 ? 0.2688 0.1695 0.1145 0.0081  -0.0294 -0.0150 35  SER A N   
265 N  N   B SER A 34 ? 0.2687 0.1693 0.1145 0.0082  -0.0295 -0.0153 35  SER A N   
266 C  CA  A SER A 34 ? 0.3121 0.1900 0.1153 0.0038  -0.0347 -0.0124 35  SER A CA  
267 C  CA  B SER A 34 ? 0.3108 0.1895 0.1152 0.0039  -0.0343 -0.0123 35  SER A CA  
268 C  C   A SER A 34 ? 0.3750 0.2507 0.1601 0.0042  -0.0150 -0.0093 35  SER A C   
269 C  C   B SER A 34 ? 0.3512 0.2313 0.1443 0.0044  -0.0146 -0.0085 35  SER A C   
270 O  O   A SER A 34 ? 0.3342 0.2132 0.1149 0.0088  0.0040  -0.0162 35  SER A O   
271 O  O   B SER A 34 ? 0.3307 0.2216 0.1330 0.0088  0.0042  -0.0142 35  SER A O   
272 C  CB  A SER A 34 ? 0.3811 0.2357 0.1509 0.0029  -0.0409 -0.0225 35  SER A CB  
273 C  CB  B SER A 34 ? 0.3835 0.2379 0.1513 0.0035  -0.0381 -0.0225 35  SER A CB  
274 O  OG  A SER A 34 ? 0.4018 0.2548 0.1684 0.0104  -0.0222 -0.0329 35  SER A OG  
275 O  OG  B SER A 34 ? 0.3963 0.2262 0.1158 -0.0008 -0.0429 -0.0202 35  SER A OG  
276 N  N   . GLY A 35 ? 0.3594 0.2298 0.1356 -0.0005 -0.0191 0.0023  36  GLY A N   
277 C  CA  . GLY A 35 ? 0.3664 0.2360 0.1300 -0.0032 -0.0002 0.0083  36  GLY A CA  
278 C  C   . GLY A 35 ? 0.4337 0.2870 0.1772 -0.0091 -0.0092 0.0228  36  GLY A C   
279 O  O   . GLY A 35 ? 0.5209 0.3590 0.2462 -0.0097 -0.0303 0.0273  36  GLY A O   
280 N  N   . GLN A 36 ? 0.4478 0.3040 0.1953 -0.0139 0.0059  0.0311  37  GLN A N   
281 C  CA  . GLN A 36 ? 0.4823 0.3175 0.2058 -0.0200 0.0002  0.0468  37  GLN A CA  
282 C  C   . GLN A 36 ? 0.4430 0.2872 0.2038 -0.0233 0.0031  0.0531  37  GLN A C   
283 O  O   . GLN A 36 ? 0.4284 0.2932 0.2177 -0.0259 0.0188  0.0482  37  GLN A O   
284 C  CB  . GLN A 36 ? 0.5793 0.3997 0.2577 -0.0264 0.0198  0.0525  37  GLN A CB  
285 C  CG  . GLN A 36 ? 0.7476 0.5534 0.3800 -0.0227 0.0210  0.0434  37  GLN A CG  
286 C  CD  . GLN A 36 ? 0.8743 0.6657 0.4706 -0.0271 0.0286  0.0511  37  GLN A CD  
287 O  OE1 . GLN A 36 ? 0.9234 0.7041 0.5138 -0.0330 0.0237  0.0663  37  GLN A OE1 
288 N  NE2 . GLN A 36 ? 0.9222 0.7108 0.4930 -0.0233 0.0403  0.0407  37  GLN A NE2 
289 N  N   . ALA A 37 ? 0.4823 0.3101 0.2426 -0.0226 -0.0137 0.0640  38  ALA A N   
290 C  CA  . ALA A 37 ? 0.5042 0.3293 0.2897 -0.0260 -0.0115 0.0702  38  ALA A CA  
291 C  C   . ALA A 37 ? 0.6367 0.4354 0.3881 -0.0364 -0.0045 0.0866  38  ALA A C   
292 O  O   . ALA A 37 ? 0.6013 0.3740 0.3214 -0.0345 -0.0187 0.0986  38  ALA A O   
293 C  CB  . ALA A 37 ? 0.4705 0.2916 0.2783 -0.0160 -0.0319 0.0714  38  ALA A CB  
294 N  N   . MSE A 38 ? 0.7624 0.5692 0.5198 -0.0480 0.0171  0.0882  39  MSE A N   
295 C  CA  . MSE A 38 ? 0.9460 0.7294 0.6756 -0.0613 0.0275  0.1054  39  MSE A CA  
296 C  C   . MSE A 38 ? 0.9930 0.7550 0.7398 -0.0648 0.0167  0.1141  39  MSE A C   
297 O  O   . MSE A 38 ? 1.0552 0.7948 0.7862 -0.0731 0.0189  0.1283  39  MSE A O   
298 C  CB  . MSE A 38 ? 1.0078 0.8142 0.7462 -0.0736 0.0562  0.1045  39  MSE A CB  
299 C  CG  . MSE A 38 ? 1.0171 0.8460 0.7449 -0.0664 0.0700  0.0925  39  MSE A CG  
300 SE SE  . MSE A 38 ? 2.2073 2.0091 1.8655 -0.0611 0.0677  0.0976  39  MSE A SE  
301 C  CE  . MSE A 38 ? 1.0995 0.8953 0.7477 -0.0767 0.0866  0.1176  39  MSE A CE  
302 N  N   . GLU A 39 ? 0.9384 0.7118 0.7228 -0.0556 0.0054  0.1023  40  GLU A N   
303 C  CA  . GLU A 39 ? 0.8770 0.6281 0.6780 -0.0558 -0.0044 0.1059  40  GLU A CA  
304 C  C   . GLU A 39 ? 0.8499 0.5699 0.6317 -0.0436 -0.0241 0.1169  40  GLU A C   
305 O  O   . GLU A 39 ? 0.9255 0.6252 0.7158 -0.0420 -0.0293 0.1213  40  GLU A O   
306 C  CB  . GLU A 39 ? 0.7970 0.5705 0.6391 -0.0482 -0.0079 0.0882  40  GLU A CB  
307 C  CG  . GLU A 39 ? 0.8013 0.6097 0.6677 -0.0573 0.0074  0.0770  40  GLU A CG  
308 C  CD  . GLU A 39 ? 0.7783 0.6163 0.6433 -0.0496 0.0125  0.0684  40  GLU A CD  
309 O  OE1 . GLU A 39 ? 0.8379 0.6929 0.6983 -0.0574 0.0291  0.0691  40  GLU A OE1 
310 O  OE2 . GLU A 39 ? 0.7125 0.5560 0.5815 -0.0355 0.0006  0.0612  40  GLU A OE2 
311 N  N   . ALA A 40 ? 0.7817 0.5098 0.5482 -0.0329 -0.0346 0.1169  41  ALA A N   
312 C  CA  . ALA A 40 ? 0.8540 0.5708 0.6137 -0.0209 -0.0522 0.1247  41  ALA A CA  
313 C  C   . ALA A 40 ? 1.0199 0.7169 0.7464 -0.0308 -0.0460 0.1389  41  ALA A C   
314 O  O   . ALA A 40 ? 1.0963 0.7976 0.8018 -0.0439 -0.0290 0.1405  41  ALA A O   
315 C  CB  . ALA A 40 ? 0.8048 0.5401 0.5617 -0.0104 -0.0665 0.1194  41  ALA A CB  
316 N  N   . GLN A 41 ? 1.0718 0.7485 0.7945 -0.0239 -0.0579 0.1496  42  GLN A N   
317 C  CA  . GLN A 41 ? 1.1372 0.7914 0.8277 -0.0331 -0.0529 0.1652  42  GLN A CA  
318 C  C   . GLN A 41 ? 1.1367 0.7975 0.7892 -0.0381 -0.0490 0.1676  42  GLN A C   
319 O  O   . GLN A 41 ? 1.1988 0.8559 0.8283 -0.0518 -0.0305 0.1735  42  GLN A O   
320 C  CB  . GLN A 41 ? 1.1765 0.8076 0.8674 -0.0215 -0.0693 0.1766  42  GLN A CB  
321 C  CG  . GLN A 41 ? 1.2064 0.8114 0.9093 -0.0261 -0.0634 0.1825  42  GLN A CG  
322 C  CD  . GLN A 41 ? 1.2306 0.8211 0.9112 -0.0474 -0.0450 0.1929  42  GLN A CD  
323 O  OE1 . GLN A 41 ? 1.2201 0.8194 0.8733 -0.0567 -0.0351 0.1975  42  GLN A OE1 
324 N  NE2 . GLN A 41 ? 1.2763 0.8453 0.9698 -0.0551 -0.0393 0.1964  42  GLN A NE2 
325 N  N   . THR A 42 ? 1.0539 0.7255 0.7015 -0.0271 -0.0661 0.1626  43  THR A N   
326 C  CA  . THR A 42 ? 0.9580 0.6373 0.5719 -0.0308 -0.0633 0.1585  43  THR A CA  
327 C  C   . THR A 42 ? 0.8610 0.5650 0.4923 -0.0315 -0.0547 0.1415  43  THR A C   
328 O  O   . THR A 42 ? 0.8411 0.5591 0.5056 -0.0226 -0.0660 0.1332  43  THR A O   
329 C  CB  . THR A 42 ? 0.9413 0.6198 0.5432 -0.0208 -0.0886 0.1602  43  THR A CB  
330 O  OG1 . THR A 42 ? 0.9538 0.6082 0.5354 -0.0196 -0.0969 0.1773  43  THR A OG1 
331 C  CG2 . THR A 42 ? 0.9979 0.6826 0.5664 -0.0250 -0.0871 0.1514  43  THR A CG2 
332 N  N   . ALA A 43 ? 0.7963 0.5067 0.4069 -0.0410 -0.0331 0.1369  44  ALA A N   
333 C  CA  . ALA A 43 ? 0.7707 0.5028 0.3926 -0.0400 -0.0246 0.1207  44  ALA A CA  
334 C  C   . ALA A 43 ? 0.7348 0.4731 0.3559 -0.0301 -0.0472 0.1117  44  ALA A C   
335 O  O   . ALA A 43 ? 0.8038 0.5317 0.3973 -0.0288 -0.0594 0.1148  44  ALA A O   
336 C  CB  . ALA A 43 ? 0.8261 0.5647 0.4225 -0.0477 0.0018  0.1169  44  ALA A CB  
337 N  N   . ARG A 44 ? 0.7317 0.4872 0.3850 -0.0243 -0.0538 0.1013  45  ARG A N   
338 C  CA  . ARG A 44 ? 0.7201 0.4858 0.3815 -0.0173 -0.0752 0.0933  45  ARG A CA  
339 C  C   . ARG A 44 ? 0.6133 0.3961 0.2880 -0.0162 -0.0694 0.0779  45  ARG A C   
340 O  O   . ARG A 44 ? 0.5639 0.3546 0.2556 -0.0171 -0.0547 0.0747  45  ARG A O   
341 C  CB  . ARG A 44 ? 0.7231 0.4952 0.4212 -0.0081 -0.0961 0.0995  45  ARG A CB  
342 C  CG  . ARG A 44 ? 0.7294 0.5127 0.4689 -0.0030 -0.0914 0.0968  45  ARG A CG  
343 C  CD  . ARG A 44 ? 0.7864 0.5807 0.5640 0.0093  -0.1092 0.1002  45  ARG A CD  
344 N  NE  . ARG A 44 ? 0.8044 0.6250 0.6200 0.0154  -0.1132 0.0898  45  ARG A NE  
345 C  CZ  . ARG A 44 ? 0.7924 0.6324 0.6460 0.0261  -0.1253 0.0902  45  ARG A CZ  
346 N  NH1 . ARG A 44 ? 0.8462 0.6815 0.7041 0.0331  -0.1359 0.1004  45  ARG A NH1 
347 N  NH2 . ARG A 44 ? 0.7476 0.6133 0.6351 0.0300  -0.1251 0.0811  45  ARG A NH2 
348 N  N   . GLN A 45 ? 0.6075 0.3942 0.2741 -0.0151 -0.0816 0.0687  46  GLN A N   
349 C  CA  . GLN A 45 ? 0.5818 0.3824 0.2623 -0.0136 -0.0794 0.0541  46  GLN A CA  
350 C  C   . GLN A 45 ? 0.5082 0.3288 0.2374 -0.0077 -0.0918 0.0545  46  GLN A C   
351 O  O   . GLN A 45 ? 0.5253 0.3521 0.2780 -0.0036 -0.1082 0.0625  46  GLN A O   
352 C  CB  . GLN A 45 ? 0.7086 0.5032 0.3683 -0.0158 -0.0904 0.0447  46  GLN A CB  
353 C  CG  . GLN A 45 ? 0.8792 0.6525 0.4887 -0.0197 -0.0786 0.0437  46  GLN A CG  
354 C  CD  . GLN A 45 ? 0.9608 0.7343 0.5581 -0.0200 -0.0474 0.0416  46  GLN A CD  
355 O  OE1 . GLN A 45 ? 1.0429 0.8096 0.6260 -0.0232 -0.0353 0.0527  46  GLN A OE1 
356 N  NE2 . GLN A 45 ? 0.9572 0.7401 0.5636 -0.0168 -0.0337 0.0280  46  GLN A NE2 
357 N  N   . VAL A 46 ? 0.3937 0.2321 0.1500 -0.0058 -0.0786 0.0437  47  VAL A N   
358 C  CA  . VAL A 46 ? 0.3480 0.2108 0.1562 -0.0001 -0.0841 0.0409  47  VAL A CA  
359 C  C   . VAL A 46 ? 0.4362 0.3116 0.2552 -0.0008 -0.0821 0.0274  47  VAL A C   
360 O  O   . VAL A 46 ? 0.3446 0.2170 0.1494 -0.0021 -0.0654 0.0184  47  VAL A O   
361 C  CB  . VAL A 46 ? 0.3202 0.1925 0.1567 0.0026  -0.0674 0.0412  47  VAL A CB  
362 C  CG1 . VAL A 46 ? 0.2993 0.1949 0.1818 0.0092  -0.0692 0.0355  47  VAL A CG1 
363 C  CG2 . VAL A 46 ? 0.3856 0.2395 0.2120 0.0027  -0.0707 0.0552  47  VAL A CG2 
364 N  N   . GLU A 47 ? 0.3124 0.2013 0.1571 0.0002  -0.0987 0.0271  48  GLU A N   
365 C  CA  . GLU A 47 ? 0.2936 0.1924 0.1521 -0.0017 -0.0969 0.0163  48  GLU A CA  
366 C  C   . GLU A 47 ? 0.2650 0.1899 0.1720 0.0015  -0.1033 0.0191  48  GLU A C   
367 O  O   . GLU A 47 ? 0.3185 0.2524 0.2424 0.0027  -0.1199 0.0281  48  GLU A O   
368 C  CB  . GLU A 47 ? 0.4212 0.3011 0.2457 -0.0095 -0.1119 0.0115  48  GLU A CB  
369 C  CG  . GLU A 47 ? 0.5897 0.4410 0.3591 -0.0112 -0.1019 0.0065  48  GLU A CG  
370 C  CD  . GLU A 47 ? 0.7244 0.5583 0.4692 -0.0172 -0.1086 -0.0018 48  GLU A CD  
371 O  OE1 . GLU A 47 ? 0.7289 0.5705 0.4963 -0.0223 -0.1234 -0.0032 48  GLU A OE1 
372 O  OE2 . GLU A 47 ? 0.7198 0.5325 0.4235 -0.0170 -0.0980 -0.0062 48  GLU A OE2 
373 N  N   . PHE A 48 ? 0.2518 0.1899 0.1812 0.0039  -0.0896 0.0122  49  PHE A N   
374 C  CA  . PHE A 48 ? 0.2289 0.1910 0.1998 0.0066  -0.0917 0.0146  49  PHE A CA  
375 C  C   . PHE A 48 ? 0.2843 0.2510 0.2627 0.0055  -0.0799 0.0064  49  PHE A C   
376 O  O   . PHE A 48 ? 0.2412 0.1955 0.1989 0.0058  -0.0691 -0.0010 49  PHE A O   
377 C  CB  . PHE A 48 ? 0.1976 0.1707 0.1916 0.0163  -0.0851 0.0200  49  PHE A CB  
378 C  CG  . PHE A 48 ? 0.2008 0.1676 0.1878 0.0194  -0.0672 0.0146  49  PHE A CG  
379 C  CD1 . PHE A 48 ? 0.2418 0.2206 0.2465 0.0223  -0.0555 0.0087  49  PHE A CD1 
380 C  CD2 . PHE A 48 ? 0.2027 0.1523 0.1657 0.0181  -0.0631 0.0166  49  PHE A CD2 
381 C  CE1 . PHE A 48 ? 0.2721 0.2470 0.2721 0.0236  -0.0430 0.0039  49  PHE A CE1 
382 C  CE2 . PHE A 48 ? 0.2238 0.1714 0.1859 0.0181  -0.0483 0.0124  49  PHE A CE2 
383 C  CZ  . PHE A 48 ? 0.2110 0.1719 0.1926 0.0207  -0.0399 0.0057  49  PHE A CZ  
384 N  N   . SER A 49 ? 0.2140 0.1997 0.2233 0.0051  -0.0813 0.0088  50  SER A N   
385 C  CA  . SER A 49 ? 0.1693 0.1589 0.1863 0.0052  -0.0698 0.0038  50  SER A CA  
386 C  C   . SER A 49 ? 0.1720 0.1801 0.2141 0.0133  -0.0587 0.0063  50  SER A C   
387 O  O   . SER A 49 ? 0.1688 0.1898 0.2301 0.0181  -0.0616 0.0123  50  SER A O   
388 C  CB  . SER A 49 ? 0.2717 0.2624 0.2965 -0.0047 -0.0791 0.0051  50  SER A CB  
389 O  OG  . SER A 49 ? 0.4134 0.3792 0.4069 -0.0119 -0.0893 -0.0003 50  SER A OG  
390 N  N   . ILE A 50 ? 0.1202 0.1276 0.1600 0.0162  -0.0467 0.0015  51  ILE A N   
391 C  CA  . ILE A 50 ? 0.1384 0.1577 0.1927 0.0237  -0.0363 0.0019  51  ILE A CA  
392 C  C   . ILE A 50 ? 0.1393 0.1616 0.1947 0.0229  -0.0288 0.0005  51  ILE A C   
393 O  O   . ILE A 50 ? 0.1499 0.1609 0.1911 0.0204  -0.0288 -0.0031 51  ILE A O   
394 C  CB  . ILE A 50 ? 0.1957 0.2060 0.2383 0.0288  -0.0310 -0.0024 51  ILE A CB  
395 C  CG1 . ILE A 50 ? 0.1956 0.2116 0.2479 0.0364  -0.0227 -0.0037 51  ILE A CG1 
396 C  CG2 . ILE A 50 ? 0.2234 0.2246 0.2491 0.0265  -0.0271 -0.0084 51  ILE A CG2 
397 C  CD1 . ILE A 50 ? 0.2503 0.2535 0.2916 0.0386  -0.0203 -0.0078 51  ILE A CD1 
398 N  N   . GLU A 51 ? 0.1255 0.1622 0.1972 0.0261  -0.0218 0.0043  52  GLU A N   
399 C  CA  . GLU A 51 ? 0.1784 0.2156 0.2459 0.0256  -0.0136 0.0047  52  GLU A CA  
400 C  C   . GLU A 51 ? 0.1465 0.1748 0.1966 0.0318  -0.0084 -0.0022 52  GLU A C   
401 O  O   . GLU A 51 ? 0.1718 0.1993 0.2203 0.0374  -0.0059 -0.0061 52  GLU A O   
402 C  CB  . GLU A 51 ? 0.2104 0.2666 0.2979 0.0273  -0.0044 0.0115  52  GLU A CB  
403 C  CG  . GLU A 51 ? 0.2959 0.3669 0.4080 0.0178  -0.0107 0.0204  52  GLU A CG  
404 C  CD  . GLU A 51 ? 0.4678 0.5296 0.5736 0.0058  -0.0136 0.0244  52  GLU A CD  
405 O  OE1 . GLU A 51 ? 0.4799 0.5261 0.5639 0.0076  -0.0087 0.0216  52  GLU A OE1 
406 O  OE2 . GLU A 51 ? 0.4959 0.5643 0.6186 -0.0060 -0.0223 0.0307  52  GLU A OE2 
407 N  N   . ALA A 52 ? 0.1264 0.1465 0.1637 0.0306  -0.0086 -0.0033 53  ALA A N   
408 C  CA  . ALA A 52 ? 0.1439 0.1591 0.1678 0.0352  -0.0074 -0.0089 53  ALA A CA  
409 C  C   . ALA A 52 ? 0.1684 0.1807 0.1819 0.0362  -0.0046 -0.0054 53  ALA A C   
410 O  O   . ALA A 52 ? 0.1821 0.1937 0.1982 0.0321  -0.0026 0.0017  53  ALA A O   
411 C  CB  . ALA A 52 ? 0.1738 0.1832 0.1935 0.0349  -0.0127 -0.0132 53  ALA A CB  
412 N  N   . LEU A 53 ? 0.1812 0.1906 0.1819 0.0401  -0.0058 -0.0094 54  LEU A N   
413 C  CA  . LEU A 53 ? 0.2120 0.2155 0.1976 0.0417  -0.0065 -0.0051 54  LEU A CA  
414 C  C   . LEU A 53 ? 0.2624 0.2645 0.2392 0.0452  -0.0150 -0.0098 54  LEU A C   
415 O  O   . LEU A 53 ? 0.2382 0.2445 0.2186 0.0449  -0.0177 -0.0168 54  LEU A O   
416 C  CB  . LEU A 53 ? 0.2599 0.2641 0.2349 0.0422  0.0037  -0.0010 54  LEU A CB  
417 C  CG  . LEU A 53 ? 0.2322 0.2353 0.1931 0.0468  0.0087  -0.0080 54  LEU A CG  
418 C  CD1 . LEU A 53 ? 0.3080 0.3010 0.2426 0.0489  0.0008  -0.0110 54  LEU A CD1 
419 C  CD2 . LEU A 53 ? 0.3078 0.3159 0.2670 0.0487  0.0243  -0.0036 54  LEU A CD2 
420 N  N   . GLY A 54 ? 0.2179 0.2141 0.1849 0.0481  -0.0203 -0.0046 55  GLY A N   
421 C  CA  . GLY A 54 ? 0.2257 0.2243 0.1865 0.0519  -0.0310 -0.0069 55  GLY A CA  
422 C  C   . GLY A 54 ? 0.2770 0.2653 0.2105 0.0536  -0.0329 -0.0011 55  GLY A C   
423 O  O   . GLY A 54 ? 0.2688 0.2472 0.1929 0.0532  -0.0274 0.0079  55  GLY A O   
424 N  N   . ALA A 55 ? 0.2051 0.1936 0.1232 0.0540  -0.0411 -0.0058 56  ALA A N   
425 C  CA  . ALA A 55 ? 0.2401 0.2160 0.1240 0.0557  -0.0446 -0.0010 56  ALA A CA  
426 C  C   . ALA A 55 ? 0.2967 0.2754 0.1765 0.0592  -0.0649 0.0005  56  ALA A C   
427 O  O   . ALA A 55 ? 0.3042 0.2983 0.2074 0.0583  -0.0750 -0.0056 56  ALA A O   
428 C  CB  . ALA A 55 ? 0.3031 0.2715 0.1627 0.0534  -0.0375 -0.0093 56  ALA A CB  
429 N  N   . GLY A 56 ? 0.2878 0.2534 0.1393 0.0627  -0.0712 0.0102  57  GLY A N   
430 C  CA  . GLY A 56 ? 0.3078 0.2766 0.1544 0.0674  -0.0938 0.0136  57  GLY A CA  
431 C  C   . GLY A 56 ? 0.3169 0.3004 0.2024 0.0748  -0.1007 0.0176  57  GLY A C   
432 O  O   . GLY A 56 ? 0.3076 0.2834 0.2026 0.0786  -0.0907 0.0238  57  GLY A O   
433 N  N   . LYS A 57 ? 0.3095 0.3146 0.2218 0.0740  -0.1134 0.0139  58  LYS A N   
434 C  CA  . LYS A 57 ? 0.3017 0.3238 0.2540 0.0812  -0.1140 0.0173  58  LYS A CA  
435 C  C   . LYS A 57 ? 0.2754 0.2998 0.2480 0.0833  -0.0987 0.0120  58  LYS A C   
436 O  O   . LYS A 57 ? 0.2779 0.3003 0.2669 0.0907  -0.0925 0.0154  58  LYS A O   
437 C  CB  . LYS A 57 ? 0.3819 0.4329 0.3639 0.0781  -0.1264 0.0150  58  LYS A CB  
438 C  CG  . LYS A 57 ? 0.4608 0.5310 0.4830 0.0877  -0.1239 0.0197  58  LYS A CG  
439 C  CD  . LYS A 57 ? 0.5673 0.6684 0.6176 0.0863  -0.1380 0.0231  58  LYS A CD  
440 C  CE  . LYS A 57 ? 0.6472 0.7705 0.7400 0.0972  -0.1306 0.0273  58  LYS A CE  
441 N  NZ  . LYS A 57 ? 0.6949 0.7951 0.7800 0.1113  -0.1222 0.0331  58  LYS A NZ  
442 N  N   . MSE A 58 ? 0.2454 0.2710 0.2151 0.0744  -0.0899 0.0031  59  MSE A N   
443 C  CA  . MSE A 58 ? 0.2091 0.2360 0.1963 0.0723  -0.0738 -0.0013 59  MSE A CA  
444 C  C   . MSE A 58 ? 0.2576 0.2623 0.2310 0.0743  -0.0634 0.0049  59  MSE A C   
445 O  O   . MSE A 58 ? 0.2558 0.2577 0.2426 0.0762  -0.0555 0.0035  59  MSE A O   
446 C  CB  . MSE A 58 ? 0.2305 0.2608 0.2172 0.0613  -0.0667 -0.0103 59  MSE A CB  
447 C  CG  . MSE A 58 ? 0.3679 0.4051 0.3762 0.0588  -0.0554 -0.0146 59  MSE A CG  
448 SE SE  . MSE A 58 ? 0.6038 0.6700 0.6509 0.0639  -0.0595 -0.0157 59  MSE A SE  
449 C  CE  . MSE A 58 ? 0.5234 0.6068 0.5746 0.0569  -0.0793 -0.0173 59  MSE A CE  
450 N  N   . ALA A 59 ? 0.2575 0.2452 0.2026 0.0728  -0.0636 0.0119  60  ALA A N   
451 C  CA  . ALA A 59 ? 0.2743 0.2414 0.2086 0.0718  -0.0552 0.0201  60  ALA A CA  
452 C  C   . ALA A 59 ? 0.2644 0.2211 0.2060 0.0827  -0.0623 0.0261  60  ALA A C   
453 O  O   . ALA A 59 ? 0.2743 0.2177 0.2225 0.0830  -0.0560 0.0264  60  ALA A O   
454 C  CB  . ALA A 59 ? 0.2999 0.2526 0.2013 0.0678  -0.0523 0.0286  60  ALA A CB  
455 N  N   . SER A 60 ? 0.2570 0.2175 0.1963 0.0923  -0.0767 0.0307  61  SER A N   
456 C  CA  . SER A 60 ? 0.2687 0.2224 0.2202 0.1018  -0.0806 0.0359  61  SER A CA  
457 C  C   . SER A 60 ? 0.3148 0.2804 0.2968 0.1064  -0.0730 0.0268  61  SER A C   
458 O  O   . SER A 60 ? 0.2977 0.2456 0.2824 0.1120  -0.0682 0.0279  61  SER A O   
459 C  CB  . SER A 60 ? 0.3314 0.2989 0.2868 0.1062  -0.0946 0.0408  61  SER A CB  
460 O  OG  . SER A 60 ? 0.3585 0.3108 0.2790 0.1020  -0.1010 0.0496  61  SER A OG  
461 N  N   . VAL A 61 ? 0.2840 0.2766 0.2855 0.1030  -0.0712 0.0176  62  VAL A N   
462 C  CA  . VAL A 61 ? 0.2695 0.2746 0.2957 0.1059  -0.0614 0.0099  62  VAL A CA  
463 C  C   . VAL A 61 ? 0.2463 0.2296 0.2617 0.1030  -0.0505 0.0055  62  VAL A C   
464 O  O   . VAL A 61 ? 0.3021 0.2741 0.3212 0.1087  -0.0438 0.0029  62  VAL A O   
465 C  CB  . VAL A 61 ? 0.2777 0.3142 0.3246 0.0997  -0.0611 0.0030  62  VAL A CB  
466 C  CG1 . VAL A 61 ? 0.2811 0.3260 0.3458 0.1009  -0.0474 -0.0039 62  VAL A CG1 
467 C  CG2 . VAL A 61 ? 0.2413 0.3011 0.3048 0.1014  -0.0735 0.0074  62  VAL A CG2 
468 N  N   . LEU A 62 ? 0.2153 0.1921 0.2165 0.0929  -0.0485 0.0047  63  LEU A N   
469 C  CA  . LEU A 62 ? 0.2313 0.1911 0.2250 0.0848  -0.0395 0.0016  63  LEU A CA  
470 C  C   . LEU A 62 ? 0.3059 0.2329 0.2842 0.0872  -0.0410 0.0078  63  LEU A C   
471 O  O   . LEU A 62 ? 0.3126 0.2209 0.2870 0.0857  -0.0370 0.0033  63  LEU A O   
472 C  CB  . LEU A 62 ? 0.2264 0.1915 0.2138 0.0705  -0.0354 0.0018  63  LEU A CB  
473 C  CG  . LEU A 62 ? 0.3032 0.2901 0.3023 0.0654  -0.0320 -0.0057 63  LEU A CG  
474 C  CD1 . LEU A 62 ? 0.3003 0.2886 0.2918 0.0559  -0.0283 -0.0042 63  LEU A CD1 
475 C  CD2 . LEU A 62 ? 0.3073 0.2935 0.3139 0.0649  -0.0263 -0.0120 63  LEU A CD2 
476 N  N   . ASP A 63 ? 0.2794 0.1955 0.2457 0.0902  -0.0477 0.0182  64  ASP A N   
477 C  CA  . ASP A 63 ? 0.3059 0.1864 0.2550 0.0901  -0.0497 0.0269  64  ASP A CA  
478 C  C   . ASP A 63 ? 0.3645 0.2297 0.3190 0.1009  -0.0493 0.0227  64  ASP A C   
479 O  O   . ASP A 63 ? 0.3772 0.2095 0.3184 0.0983  -0.0496 0.0265  64  ASP A O   
480 C  CB  . ASP A 63 ? 0.3558 0.2286 0.2870 0.0910  -0.0565 0.0406  64  ASP A CB  
481 C  CG  . ASP A 63 ? 0.4494 0.2852 0.3601 0.0836  -0.0558 0.0526  64  ASP A CG  
482 O  OD1 . ASP A 63 ? 0.4405 0.2698 0.3506 0.0676  -0.0481 0.0524  64  ASP A OD1 
483 O  OD2 . ASP A 63 ? 0.4341 0.2555 0.3360 0.0891  -0.0610 0.0615  64  ASP A OD2 
484 N  N   . ARG A 64 ? 0.2758 0.1661 0.2509 0.1105  -0.0469 0.0152  65  ARG A N   
485 C  CA  A ARG A 64 ? 0.3016 0.1825 0.2841 0.1218  -0.0430 0.0111  65  ARG A CA  
486 C  CA  B ARG A 64 ? 0.3026 0.1829 0.2848 0.1217  -0.0430 0.0111  65  ARG A CA  
487 C  C   . ARG A 64 ? 0.2966 0.1814 0.2844 0.1218  -0.0323 -0.0019 65  ARG A C   
488 O  O   . ARG A 64 ? 0.3337 0.2122 0.3265 0.1320  -0.0263 -0.0070 65  ARG A O   
489 C  CB  A ARG A 64 ? 0.3504 0.2549 0.3539 0.1346  -0.0474 0.0156  65  ARG A CB  
490 C  CB  B ARG A 64 ? 0.3481 0.2499 0.3500 0.1347  -0.0479 0.0162  65  ARG A CB  
491 C  CG  A ARG A 64 ? 0.3625 0.3093 0.3907 0.1342  -0.0459 0.0111  65  ARG A CG  
492 C  CG  B ARG A 64 ? 0.3735 0.3184 0.4005 0.1349  -0.0477 0.0129  65  ARG A CG  
493 C  CD  A ARG A 64 ? 0.4232 0.3920 0.4806 0.1478  -0.0449 0.0121  65  ARG A CD  
494 C  CD  B ARG A 64 ? 0.4488 0.4140 0.4975 0.1462  -0.0557 0.0203  65  ARG A CD  
495 N  NE  A ARG A 64 ? 0.4605 0.4698 0.5424 0.1447  -0.0493 0.0131  65  ARG A NE  
496 N  NE  B ARG A 64 ? 0.4773 0.4838 0.5542 0.1447  -0.0559 0.0176  65  ARG A NE  
497 C  CZ  A ARG A 64 ? 0.3989 0.4318 0.4957 0.1388  -0.0409 0.0058  65  ARG A CZ  
498 C  CZ  B ARG A 64 ? 0.4619 0.4906 0.5452 0.1400  -0.0684 0.0230  65  ARG A CZ  
499 N  NH1 A ARG A 64 ? 0.3817 0.4024 0.4692 0.1362  -0.0276 -0.0030 65  ARG A NH1 
500 N  NH1 B ARG A 64 ? 0.4369 0.4509 0.4974 0.1377  -0.0806 0.0312  65  ARG A NH1 
501 N  NH2 A ARG A 64 ? 0.3318 0.3991 0.4512 0.1343  -0.0468 0.0080  65  ARG A NH2 
502 N  NH2 B ARG A 64 ? 0.4680 0.5325 0.5785 0.1366  -0.0688 0.0205  65  ARG A NH2 
503 N  N   . ILE A 65 ? 0.2639 0.1576 0.2487 0.1112  -0.0296 -0.0068 66  ILE A N   
504 C  CA  . ILE A 65 ? 0.2949 0.1916 0.2799 0.1100  -0.0201 -0.0179 66  ILE A CA  
505 C  C   . ILE A 65 ? 0.3097 0.1692 0.2697 0.1018  -0.0204 -0.0227 66  ILE A C   
506 O  O   . ILE A 65 ? 0.3156 0.1603 0.2652 0.0902  -0.0272 -0.0182 66  ILE A O   
507 C  CB  . ILE A 65 ? 0.3178 0.2449 0.3142 0.1031  -0.0179 -0.0205 66  ILE A CB  
508 C  CG1 . ILE A 65 ? 0.2936 0.2567 0.3158 0.1089  -0.0181 -0.0174 66  ILE A CG1 
509 C  CG2 . ILE A 65 ? 0.3221 0.2464 0.3110 0.0999  -0.0089 -0.0301 66  ILE A CG2 
510 C  CD1 . ILE A 65 ? 0.3092 0.2992 0.3420 0.1005  -0.0178 -0.0192 66  ILE A CD1 
511 N  N   . ALA A 66 ? 0.3107 0.1550 0.2614 0.1066  -0.0136 -0.0315 67  ALA A N   
512 C  CA  . ALA A 66 ? 0.3436 0.1512 0.2679 0.0970  -0.0162 -0.0372 67  ALA A CA  
513 C  C   . ALA A 66 ? 0.3522 0.1652 0.2689 0.0836  -0.0178 -0.0415 67  ALA A C   
514 O  O   . ALA A 66 ? 0.3436 0.1810 0.2674 0.0864  -0.0104 -0.0457 67  ALA A O   
515 C  CB  . ALA A 66 ? 0.4347 0.2245 0.3478 0.1069  -0.0084 -0.0466 67  ALA A CB  
516 N  N   . PRO A 67 ? 0.3579 0.1480 0.2615 0.0677  -0.0281 -0.0394 68  PRO A N   
517 C  CA  . PRO A 67 ? 0.3504 0.1413 0.2451 0.0545  -0.0323 -0.0441 68  PRO A CA  
518 C  C   . PRO A 67 ? 0.3413 0.1248 0.2168 0.0584  -0.0254 -0.0550 68  PRO A C   
519 O  O   . PRO A 67 ? 0.3769 0.1376 0.2377 0.0642  -0.0224 -0.0601 68  PRO A O   
520 C  CB  . PRO A 67 ? 0.4444 0.2099 0.3315 0.0357  -0.0455 -0.0392 68  PRO A CB  
521 C  CG  . PRO A 67 ? 0.4764 0.2422 0.3765 0.0380  -0.0459 -0.0274 68  PRO A CG  
522 C  CD  . PRO A 67 ? 0.4254 0.1916 0.3251 0.0590  -0.0370 -0.0306 68  PRO A CD  
523 N  N   . GLY A 68 ? 0.3249 0.1258 0.1987 0.0559  -0.0224 -0.0580 69  GLY A N   
524 C  CA  . GLY A 68 ? 0.3468 0.1434 0.2006 0.0599  -0.0135 -0.0663 69  GLY A CA  
525 C  C   . GLY A 68 ? 0.3523 0.1797 0.2231 0.0735  0.0029  -0.0666 69  GLY A C   
526 O  O   . GLY A 68 ? 0.4072 0.2377 0.2647 0.0758  0.0129  -0.0715 69  GLY A O   
527 N  N   . THR A 69 ? 0.3351 0.1863 0.2355 0.0811  0.0051  -0.0604 70  THR A N   
528 C  CA  . THR A 69 ? 0.2925 0.1772 0.2163 0.0915  0.0183  -0.0592 70  THR A CA  
529 C  C   . THR A 69 ? 0.2758 0.1841 0.2061 0.0851  0.0205  -0.0571 70  THR A C   
530 O  O   . THR A 69 ? 0.2516 0.1664 0.1887 0.0740  0.0099  -0.0516 70  THR A O   
531 C  CB  . THR A 69 ? 0.2877 0.1903 0.2406 0.0997  0.0156  -0.0521 70  THR A CB  
532 O  OG1 . THR A 69 ? 0.2964 0.1740 0.2414 0.1072  0.0142  -0.0534 70  THR A OG1 
533 C  CG2 . THR A 69 ? 0.2671 0.2076 0.2491 0.1074  0.0261  -0.0501 70  THR A CG2 
534 N  N   . VAL A 70 ? 0.2550 0.1801 0.1873 0.0884  0.0347  -0.0592 71  VAL A N   
535 C  CA  . VAL A 70 ? 0.2317 0.1796 0.1724 0.0793  0.0368  -0.0544 71  VAL A CA  
536 C  C   . VAL A 70 ? 0.1991 0.1844 0.1799 0.0811  0.0376  -0.0480 71  VAL A C   
537 O  O   . VAL A 70 ? 0.2330 0.2360 0.2338 0.0934  0.0467  -0.0488 71  VAL A O   
538 C  CB  . VAL A 70 ? 0.2914 0.2381 0.2119 0.0793  0.0523  -0.0576 71  VAL A CB  
539 C  CG1 . VAL A 70 ? 0.2798 0.2465 0.2098 0.0656  0.0523  -0.0493 71  VAL A CG1 
540 C  CG2 . VAL A 70 ? 0.3452 0.2526 0.2208 0.0760  0.0484  -0.0645 71  VAL A CG2 
541 N  N   . LEU A 71 ? 0.2250 0.2215 0.2173 0.0691  0.0276  -0.0419 72  LEU A N   
542 C  CA  . LEU A 71 ? 0.2234 0.2480 0.2468 0.0687  0.0238  -0.0372 72  LEU A CA  
543 C  C   . LEU A 71 ? 0.2019 0.2431 0.2344 0.0567  0.0265  -0.0335 72  LEU A C   
544 O  O   . LEU A 71 ? 0.2165 0.2440 0.2318 0.0476  0.0244  -0.0322 72  LEU A O   
545 C  CB  . LEU A 71 ? 0.2630 0.2800 0.2865 0.0655  0.0096  -0.0342 72  LEU A CB  
546 C  CG  . LEU A 71 ? 0.2751 0.2710 0.2881 0.0740  0.0051  -0.0353 72  LEU A CG  
547 C  CD1 . LEU A 71 ? 0.2730 0.2617 0.2832 0.0674  -0.0058 -0.0302 72  LEU A CD1 
548 C  CD2 . LEU A 71 ? 0.2883 0.2955 0.3179 0.0891  0.0080  -0.0355 72  LEU A CD2 
549 N  N   . ASP A 72 ? 0.1793 0.2491 0.2399 0.0563  0.0298  -0.0311 73  ASP A N   
550 C  CA  . ASP A 72 ? 0.1627 0.2461 0.2351 0.0424  0.0293  -0.0269 73  ASP A CA  
551 C  C   . ASP A 72 ? 0.1619 0.2468 0.2422 0.0378  0.0137  -0.0262 73  ASP A C   
552 O  O   . ASP A 72 ? 0.1664 0.2690 0.2665 0.0421  0.0074  -0.0260 73  ASP A O   
553 C  CB  . ASP A 72 ? 0.2009 0.3175 0.3041 0.0423  0.0395  -0.0244 73  ASP A CB  
554 C  CG  . ASP A 72 ? 0.4910 0.6093 0.5867 0.0359  0.0568  -0.0216 73  ASP A CG  
555 O  OD1 . ASP A 72 ? 0.5721 0.6724 0.6412 0.0432  0.0670  -0.0248 73  ASP A OD1 
556 O  OD2 . ASP A 72 ? 0.5896 0.7249 0.7032 0.0225  0.0596  -0.0161 73  ASP A OD2 
557 N  N   . CYS A 73 ? 0.1565 0.2230 0.2203 0.0304  0.0076  -0.0259 74  CYS A N   
558 C  CA  . CYS A 73 ? 0.1774 0.2398 0.2408 0.0286  -0.0043 -0.0268 74  CYS A CA  
559 C  C   . CYS A 73 ? 0.1559 0.2174 0.2225 0.0169  -0.0082 -0.0266 74  CYS A C   
560 O  O   . CYS A 73 ? 0.1700 0.2233 0.2312 0.0099  -0.0031 -0.0244 74  CYS A O   
561 C  CB  . CYS A 73 ? 0.1839 0.2256 0.2279 0.0312  -0.0071 -0.0269 74  CYS A CB  
562 S  SG  . CYS A 73 ? 0.2842 0.3157 0.3181 0.0407  -0.0046 -0.0273 74  CYS A SG  
563 N  N   A VAL A 74 ? 0.1296 0.1955 0.2012 0.0148  -0.0182 -0.0289 75  VAL A N   
564 N  N   B VAL A 74 ? 0.1323 0.1978 0.2035 0.0147  -0.0183 -0.0290 75  VAL A N   
565 C  CA  A VAL A 74 ? 0.1542 0.2081 0.2198 0.0047  -0.0240 -0.0313 75  VAL A CA  
566 C  CA  B VAL A 74 ? 0.1517 0.2066 0.2184 0.0041  -0.0241 -0.0313 75  VAL A CA  
567 C  C   A VAL A 74 ? 0.1488 0.1883 0.1966 0.0099  -0.0310 -0.0354 75  VAL A C   
568 C  C   B VAL A 74 ? 0.1545 0.1959 0.2043 0.0083  -0.0324 -0.0358 75  VAL A C   
569 O  O   A VAL A 74 ? 0.1114 0.1560 0.1561 0.0178  -0.0339 -0.0350 75  VAL A O   
570 O  O   B VAL A 74 ? 0.1575 0.2067 0.2067 0.0146  -0.0378 -0.0359 75  VAL A O   
571 C  CB  A VAL A 74 ? 0.1617 0.2322 0.2473 -0.0071 -0.0300 -0.0314 75  VAL A CB  
572 C  CB  B VAL A 74 ? 0.1733 0.2469 0.2622 -0.0075 -0.0291 -0.0309 75  VAL A CB  
573 C  CG1 A VAL A 74 ? 0.2008 0.2838 0.3027 -0.0148 -0.0188 -0.0259 75  VAL A CG1 
574 C  CG1 B VAL A 74 ? 0.1693 0.2231 0.2488 -0.0205 -0.0360 -0.0342 75  VAL A CG1 
575 C  CG2 A VAL A 74 ? 0.1359 0.2293 0.2371 -0.0023 -0.0393 -0.0318 75  VAL A CG2 
576 C  CG2 B VAL A 74 ? 0.2261 0.3185 0.3340 -0.0107 -0.0168 -0.0252 75  VAL A CG2 
577 N  N   . GLY A 75 ? 0.1543 0.1736 0.1881 0.0062  -0.0323 -0.0390 76  GLY A N   
578 C  CA  . GLY A 75 ? 0.1737 0.1795 0.1882 0.0118  -0.0357 -0.0437 76  GLY A CA  
579 C  C   . GLY A 75 ? 0.2065 0.1881 0.2070 0.0122  -0.0324 -0.0474 76  GLY A C   
580 O  O   . GLY A 75 ? 0.2071 0.1787 0.2110 0.0042  -0.0332 -0.0476 76  GLY A O   
581 N  N   . PHE A 76 ? 0.2024 0.1744 0.1881 0.0218  -0.0277 -0.0495 77  PHE A N   
582 C  CA  . PHE A 76 ? 0.1945 0.1433 0.1674 0.0263  -0.0232 -0.0541 77  PHE A CA  
583 C  C   . PHE A 76 ? 0.1784 0.1310 0.1537 0.0384  -0.0128 -0.0501 77  PHE A C   
584 O  O   . PHE A 76 ? 0.2195 0.1882 0.1997 0.0413  -0.0101 -0.0451 77  PHE A O   
585 C  CB  . PHE A 76 ? 0.2215 0.1503 0.1695 0.0252  -0.0284 -0.0648 77  PHE A CB  
586 C  CG  . PHE A 76 ? 0.2266 0.1607 0.1576 0.0313  -0.0274 -0.0664 77  PHE A CG  
587 C  CD1 . PHE A 76 ? 0.2445 0.1692 0.1586 0.0432  -0.0153 -0.0686 77  PHE A CD1 
588 C  CD2 . PHE A 76 ? 0.3030 0.2517 0.2347 0.0256  -0.0381 -0.0646 77  PHE A CD2 
589 C  CE1 . PHE A 76 ? 0.3070 0.2341 0.2004 0.0476  -0.0128 -0.0685 77  PHE A CE1 
590 C  CE2 . PHE A 76 ? 0.2907 0.2401 0.2018 0.0309  -0.0386 -0.0641 77  PHE A CE2 
591 C  CZ  . PHE A 76 ? 0.2841 0.2216 0.1740 0.0409  -0.0253 -0.0657 77  PHE A CZ  
592 N  N   . LEU A 77 ? 0.1860 0.1242 0.1609 0.0453  -0.0077 -0.0509 78  LEU A N   
593 C  CA  . LEU A 77 ? 0.2151 0.1623 0.1990 0.0572  0.0020  -0.0462 78  LEU A CA  
594 C  C   . LEU A 77 ? 0.2342 0.1724 0.2003 0.0673  0.0116  -0.0532 78  LEU A C   
595 O  O   . LEU A 77 ? 0.2669 0.1812 0.2102 0.0677  0.0101  -0.0635 78  LEU A O   
596 C  CB  . LEU A 77 ? 0.2203 0.1595 0.2165 0.0627  0.0023  -0.0420 78  LEU A CB  
597 C  CG  . LEU A 77 ? 0.2090 0.1547 0.2168 0.0539  -0.0053 -0.0337 78  LEU A CG  
598 C  CD1 . LEU A 77 ? 0.2366 0.1698 0.2510 0.0604  -0.0070 -0.0284 78  LEU A CD1 
599 C  CD2 . LEU A 77 ? 0.2250 0.1955 0.2452 0.0517  -0.0055 -0.0271 78  LEU A CD2 
600 N  N   . ALA A 78 ? 0.2242 0.1807 0.1995 0.0746  0.0219  -0.0477 79  ALA A N   
601 C  CA  . ALA A 78 ? 0.2380 0.1891 0.1970 0.0858  0.0360  -0.0528 79  ALA A CA  
602 C  C   . ALA A 78 ? 0.2725 0.2495 0.2588 0.0933  0.0484  -0.0427 79  ALA A C   
603 O  O   . ALA A 78 ? 0.2507 0.2472 0.2640 0.0891  0.0432  -0.0331 79  ALA A O   
604 C  CB  . ALA A 78 ? 0.2909 0.2383 0.2217 0.0804  0.0350  -0.0562 79  ALA A CB  
605 N  N   . ARG A 79 ? 0.3378 0.3162 0.3192 0.1005  0.0628  -0.0447 80  ARG A N   
606 C  CA  . ARG A 79 ? 0.4045 0.4121 0.4144 0.1051  0.0750  -0.0350 80  ARG A CA  
607 C  C   . ARG A 79 ? 0.3807 0.4055 0.3888 0.0990  0.0804  -0.0265 80  ARG A C   
608 O  O   . ARG A 79 ? 0.3818 0.3922 0.3556 0.0963  0.0814  -0.0305 80  ARG A O   
609 C  CB  . ARG A 79 ? 0.4468 0.4509 0.4497 0.1155  0.0904  -0.0406 80  ARG A CB  
610 C  CG  . ARG A 79 ? 0.5055 0.5054 0.5276 0.1252  0.0891  -0.0437 80  ARG A CG  
611 C  CD  . ARG A 79 ? 0.5416 0.5443 0.5614 0.1379  0.1070  -0.0483 80  ARG A CD  
612 N  NE  . ARG A 79 ? 0.6372 0.6340 0.6752 0.1500  0.1059  -0.0518 80  ARG A NE  
613 C  CZ  . ARG A 79 ? 0.6782 0.6507 0.6965 0.1609  0.1135  -0.0634 80  ARG A CZ  
614 N  NH1 . ARG A 79 ? 0.6509 0.6030 0.6285 0.1599  0.1220  -0.0731 80  ARG A NH1 
615 N  NH2 . ARG A 79 ? 0.7230 0.6893 0.7600 0.1731  0.1117  -0.0653 80  ARG A NH2 
616 N  N   . LYS A 80 ? 0.4091 0.4631 0.4530 0.0958  0.0822  -0.0139 81  LYS A N   
617 C  CA  . LYS A 80 ? 0.4825 0.5528 0.5301 0.0866  0.0869  -0.0031 81  LYS A CA  
618 C  C   . LYS A 80 ? 0.5040 0.5732 0.5277 0.0907  0.1071  -0.0027 81  LYS A C   
619 O  O   . LYS A 80 ? 0.5087 0.5662 0.5025 0.0842  0.1070  -0.0010 81  LYS A O   
620 C  CB  . LYS A 80 ? 0.5535 0.6557 0.6481 0.0807  0.0850  0.0101  81  LYS A CB  
621 C  CG  . LYS A 80 ? 0.5712 0.6808 0.6704 0.0635  0.0796  0.0208  81  LYS A CG  
622 C  CD  . LYS A 80 ? 0.5752 0.6658 0.6619 0.0537  0.0580  0.0173  81  LYS A CD  
623 C  CE  . LYS A 80 ? 0.5805 0.6744 0.6750 0.0381  0.0510  0.0273  81  LYS A CE  
624 N  NZ  . LYS A 80 ? 0.5042 0.5775 0.5839 0.0320  0.0330  0.0224  81  LYS A NZ  
625 N  N   . HIS A 81 ? 0.5137 0.5921 0.5491 0.0980  0.1192  -0.0044 82  HIS A N   
626 C  CA  . HIS A 81 ? 0.6743 0.7481 0.6835 0.1021  0.1377  -0.0065 82  HIS A CA  
627 C  C   . HIS A 81 ? 0.6602 0.7449 0.6884 0.1138  0.1494  -0.0107 82  HIS A C   
628 O  O   . HIS A 81 ? 0.6483 0.7270 0.6901 0.1213  0.1410  -0.0177 82  HIS A O   
629 C  CB  . HIS A 81 ? 0.7583 0.8498 0.7699 0.0922  0.1493  0.0083  82  HIS A CB  
630 C  CG  . HIS A 81 ? 0.7648 0.8919 0.8295 0.0841  0.1489  0.0227  82  HIS A CG  
631 N  ND1 . HIS A 81 ? 0.7618 0.9160 0.8644 0.0884  0.1568  0.0257  82  HIS A ND1 
632 C  CD2 . HIS A 81 ? 0.7404 0.8796 0.8266 0.0706  0.1394  0.0349  82  HIS A CD2 
633 C  CE1 . HIS A 81 ? 0.7470 0.9287 0.8915 0.0767  0.1501  0.0388  82  HIS A CE1 
634 N  NE2 . HIS A 81 ? 0.7518 0.9237 0.8870 0.0649  0.1394  0.0444  82  HIS A NE2 
635 N  N   . LYS A 85 ? 0.6913 0.7922 0.8661 0.1499  0.0831  -0.0129 86  LYS A N   
636 C  CA  . LYS A 85 ? 0.6577 0.7821 0.8409 0.1351  0.0838  -0.0035 86  LYS A CA  
637 C  C   . LYS A 85 ? 0.5913 0.7019 0.7620 0.1219  0.0662  -0.0012 86  LYS A C   
638 O  O   . LYS A 85 ? 0.5729 0.6556 0.7252 0.1235  0.0558  -0.0073 86  LYS A O   
639 C  CB  . LYS A 85 ? 0.6637 0.7857 0.8231 0.1331  0.1036  -0.0069 86  LYS A CB  
640 C  CG  . LYS A 85 ? 0.6494 0.8057 0.8316 0.1234  0.1127  0.0055  86  LYS A CG  
641 C  CD  . LYS A 85 ? 0.6550 0.8392 0.8647 0.1334  0.1293  0.0084  86  LYS A CD  
642 C  CE  . LYS A 85 ? 0.7101 0.8735 0.8873 0.1466  0.1485  -0.0037 86  LYS A CE  
643 N  NZ  . LYS A 85 ? 0.7469 0.9370 0.9514 0.1597  0.1664  -0.0024 86  LYS A NZ  
644 N  N   . ALA A 86 ? 0.5056 0.6353 0.6870 0.1085  0.0635  0.0079  87  ALA A N   
645 C  CA  . ALA A 86 ? 0.4385 0.5584 0.6111 0.0965  0.0480  0.0106  87  ALA A CA  
646 C  C   . ALA A 86 ? 0.4065 0.4951 0.5407 0.0962  0.0496  0.0007  87  ALA A C   
647 O  O   . ALA A 86 ? 0.4570 0.5347 0.5687 0.1008  0.0632  -0.0063 87  ALA A O   
648 C  CB  . ALA A 86 ? 0.4235 0.5668 0.6139 0.0823  0.0471  0.0214  87  ALA A CB  
649 N  N   . LEU A 87 ? 0.3605 0.4348 0.4854 0.0902  0.0352  0.0004  88  LEU A N   
650 C  CA  . LEU A 87 ? 0.3335 0.3805 0.4242 0.0878  0.0337  -0.0088 88  LEU A CA  
651 C  C   . LEU A 87 ? 0.2668 0.3145 0.3474 0.0724  0.0255  -0.0067 88  LEU A C   
652 O  O   . LEU A 87 ? 0.3361 0.3973 0.4333 0.0641  0.0179  0.0009  88  LEU A O   
653 C  CB  . LEU A 87 ? 0.3166 0.3405 0.3980 0.0896  0.0231  -0.0129 88  LEU A CB  
654 C  CG  . LEU A 87 ? 0.3134 0.3246 0.3977 0.1010  0.0270  -0.0167 88  LEU A CG  
655 C  CD1 . LEU A 87 ? 0.3380 0.3204 0.4070 0.0994  0.0167  -0.0188 88  LEU A CD1 
656 C  CD2 . LEU A 87 ? 0.3322 0.3338 0.3984 0.1068  0.0414  -0.0264 88  LEU A CD2 
657 N  N   . VAL A 88 ? 0.2343 0.2654 0.2872 0.0692  0.0257  -0.0141 89  VAL A N   
658 C  CA  . VAL A 88 ? 0.1803 0.2098 0.2234 0.0582  0.0183  -0.0129 89  VAL A CA  
659 C  C   . VAL A 88 ? 0.2125 0.2247 0.2373 0.0551  0.0104  -0.0207 89  VAL A C   
660 O  O   . VAL A 88 ? 0.2176 0.2164 0.2280 0.0592  0.0125  -0.0282 89  VAL A O   
661 C  CB  . VAL A 88 ? 0.2086 0.2425 0.2413 0.0571  0.0270  -0.0101 89  VAL A CB  
662 C  CG1 . VAL A 88 ? 0.3032 0.3244 0.3106 0.0647  0.0357  -0.0180 89  VAL A CG1 
663 C  CG2 . VAL A 88 ? 0.1846 0.2133 0.2077 0.0485  0.0183  -0.0079 89  VAL A CG2 
664 N  N   . PHE A 89 ? 0.1366 0.1490 0.1626 0.0476  0.0018  -0.0192 90  PHE A N   
665 C  CA  . PHE A 89 ? 0.1291 0.1332 0.1451 0.0435  -0.0043 -0.0245 90  PHE A CA  
666 C  C   . PHE A 89 ? 0.1843 0.1889 0.1884 0.0425  -0.0058 -0.0264 90  PHE A C   
667 O  O   . PHE A 89 ? 0.1603 0.1699 0.1665 0.0412  -0.0076 -0.0221 90  PHE A O   
668 C  CB  . PHE A 89 ? 0.1178 0.1239 0.1408 0.0383  -0.0095 -0.0214 90  PHE A CB  
669 C  CG  . PHE A 89 ? 0.1465 0.1507 0.1659 0.0337  -0.0127 -0.0249 90  PHE A CG  
670 C  CD1 . PHE A 89 ? 0.1703 0.1699 0.1852 0.0315  -0.0143 -0.0300 90  PHE A CD1 
671 C  CD2 . PHE A 89 ? 0.1584 0.1659 0.1798 0.0310  -0.0137 -0.0231 90  PHE A CD2 
672 C  CE1 . PHE A 89 ? 0.1663 0.1705 0.1855 0.0252  -0.0172 -0.0313 90  PHE A CE1 
673 C  CE2 . PHE A 89 ? 0.1589 0.1708 0.1825 0.0277  -0.0133 -0.0251 90  PHE A CE2 
674 C  CZ  . PHE A 89 ? 0.1793 0.1926 0.2052 0.0240  -0.0153 -0.0282 90  PHE A CZ  
675 N  N   . HIS A 90 ? 0.1731 0.1696 0.1627 0.0435  -0.0070 -0.0326 91  HIS A N   
676 C  CA  . HIS A 90 ? 0.1948 0.1917 0.1714 0.0424  -0.0126 -0.0338 91  HIS A CA  
677 C  C   . HIS A 90 ? 0.1887 0.1922 0.1756 0.0371  -0.0221 -0.0350 91  HIS A C   
678 O  O   . HIS A 90 ? 0.2034 0.2041 0.1933 0.0319  -0.0260 -0.0397 91  HIS A O   
679 C  CB  . HIS A 90 ? 0.2030 0.1865 0.1552 0.0444  -0.0127 -0.0409 91  HIS A CB  
680 C  CG  . HIS A 90 ? 0.2511 0.2305 0.1896 0.0514  -0.0001 -0.0392 91  HIS A CG  
681 N  ND1 . HIS A 90 ? 0.3052 0.2786 0.2175 0.0534  0.0013  -0.0386 91  HIS A ND1 
682 C  CD2 . HIS A 90 ? 0.2873 0.2695 0.2355 0.0572  0.0126  -0.0373 91  HIS A CD2 
683 C  CE1 . HIS A 90 ? 0.3074 0.2805 0.2130 0.0595  0.0171  -0.0363 91  HIS A CE1 
684 N  NE2 . HIS A 90 ? 0.3262 0.3069 0.2566 0.0625  0.0241  -0.0356 91  HIS A NE2 
685 N  N   . ILE A 91 ? 0.1533 0.1660 0.1471 0.0385  -0.0251 -0.0302 92  ILE A N   
686 C  CA  . ILE A 91 ? 0.1569 0.1812 0.1659 0.0362  -0.0308 -0.0306 92  ILE A CA  
687 C  C   . ILE A 91 ? 0.2385 0.2684 0.2443 0.0351  -0.0422 -0.0326 92  ILE A C   
688 O  O   . ILE A 91 ? 0.2871 0.3140 0.2801 0.0399  -0.0468 -0.0296 92  ILE A O   
689 C  CB  . ILE A 91 ? 0.1613 0.1901 0.1790 0.0410  -0.0283 -0.0258 92  ILE A CB  
690 C  CG1 . ILE A 91 ? 0.1611 0.1830 0.1793 0.0398  -0.0209 -0.0244 92  ILE A CG1 
691 C  CG2 . ILE A 91 ? 0.2090 0.2531 0.2445 0.0420  -0.0307 -0.0264 92  ILE A CG2 
692 C  CD1 . ILE A 91 ? 0.2136 0.2302 0.2312 0.0434  -0.0195 -0.0210 92  ILE A CD1 
693 N  N   . SER A 92 ? 0.2040 0.2412 0.2207 0.0276  -0.0481 -0.0365 93  SER A N   
694 C  CA  . SER A 92 ? 0.2152 0.2602 0.2317 0.0243  -0.0629 -0.0383 93  SER A CA  
695 C  C   . SER A 92 ? 0.2038 0.2765 0.2523 0.0247  -0.0678 -0.0341 93  SER A C   
696 O  O   . SER A 92 ? 0.2075 0.2937 0.2634 0.0248  -0.0822 -0.0327 93  SER A O   
697 C  CB  . SER A 92 ? 0.2997 0.3322 0.3053 0.0134  -0.0696 -0.0462 93  SER A CB  
698 O  OG  . SER A 92 ? 0.3368 0.3742 0.3622 0.0043  -0.0654 -0.0467 93  SER A OG  
699 N  N   . GLY A 93 ? 0.1579 0.2394 0.2248 0.0259  -0.0559 -0.0318 94  GLY A N   
700 C  CA  . GLY A 93 ? 0.1654 0.2749 0.2640 0.0287  -0.0553 -0.0283 94  GLY A CA  
701 C  C   . GLY A 93 ? 0.1482 0.2559 0.2500 0.0365  -0.0395 -0.0263 94  GLY A C   
702 O  O   . GLY A 93 ? 0.1498 0.2410 0.2376 0.0331  -0.0302 -0.0277 94  GLY A O   
703 N  N   . LEU A 94 ? 0.1676 0.2913 0.2870 0.0481  -0.0373 -0.0234 95  LEU A N   
704 C  CA  . LEU A 94 ? 0.2496 0.3639 0.3637 0.0576  -0.0236 -0.0236 95  LEU A CA  
705 C  C   . LEU A 94 ? 0.2287 0.3686 0.3714 0.0680  -0.0165 -0.0221 95  LEU A C   
706 O  O   . LEU A 94 ? 0.2630 0.4207 0.4253 0.0723  -0.0250 -0.0176 95  LEU A O   
707 C  CB  . LEU A 94 ? 0.3410 0.4310 0.4323 0.0665  -0.0275 -0.0224 95  LEU A CB  
708 C  CG  . LEU A 94 ? 0.4557 0.5238 0.5311 0.0725  -0.0176 -0.0239 95  LEU A CG  
709 C  CD1 . LEU A 94 ? 0.4581 0.5015 0.5098 0.0699  -0.0225 -0.0218 95  LEU A CD1 
710 C  CD2 . LEU A 94 ? 0.5471 0.6173 0.6322 0.0873  -0.0136 -0.0230 95  LEU A CD2 
711 N  N   . GLU A 95 ? 0.2218 0.3595 0.3626 0.0703  0.0005  -0.0241 96  GLU A N   
712 C  CA  . GLU A 95 ? 0.2095 0.3625 0.3690 0.0820  0.0132  -0.0227 96  GLU A CA  
713 C  C   . GLU A 95 ? 0.2115 0.3353 0.3425 0.0901  0.0267  -0.0277 96  GLU A C   
714 O  O   . GLU A 95 ? 0.1769 0.2805 0.2818 0.0830  0.0284  -0.0312 96  GLU A O   
715 C  CB  . GLU A 95 ? 0.3146 0.5009 0.5029 0.0736  0.0244  -0.0206 96  GLU A CB  
716 C  CG  . GLU A 95 ? 0.4469 0.6610 0.6631 0.0596  0.0106  -0.0165 96  GLU A CG  
717 C  CD  . GLU A 95 ? 0.5627 0.8095 0.8103 0.0495  0.0237  -0.0119 96  GLU A CD  
718 O  OE1 . GLU A 95 ? 0.5881 0.8462 0.8521 0.0597  0.0399  -0.0092 96  GLU A OE1 
719 O  OE2 . GLU A 95 ? 0.6255 0.8790 0.8796 0.0297  0.0187  -0.0113 96  GLU A OE2 
720 N  N   . HIS A 96 ? 0.2610 0.3791 0.3957 0.1025  0.0349  -0.0283 97  HIS A N   
721 C  CA  . HIS A 96 ? 0.3013 0.3923 0.4074 0.1075  0.0483  -0.0355 97  HIS A CA  
722 C  C   . HIS A 96 ? 0.3597 0.4668 0.4673 0.1014  0.0653  -0.0372 97  HIS A C   
723 O  O   . HIS A 96 ? 0.3843 0.5251 0.5246 0.1001  0.0734  -0.0341 97  HIS A O   
724 C  CB  . HIS A 96 ? 0.3712 0.4517 0.4810 0.1223  0.0530  -0.0384 97  HIS A CB  
725 C  CG  . HIS A 96 ? 0.5420 0.5971 0.6396 0.1273  0.0386  -0.0360 97  HIS A CG  
726 N  ND1 . HIS A 96 ? 0.6355 0.6537 0.7053 0.1335  0.0399  -0.0414 97  HIS A ND1 
727 C  CD2 . HIS A 96 ? 0.6146 0.6741 0.7205 0.1256  0.0224  -0.0285 97  HIS A CD2 
728 C  CE1 . HIS A 96 ? 0.6629 0.6651 0.7277 0.1353  0.0262  -0.0364 97  HIS A CE1 
729 N  NE2 . HIS A 96 ? 0.6574 0.6842 0.7422 0.1311  0.0160  -0.0284 97  HIS A NE2 
730 N  N   . HIS A 97 ? 0.3401 0.4231 0.4117 0.0962  0.0699  -0.0409 98  HIS A N   
731 C  CA  . HIS A 97 ? 0.3878 0.4796 0.4510 0.0895  0.0870  -0.0401 98  HIS A CA  
732 C  C   . HIS A 97 ? 0.4423 0.5426 0.5101 0.0970  0.1052  -0.0441 98  HIS A C   
733 O  O   . HIS A 97 ? 0.4668 0.5960 0.5533 0.0917  0.1191  -0.0400 98  HIS A O   
734 C  CB  . HIS A 97 ? 0.4222 0.4770 0.4395 0.0803  0.0836  -0.0424 98  HIS A CB  
735 C  CG  . HIS A 97 ? 0.4333 0.4893 0.4344 0.0701  0.0979  -0.0389 98  HIS A CG  
736 N  ND1 . HIS A 97 ? 0.3682 0.4448 0.3887 0.0545  0.0977  -0.0299 98  HIS A ND1 
737 C  CD2 . HIS A 97 ? 0.5047 0.5393 0.4673 0.0725  0.1123  -0.0425 98  HIS A CD2 
738 C  CE1 . HIS A 97 ? 0.4130 0.4820 0.4097 0.0476  0.1119  -0.0265 98  HIS A CE1 
739 N  NE2 . HIS A 97 ? 0.5200 0.5642 0.4797 0.0586  0.1212  -0.0340 98  HIS A NE2 
740 N  N   . HIS A 98 ? 0.4433 0.5189 0.4943 0.1089  0.1050  -0.0519 99  HIS A N   
741 C  CA  . HIS A 98 ? 0.5018 0.5822 0.5525 0.1191  0.1222  -0.0578 99  HIS A CA  
742 C  C   . HIS A 98 ? 0.5299 0.6322 0.6213 0.1327  0.1206  -0.0583 99  HIS A C   
743 O  O   . HIS A 98 ? 0.5480 0.6352 0.6434 0.1385  0.1055  -0.0577 99  HIS A O   
744 C  CB  . HIS A 98 ? 0.5784 0.6131 0.5789 0.1235  0.1242  -0.0672 99  HIS A CB  
745 C  CG  . HIS A 98 ? 0.6679 0.7030 0.6594 0.1343  0.1435  -0.0744 99  HIS A CG  
746 N  ND1 . HIS A 98 ? 0.7469 0.7514 0.7178 0.1471  0.1440  -0.0839 99  HIS A ND1 
747 C  CD2 . HIS A 98 ? 0.7024 0.7642 0.7019 0.1342  0.1640  -0.0733 99  HIS A CD2 
748 C  CE1 . HIS A 98 ? 0.7774 0.7894 0.7432 0.1562  0.1643  -0.0896 99  HIS A CE1 
749 N  NE2 . HIS A 98 ? 0.7726 0.8205 0.7558 0.1484  0.1772  -0.0831 99  HIS A NE2 
750 C  C   . ACY B .  ? 0.7064 0.4155 0.6002 0.0160  -0.0578 0.0022  201 ACY A C   
751 O  O   . ACY B .  ? 0.7220 0.4314 0.6200 -0.0049 -0.0642 0.0034  201 ACY A O   
752 O  OXT . ACY B .  ? 0.7237 0.4578 0.6291 0.0245  -0.0532 0.0097  201 ACY A OXT 
753 C  CH3 . ACY B .  ? 0.5911 0.2784 0.4699 0.0308  -0.0551 -0.0084 201 ACY A CH3 
754 O  O   . HOH C .  ? 0.3076 0.2209 0.1731 -0.0289 0.0370  0.0357  301 HOH A O   
755 O  O   . HOH C .  ? 0.2666 0.1949 0.1410 0.0211  0.0093  -0.0261 302 HOH A O   
756 O  O   . HOH C .  ? 0.3227 0.2118 0.1633 0.0265  -0.0042 -0.0424 303 HOH A O   
757 O  O   . HOH C .  ? 0.3189 0.1372 0.2898 -0.0440 -0.0544 0.0349  304 HOH A O   
758 O  O   . HOH C .  ? 0.3356 0.1985 0.1583 0.0089  -0.0440 -0.0393 305 HOH A O   
759 O  O   . HOH C .  ? 0.3891 0.1542 0.2985 -0.0185 -0.0722 -0.0184 306 HOH A O   
760 O  O   . HOH C .  ? 0.3580 0.2431 0.2441 -0.0234 0.0029  0.0417  307 HOH A O   
761 O  O   . HOH C .  ? 0.2859 0.2885 0.2263 0.0458  -0.0472 -0.0254 308 HOH A O   
762 O  O   . HOH C .  ? 0.3092 0.2588 0.2559 0.0136  0.0105  0.0559  309 HOH A O   
763 O  O   . HOH C .  ? 0.4292 0.2237 0.3096 0.0390  -0.0395 0.0807  310 HOH A O   
764 O  O   . HOH C .  ? 0.3376 0.1941 0.2720 0.0415  -0.0349 0.0395  311 HOH A O   
765 O  O   . HOH C .  ? 0.5080 0.3331 0.2658 -0.0407 -0.1602 -0.0051 312 HOH A O   
766 O  O   . HOH C .  ? 0.3662 0.3767 0.2913 0.0433  -0.0843 -0.0275 313 HOH A O   
767 O  O   . HOH C .  ? 0.4725 0.1733 0.3182 0.0649  -0.0318 -0.0564 314 HOH A O   
768 O  O   . HOH C .  ? 0.3569 0.1548 0.2969 -0.0115 -0.0567 0.0060  315 HOH A O   
769 O  O   . HOH C .  ? 0.4860 0.3546 0.3157 -0.0275 -0.1323 -0.0072 316 HOH A O   
770 O  O   . HOH C .  ? 0.4332 0.2779 0.3632 -0.0382 -0.0737 -0.0881 317 HOH A O   
771 O  O   . HOH C .  ? 0.3478 0.3868 0.3994 0.0236  0.0103  0.0163  318 HOH A O   
772 O  O   . HOH C .  ? 0.4642 0.4005 0.4250 -0.0270 0.0303  0.0961  319 HOH A O   
773 O  O   . HOH C .  ? 0.5934 0.3965 0.2437 -0.0107 -0.0405 0.0104  320 HOH A O   
774 O  O   . HOH C .  ? 0.3563 0.3493 0.3490 -0.0065 0.0363  0.0683  321 HOH A O   
775 O  O   . HOH C .  ? 0.5549 0.4430 0.3147 0.0011  0.0723  0.1335  322 HOH A O   
776 O  O   . HOH C .  ? 0.4494 0.3318 0.4422 -0.0558 -0.0100 0.0865  323 HOH A O   
777 O  O   . HOH C .  ? 0.4731 0.3896 0.3891 0.0161  -0.1246 0.0501  324 HOH A O   
778 O  O   . HOH C .  ? 0.6061 0.3785 0.3918 0.0445  -0.0416 0.1302  325 HOH A O   
779 O  O   . HOH C .  ? 0.5745 0.4416 0.3115 0.0183  0.0402  -0.0282 326 HOH A O   
780 O  O   . HOH C .  ? 0.5417 0.3248 0.3896 0.0700  -0.0591 0.0966  327 HOH A O   
781 O  O   . HOH C .  ? 0.5386 0.3470 0.3644 0.0926  0.0359  -0.0860 328 HOH A O   
782 O  O   . HOH C .  ? 0.4139 0.2941 0.3994 0.1357  0.0057  -0.0379 329 HOH A O   
783 O  O   . HOH C .  ? 0.5890 0.4699 0.4259 -0.0537 0.0506  0.0636  330 HOH A O   
784 O  O   . HOH C .  ? 0.3697 0.4523 0.4537 -0.0044 0.0224  -0.0150 331 HOH A O   
785 O  O   . HOH C .  ? 0.4267 0.3930 0.5023 -0.0771 -0.1027 0.0243  332 HOH A O   
786 O  O   . HOH C .  ? 0.6958 0.3599 0.5622 -0.0613 -0.0751 -0.1055 333 HOH A O   
787 O  O   . HOH C .  ? 0.5396 0.5059 0.3582 0.0213  0.0984  0.0860  334 HOH A O   
788 O  O   . HOH C .  ? 0.5110 0.5097 0.4491 0.0759  0.0597  -0.0264 335 HOH A O   
789 O  O   . HOH C .  ? 0.5237 0.4226 0.3074 -0.0145 0.0550  0.0214  336 HOH A O   
790 O  O   . HOH C .  ? 0.7653 0.6209 0.3552 0.0279  0.0572  0.1141  337 HOH A O   
791 O  O   . HOH C .  ? 0.8194 0.6444 0.2834 0.0478  -0.0587 0.0453  338 HOH A O   
792 O  O   . HOH C .  ? 0.4625 0.5247 0.4642 0.0287  -0.1067 -0.0334 339 HOH A O   
793 O  O   . HOH C .  ? 0.5988 0.3781 0.4062 0.0125  -0.0145 0.1336  340 HOH A O   
794 O  O   . HOH C .  ? 0.5980 0.6208 0.6669 -0.0064 -0.0093 0.0306  341 HOH A O   
795 O  O   . HOH C .  ? 0.4720 0.5126 0.5958 -0.0511 -0.0185 0.0582  342 HOH A O   
796 O  O   . HOH C .  ? 0.5933 0.3451 0.4378 0.0903  0.0008  -0.0751 343 HOH A O   
797 O  O   . HOH C .  ? 0.4906 0.5380 0.4952 0.0436  0.0593  0.0199  344 HOH A O   
798 O  O   . HOH C .  ? 0.7390 0.4560 0.6322 0.0863  -0.0363 -0.0194 345 HOH A O   
799 O  O   . HOH C .  ? 0.5171 0.5464 0.4802 0.0637  0.0708  -0.0004 346 HOH A O   
800 O  O   . HOH C .  ? 0.7299 0.4678 0.5364 -0.0196 -0.0036 0.1615  347 HOH A O   
801 O  O   . HOH C .  ? 0.6653 0.4150 0.5001 0.0391  -0.0437 0.1123  348 HOH A O   
802 O  O   . HOH C .  ? 0.6865 0.4812 0.5337 -0.0539 0.0297  0.1678  349 HOH A O   
803 O  O   . HOH C .  ? 0.6819 0.5108 0.6158 0.1190  -0.0684 0.0538  350 HOH A O   
804 O  O   . HOH C .  ? 0.8541 0.5634 0.7136 -0.0721 -0.0930 -0.1179 351 HOH A O   
805 O  O   . HOH C .  ? 0.3246 0.4705 0.4718 0.0220  -0.0088 -0.0226 352 HOH A O   
806 O  O   . HOH C .  ? 0.4263 0.5348 0.5459 -0.0278 0.0243  -0.0083 353 HOH A O   
807 O  O   . HOH C .  ? 0.5804 0.5680 0.4188 0.0568  0.0899  0.0222  354 HOH A O   
808 O  O   . HOH C .  ? 0.6687 0.5487 0.2875 0.0579  0.0116  -0.0023 355 HOH A O   
809 O  O   . HOH C .  ? 0.6272 0.5636 0.5597 -0.0381 0.0591  0.1243  356 HOH A O   
810 O  O   . HOH C .  ? 0.7664 0.6530 0.4495 0.0045  0.0981  0.1380  357 HOH A O   
811 O  O   . HOH C .  ? 0.8049 0.6504 0.7486 -0.0794 -0.0994 -0.0911 358 HOH A O   
812 O  O   . HOH C .  ? 0.6058 0.4672 0.4573 -0.0248 0.0394  0.1384  359 HOH A O   
813 O  O   . HOH C .  ? 0.6316 0.4628 0.6210 0.1576  -0.0313 0.0017  360 HOH A O   
814 O  O   . HOH C .  ? 0.7206 0.4075 0.5868 0.0870  -0.0307 -0.0409 361 HOH A O   
815 O  O   . HOH C .  ? 0.5410 0.7214 0.7253 0.0077  -0.0376 -0.0217 362 HOH A O   
816 O  O   . HOH C .  ? 0.5325 0.5125 0.5515 0.1404  0.0710  -0.0627 363 HOH A O   
817 O  O   . HOH C .  ? 0.5678 0.6293 0.7115 -0.0445 -0.0850 0.0359  364 HOH A O   
818 O  O   . HOH C .  ? 0.6861 0.4624 0.5708 -0.0610 -0.0899 -0.1080 365 HOH A O   
819 O  O   . HOH C .  ? 0.8230 0.6478 0.5863 -0.0168 0.0472  0.1637  366 HOH A O   
820 O  O   . HOH C .  ? 0.3417 0.2281 0.2032 -0.0074 -0.0180 0.0347  367 HOH A O   
821 O  O   . HOH C .  ? 0.5132 0.3395 0.4143 0.1158  0.0259  -0.0705 368 HOH A O   
822 O  O   . HOH C .  ? 0.5430 0.5797 0.4927 0.0525  -0.1125 -0.0152 369 HOH A O   
823 O  O   . HOH C .  ? 0.5797 0.3603 0.5116 0.1091  -0.0312 -0.0108 370 HOH A O   
824 O  O   . HOH C .  ? 0.4691 0.5508 0.5478 -0.0182 -0.0857 -0.0445 371 HOH A O   
825 O  O   . HOH C .  ? 0.5406 0.5152 0.5834 -0.0172 -0.0276 0.0268  372 HOH A O   
826 O  O   . HOH C .  ? 0.4732 0.5658 0.6317 -0.0092 -0.0484 0.0350  373 HOH A O   
827 O  O   . HOH C .  ? 0.8647 0.4576 0.6796 0.0722  -0.0428 -0.0510 374 HOH A O   
828 O  O   . HOH C .  ? 0.8095 0.6710 0.5058 -0.0067 0.0629  0.0112  375 HOH A O   
829 O  O   . HOH C .  ? 0.5226 0.7337 0.7334 0.0492  -0.0495 -0.0118 376 HOH A O   
830 O  O   . HOH C .  ? 0.7867 0.7964 0.6912 0.0569  0.0770  0.0125  377 HOH A O   
831 O  O   . HOH C .  ? 0.7649 0.5788 0.4198 0.0022  0.0030  -0.0164 378 HOH A O   
832 O  O   . HOH C .  ? 0.5833 0.5438 0.6395 0.1477  -0.0107 -0.0142 379 HOH A O   
833 O  O   . HOH C .  ? 0.7205 0.9247 0.9036 0.0806  0.0984  -0.0269 380 HOH A O   
834 O  O   . HOH C .  ? 0.6855 0.6154 0.5718 -0.0722 0.0842  0.0640  381 HOH A O   
835 O  O   . HOH C .  ? 0.6620 0.4809 0.6283 0.1421  -0.0148 -0.0221 382 HOH A O   
836 O  O   . HOH C .  ? 0.5435 0.3149 0.4581 0.0959  -0.0550 0.0429  383 HOH A O   
837 O  O   . HOH C .  ? 0.4244 0.4308 0.5133 0.1461  0.0742  -0.0378 384 HOH A O   
838 O  O   . HOH C .  ? 0.4300 0.4443 0.3207 0.0547  -0.1366 -0.0009 385 HOH A O   
839 O  O   . HOH C .  ? 0.2434 0.3999 0.3889 0.0561  -0.0696 -0.0154 386 HOH A O   
840 O  O   . HOH C .  ? 0.6247 0.4222 0.4771 0.0926  -0.0766 0.0981  387 HOH A O   
841 O  O   . HOH C .  ? 0.3799 0.5447 0.5805 0.1144  0.0214  -0.0160 388 HOH A O   
842 O  O   . HOH C .  ? 0.6353 0.4185 0.5625 0.0015  -0.0422 0.0479  389 HOH A O   
# 
